data_7E7Q
#
_entry.id   7E7Q
#
_cell.length_a   1.00
_cell.length_b   1.00
_cell.length_c   1.00
_cell.angle_alpha   90.00
_cell.angle_beta   90.00
_cell.angle_gamma   90.00
#
_symmetry.space_group_name_H-M   'P 1'
#
loop_
_entity.id
_entity.type
_entity.pdbx_description
1 polymer 'Retinal-specific phospholipid-transporting ATPase ABCA4'
2 branched beta-D-mannopyranose-(1-3)-[beta-D-mannopyranose-(1-6)]beta-D-mannopyranose-(1-4)-2-acetamido-2-deoxy-beta-D-glucopyranose-(1-4)-2-acetamido-2-deoxy-beta-D-glucopyranose
3 non-polymer 2-acetamido-2-deoxy-beta-D-glucopyranose
4 non-polymer "ADENOSINE-5'-TRIPHOSPHATE"
5 non-polymer 'MAGNESIUM ION'
#
_entity_poly.entity_id   1
_entity_poly.type   'polypeptide(L)'
_entity_poly.pdbx_seq_one_letter_code
;MADYKDDDDKSGPDEVDASGRMGFVRQIQLLLWKNWTLRKRQKIRFVVELVWPLSLFLVLIWLRNANPLYSHHECHFPNK
AMPSAGMLPWLQGIFCNVNNPCFQSPTPGESPGIVSNYNNSILARVYRDFQELLMNAPESQHLGRIWTELHILSQFMDTL
RTHPERIAGRGIRIRDILKDEETLTLFLIKNIGLSDSVVYLLINSQVRPEQFAHGVPDLALKDIACSEALLERFIIFSQR
RGAKTVRYALCSLSQGTLQWIEDTLYANVDFFKLFRVLPTLLDSRSQGINLRSWGGILSDMSPRIQEFIHRPSMQDLLWV
TRPLMQNGGPETFTKLMGILSDLLCGYPEGGGSRVLSFNWYEDNNYKAFLGIDSTRKDPIYSYDRRTTSFCNALIQSLES
NPLTKIAWRAAKPLLMGKILYTPDSPAARRILKNANSTFEELEHVRKLVKAWEEVGPQIWYFFDNSTQMNMIRDTLGNPT
VKDFLNRQLGEEGITAEAILNFLYKGPRESQADDMANFDWRDIFNITDRTLRLVNQYLECLVLDKFESYNDETQLTQRAL
SLLEENMFWAGVVFPDMYPWTSSLPPHVKYKIRMDIDVVEKTNKIKDRYWDSGPRADPVEDFRYIWGGFAYLQDMVEQGI
TRSQVQAEAPVGIYLQQMPYPCFVDDSFMIILNRCFPIFMVLAWIYSVSMTVKSIVLEKELRLKETLKNQGVSNAVIWCT
WFLDSFSIMSMSIFLLTIFIMHGRILHYSDPFILFLFLLAFSTATIMLCFLLSTFFSKASLAAACSGVIYFTLYLPHILC
FAWQDRMTAELKKAVSLLSPVAFGFGTEYLVRFEEQGLGLQWSNIGNSPTEGDEFSFLLSMQMMLLDAAVYGLLAWYLDQ
VFPGDYGTPLPWYFLLQESYWLGGEGCSTREERALEKTEPLTEETEDPEHPEGIHDSFFEREHPGWVPGVCVKNLVKIFE
PCGRPAVDRLNITFYENQITAFLGHNGAGKTTTLSILTGLLPPTSGTVLVGGRDIETSLDAVRQSLGMCPQHNILFHHLT
VAEHMLFYAQLKGKSQEEAQLEMEAMLEDTGLHHKRNEEAQDLSGGMQRKLSVAIAFVGDAKVVILDQPTSGVDPYSRRS
IWDLLLKYRSGRTIIMSTHHMDEADLLGDRIAIIAQGRLYCSGTPLFLKNCFGTGLYLTLVRKMKNIQSQRKGSEGTCSC
SSKGFSTTCPAHVDDLTPEQVLDGDVNELMDVVLHHVPEAKLVECIGQELIFLLPNKNFKHRAYASLFRELEETLADLGL
SSFGISDTPLEEIFLKVTEDSDSGPLFAGGAQQKRENVNPRHPCLGPREKAGQTPQDSNVCSPGAPAAHPEGQPPPEPEC
PGPQLNTGTQLVLQHVQALLVKRFQHTIRSHKDFLAQIVLPATFVFLALMLSIVIPPFGEYPALTLHPWIYGQQYTFFSM
DEPGSEQFTVLADVLLNKPGFGNRCLKEGWLPEYPCGNSTPWKTPSVSPNITQLFQKQKWTQVNPSPSCRCSTREKLTML
PECPEGAGGLPPPQRTQRSTEILQDLTDRNISDFLVKTYPALIRSSLKSKFWVNEQRYGGISIGGKLPVVPITGEALVGF
LSDLGRIMNVSGGPITREASKEIPDFLKHLETEDNIKVWFNNKGWHALVSFLNVAHNAILRASLPKDRSPEEYGITVISQ
PLNLTKEQLSEITVLTTSVDAVVAICVIFSMSFVPASFVLYLIQERVNKSKHLQFISGVSPTTYWVTNFLWDIMNYSVSA
GLVVGIFIGFQKKAYTSPENLPALVALLLLYGWAVIPMMYPASFLFDVPSTAYVALSCANLFIGINSSAITFILELFENN
RTLLRFNAVLRKLLIVFPHFCLGRGLIDLALSQAVTDVYARFGEEHSANPFHWDLIGKNLFAMVVEGVVYFLLTLLVQRH
FFLSQWIAEPTKEPIVDEDDDVAEERQRIITGGNKTDILRLHELTKIYPGTSSPAVDRLCVGVRPGECFGLLGVNGAGKT
TTFKMLTGDTTVTSGDATVAGKSILTNISEVHQNMGYCPQFDAIDELLTGREHLYLYARLRGVPAEEIEKVANWSIKSLG
LTVYADCLAGTYSGGNKRKLSTAIALIGCPPLVLLDQPTTGMDPQARRMLWNVIVSIIREGRAVVLTSHSMEECEALCTR
LAIMVKGAFRCMGTIQHLKSKFGDGYIVTMKIKSPKDDLLPDLNPVEQFFQGNFPGSVQRERHYNMLQFQVSSSSLARIF
QLLLSHKDSLLIEEYSVTQTTLDQVFVNFAKQQTESHDLPLHPRAAGASRQAQDLEGSDEVDAVEGSHHHHHHHHHH
;
_entity_poly.pdbx_strand_id   A
#
loop_
_chem_comp.id
_chem_comp.type
_chem_comp.name
_chem_comp.formula
ATP non-polymer ADENOSINE-5'-TRIPHOSPHATE 'C10 H16 N5 O13 P3'
BMA D-saccharide, beta linking beta-D-mannopyranose 'C6 H12 O6'
MG non-polymer 'MAGNESIUM ION' 'Mg 2'
NAG D-saccharide, beta linking 2-acetamido-2-deoxy-beta-D-glucopyranose 'C8 H15 N O6'
#
# COMPACT_ATOMS: atom_id res chain seq x y z
N MET A 22 0.30 41.57 -24.88
CA MET A 22 -1.09 41.38 -25.26
C MET A 22 -1.23 40.20 -26.20
N GLY A 23 -0.38 40.12 -27.23
CA GLY A 23 -0.36 38.96 -28.09
C GLY A 23 -0.08 37.69 -27.33
N PHE A 24 0.63 37.80 -26.20
CA PHE A 24 0.74 36.71 -25.25
C PHE A 24 -0.63 36.12 -24.92
N VAL A 25 -1.60 36.97 -24.61
CA VAL A 25 -2.92 36.47 -24.20
C VAL A 25 -3.63 35.81 -25.37
N ARG A 26 -3.52 36.37 -26.56
CA ARG A 26 -4.17 35.77 -27.72
C ARG A 26 -3.60 34.39 -28.02
N GLN A 27 -2.28 34.25 -27.96
CA GLN A 27 -1.70 32.94 -28.20
C GLN A 27 -2.11 31.95 -27.13
N ILE A 28 -2.22 32.40 -25.87
CA ILE A 28 -2.71 31.52 -24.81
C ILE A 28 -4.09 31.00 -25.17
N GLN A 29 -4.98 31.89 -25.60
CA GLN A 29 -6.34 31.47 -25.90
C GLN A 29 -6.39 30.48 -27.06
N LEU A 30 -5.58 30.70 -28.10
CA LEU A 30 -5.57 29.77 -29.22
C LEU A 30 -5.07 28.38 -28.81
N LEU A 31 -3.98 28.34 -28.04
CA LEU A 31 -3.47 27.04 -27.60
C LEU A 31 -4.50 26.30 -26.76
N LEU A 32 -5.17 27.01 -25.86
CA LEU A 32 -6.20 26.37 -25.05
C LEU A 32 -7.37 25.89 -25.90
N TRP A 33 -7.73 26.66 -26.93
CA TRP A 33 -8.80 26.22 -27.82
C TRP A 33 -8.44 24.92 -28.51
N LYS A 34 -7.20 24.80 -28.99
CA LYS A 34 -6.82 23.55 -29.64
C LYS A 34 -6.88 22.39 -28.67
N ASN A 35 -6.35 22.56 -27.46
CA ASN A 35 -6.35 21.44 -26.52
C ASN A 35 -7.77 21.00 -26.17
N TRP A 36 -8.68 21.95 -25.95
CA TRP A 36 -10.02 21.53 -25.58
C TRP A 36 -10.80 20.98 -26.76
N THR A 37 -10.51 21.44 -27.98
CA THR A 37 -11.10 20.79 -29.15
C THR A 37 -10.66 19.34 -29.25
N LEU A 38 -9.37 19.09 -29.04
CA LEU A 38 -8.89 17.72 -29.10
C LEU A 38 -9.52 16.86 -28.01
N ARG A 39 -9.70 17.41 -26.81
CA ARG A 39 -10.36 16.66 -25.75
C ARG A 39 -11.83 16.41 -26.02
N LYS A 40 -12.49 17.25 -26.81
CA LYS A 40 -13.89 17.01 -27.14
C LYS A 40 -14.08 15.73 -27.93
N ARG A 41 -13.00 15.17 -28.49
CA ARG A 41 -13.06 13.95 -29.28
C ARG A 41 -12.84 12.68 -28.45
N GLN A 42 -12.02 12.75 -27.40
CA GLN A 42 -11.75 11.55 -26.64
C GLN A 42 -12.93 11.15 -25.76
N LYS A 43 -13.27 11.98 -24.77
CA LYS A 43 -14.41 11.75 -23.91
C LYS A 43 -14.32 10.43 -23.14
N ILE A 44 -13.19 9.75 -23.20
CA ILE A 44 -12.92 8.59 -22.36
C ILE A 44 -11.56 8.70 -21.66
N ARG A 45 -10.54 9.11 -22.40
CA ARG A 45 -9.26 9.43 -21.76
C ARG A 45 -9.42 10.55 -20.76
N PHE A 46 -10.52 11.31 -20.84
CA PHE A 46 -10.81 12.45 -20.00
C PHE A 46 -11.65 12.06 -18.78
N VAL A 47 -12.70 11.29 -19.00
CA VAL A 47 -13.51 10.82 -17.88
C VAL A 47 -12.68 9.92 -16.98
N VAL A 48 -11.91 9.00 -17.55
CA VAL A 48 -11.02 8.19 -16.73
C VAL A 48 -10.02 9.08 -16.02
N GLU A 49 -9.55 10.13 -16.68
CA GLU A 49 -8.58 11.02 -16.06
C GLU A 49 -9.12 11.64 -14.79
N LEU A 50 -10.34 12.15 -14.82
CA LEU A 50 -10.83 12.85 -13.64
C LEU A 50 -11.58 11.94 -12.68
N VAL A 51 -11.73 10.67 -12.99
CA VAL A 51 -12.36 9.74 -12.06
C VAL A 51 -11.35 8.82 -11.38
N TRP A 52 -10.14 8.67 -11.90
CA TRP A 52 -9.26 7.63 -11.36
C TRP A 52 -8.97 7.80 -9.86
N PRO A 53 -8.70 8.99 -9.32
CA PRO A 53 -8.44 9.09 -7.87
C PRO A 53 -9.64 8.75 -6.98
N LEU A 54 -10.86 9.05 -7.39
CA LEU A 54 -12.06 8.71 -6.64
C LEU A 54 -12.31 7.22 -6.56
N SER A 55 -11.37 6.39 -7.00
CA SER A 55 -11.58 4.96 -7.09
C SER A 55 -10.86 4.17 -6.03
N LEU A 56 -9.76 4.68 -5.50
CA LEU A 56 -9.02 3.99 -4.46
C LEU A 56 -9.73 4.08 -3.12
N PHE A 57 -10.77 4.92 -3.02
CA PHE A 57 -11.47 5.20 -1.78
C PHE A 57 -12.81 4.49 -1.69
N LEU A 58 -13.20 3.71 -2.68
CA LEU A 58 -14.49 3.05 -2.63
C LEU A 58 -14.53 1.97 -1.56
N VAL A 59 -13.42 1.26 -1.39
CA VAL A 59 -13.35 0.28 -0.31
C VAL A 59 -13.55 0.94 1.05
N LEU A 60 -12.93 2.10 1.26
CA LEU A 60 -13.09 2.80 2.53
C LEU A 60 -14.51 3.33 2.70
N ILE A 61 -15.10 3.87 1.63
CA ILE A 61 -16.47 4.38 1.75
C ILE A 61 -17.42 3.26 2.16
N TRP A 62 -17.26 2.08 1.58
CA TRP A 62 -18.13 0.97 1.98
C TRP A 62 -17.80 0.48 3.38
N LEU A 63 -16.52 0.27 3.66
CA LEU A 63 -16.06 -0.33 4.91
C LEU A 63 -16.28 0.57 6.10
N ARG A 64 -16.57 1.85 5.88
CA ARG A 64 -17.06 2.72 6.95
C ARG A 64 -18.49 2.39 7.30
N ASN A 65 -19.36 2.23 6.30
CA ASN A 65 -20.75 1.94 6.55
C ASN A 65 -21.00 0.48 6.89
N ALA A 66 -19.98 -0.36 6.82
CA ALA A 66 -20.08 -1.69 7.39
C ALA A 66 -20.01 -1.70 8.91
N ASN A 67 -19.51 -0.63 9.53
CA ASN A 67 -19.20 -0.60 10.96
C ASN A 67 -19.74 0.68 11.57
N PRO A 68 -21.03 0.72 11.91
CA PRO A 68 -21.56 1.91 12.57
C PRO A 68 -20.97 2.08 13.96
N LEU A 69 -20.89 3.34 14.40
CA LEU A 69 -20.22 3.64 15.65
C LEU A 69 -20.98 3.07 16.84
N TYR A 70 -20.23 2.63 17.85
CA TYR A 70 -20.77 1.97 19.03
C TYR A 70 -20.55 2.85 20.24
N SER A 71 -21.62 3.13 20.97
CA SER A 71 -21.55 3.91 22.21
C SER A 71 -21.50 2.97 23.40
N HIS A 72 -20.61 3.27 24.34
CA HIS A 72 -20.31 2.41 25.47
C HIS A 72 -20.93 2.98 26.74
N HIS A 73 -21.45 2.09 27.58
CA HIS A 73 -22.08 2.51 28.82
C HIS A 73 -21.02 2.91 29.85
N GLU A 74 -21.46 3.43 31.00
CA GLU A 74 -20.52 3.81 32.05
C GLU A 74 -19.81 2.58 32.60
N CYS A 75 -18.76 2.83 33.38
CA CYS A 75 -18.02 1.76 34.01
C CYS A 75 -17.76 2.07 35.48
N HIS A 76 -17.98 1.06 36.32
CA HIS A 76 -17.67 1.12 37.74
C HIS A 76 -16.97 -0.17 38.10
N PHE A 77 -15.82 -0.07 38.78
CA PHE A 77 -15.00 -1.25 38.96
C PHE A 77 -14.88 -1.64 40.44
N PRO A 78 -14.73 -2.92 40.74
CA PRO A 78 -14.54 -3.35 42.13
C PRO A 78 -13.14 -3.04 42.64
N ASN A 79 -13.01 -2.94 43.96
CA ASN A 79 -11.73 -2.56 44.51
C ASN A 79 -10.86 -3.78 44.77
N LYS A 80 -9.61 -3.52 45.12
CA LYS A 80 -8.60 -4.56 45.21
C LYS A 80 -7.91 -4.48 46.56
N ALA A 81 -8.02 -5.51 47.36
CA ALA A 81 -7.34 -5.52 48.64
C ALA A 81 -5.87 -5.84 48.45
N MET A 82 -5.04 -5.22 49.22
CA MET A 82 -3.61 -5.37 49.23
C MET A 82 -3.20 -6.31 50.34
N PRO A 83 -1.97 -6.81 50.35
CA PRO A 83 -1.59 -7.79 51.38
C PRO A 83 -1.75 -7.30 52.79
N SER A 84 -1.71 -6.00 53.02
CA SER A 84 -1.82 -5.45 54.36
C SER A 84 -3.25 -5.41 54.86
N ALA A 85 -4.23 -5.70 54.01
CA ALA A 85 -5.63 -5.73 54.42
C ALA A 85 -6.06 -7.10 54.90
N GLY A 86 -5.12 -7.96 55.25
CA GLY A 86 -5.45 -9.30 55.68
C GLY A 86 -5.33 -10.28 54.55
N MET A 87 -5.05 -11.54 54.88
CA MET A 87 -4.79 -12.52 53.85
C MET A 87 -6.07 -12.98 53.14
N LEU A 88 -7.15 -13.13 53.88
CA LEU A 88 -8.37 -13.65 53.30
C LEU A 88 -8.94 -12.71 52.24
N PRO A 89 -9.14 -11.42 52.53
CA PRO A 89 -9.59 -10.51 51.46
C PRO A 89 -8.57 -10.31 50.37
N TRP A 90 -7.27 -10.40 50.67
CA TRP A 90 -6.27 -10.32 49.61
C TRP A 90 -6.47 -11.43 48.58
N LEU A 91 -6.53 -12.68 49.03
CA LEU A 91 -6.69 -13.79 48.09
C LEU A 91 -8.05 -13.80 47.43
N GLN A 92 -9.09 -13.45 48.19
CA GLN A 92 -10.42 -13.38 47.60
C GLN A 92 -10.48 -12.36 46.48
N GLY A 93 -9.83 -11.20 46.68
CA GLY A 93 -9.79 -10.22 45.62
C GLY A 93 -9.00 -10.69 44.42
N ILE A 94 -7.92 -11.44 44.66
CA ILE A 94 -7.17 -11.99 43.53
C ILE A 94 -8.08 -12.88 42.69
N PHE A 95 -8.84 -13.76 43.34
CA PHE A 95 -9.65 -14.72 42.61
C PHE A 95 -10.84 -14.07 41.92
N CYS A 96 -11.59 -13.22 42.64
CA CYS A 96 -12.82 -12.70 42.07
C CYS A 96 -12.57 -11.70 40.95
N ASN A 97 -11.54 -10.88 41.04
CA ASN A 97 -11.35 -9.76 40.14
C ASN A 97 -10.27 -10.04 39.10
N VAL A 98 -10.21 -11.26 38.59
CA VAL A 98 -9.19 -11.59 37.60
C VAL A 98 -9.41 -10.77 36.34
N ASN A 99 -10.67 -10.62 35.92
CA ASN A 99 -10.99 -10.00 34.64
C ASN A 99 -11.32 -8.53 34.74
N ASN A 100 -11.37 -7.96 35.94
CA ASN A 100 -11.61 -6.54 36.14
C ASN A 100 -12.87 -6.08 35.42
N PRO A 101 -14.05 -6.47 35.89
CA PRO A 101 -15.27 -6.22 35.12
C PRO A 101 -15.90 -4.85 35.38
N CYS A 102 -16.52 -4.30 34.33
CA CYS A 102 -17.35 -3.11 34.44
C CYS A 102 -18.74 -3.51 34.89
N PHE A 103 -19.36 -2.67 35.74
CA PHE A 103 -20.68 -2.97 36.28
C PHE A 103 -21.77 -1.96 36.03
N GLN A 104 -21.46 -0.76 35.54
CA GLN A 104 -22.51 0.15 35.07
C GLN A 104 -23.38 0.70 36.19
N SER A 105 -23.32 0.12 37.38
CA SER A 105 -24.04 0.66 38.52
C SER A 105 -23.12 0.66 39.72
N PRO A 106 -23.16 1.70 40.54
CA PRO A 106 -22.16 1.86 41.60
C PRO A 106 -22.09 0.66 42.52
N THR A 107 -20.92 0.04 42.55
CA THR A 107 -20.67 -1.09 43.41
C THR A 107 -20.73 -0.65 44.87
N PRO A 108 -21.05 -1.57 45.79
CA PRO A 108 -21.10 -1.19 47.20
C PRO A 108 -19.80 -0.67 47.77
N GLY A 109 -18.67 -0.99 47.16
CA GLY A 109 -17.39 -0.58 47.73
C GLY A 109 -17.11 0.90 47.64
N GLU A 110 -17.74 1.60 46.71
CA GLU A 110 -17.58 3.04 46.61
C GLU A 110 -18.75 3.76 47.27
N SER A 111 -18.93 3.45 48.54
CA SER A 111 -19.87 4.07 49.46
C SER A 111 -19.10 4.47 50.70
N PRO A 112 -19.59 5.44 51.47
CA PRO A 112 -18.73 6.12 52.45
C PRO A 112 -18.07 5.22 53.48
N GLY A 113 -18.73 4.18 53.96
CA GLY A 113 -18.13 3.42 55.05
C GLY A 113 -18.02 1.94 54.83
N ILE A 114 -17.94 1.51 53.58
CA ILE A 114 -17.97 0.10 53.22
C ILE A 114 -16.76 -0.21 52.35
N VAL A 115 -16.22 -1.41 52.51
CA VAL A 115 -15.16 -1.90 51.62
C VAL A 115 -15.48 -3.31 51.14
N SER A 116 -16.48 -3.96 51.77
CA SER A 116 -16.66 -5.41 51.63
C SER A 116 -16.89 -5.87 50.20
N ASN A 117 -18.00 -5.50 49.59
CA ASN A 117 -18.26 -5.70 48.16
C ASN A 117 -18.58 -7.14 47.77
N TYR A 118 -18.87 -8.02 48.72
CA TYR A 118 -19.04 -9.43 48.42
C TYR A 118 -20.32 -9.99 49.02
N ASN A 119 -21.42 -9.29 48.83
CA ASN A 119 -22.71 -9.84 49.22
C ASN A 119 -23.45 -10.32 47.98
N ASN A 120 -24.53 -11.05 48.23
CA ASN A 120 -25.18 -11.94 47.27
C ASN A 120 -24.33 -13.18 47.00
N SER A 121 -23.17 -13.30 47.64
CA SER A 121 -22.46 -14.56 47.67
C SER A 121 -23.21 -15.51 48.58
N ILE A 122 -23.47 -16.73 48.09
CA ILE A 122 -24.32 -17.62 48.87
C ILE A 122 -23.65 -17.99 50.18
N LEU A 123 -22.33 -18.12 50.18
CA LEU A 123 -21.61 -18.39 51.41
C LEU A 123 -21.73 -17.25 52.41
N ALA A 124 -22.11 -16.06 51.96
CA ALA A 124 -22.31 -14.95 52.90
C ALA A 124 -23.76 -14.85 53.35
N ARG A 125 -24.71 -15.10 52.45
CA ARG A 125 -26.10 -15.11 52.85
C ARG A 125 -26.39 -16.27 53.80
N VAL A 126 -25.67 -17.37 53.67
CA VAL A 126 -25.80 -18.47 54.63
C VAL A 126 -25.42 -17.99 56.02
N TYR A 127 -24.29 -17.29 56.14
CA TYR A 127 -23.90 -16.72 57.41
C TYR A 127 -24.93 -15.71 57.91
N ARG A 128 -25.53 -14.96 56.99
CA ARG A 128 -26.57 -14.01 57.37
C ARG A 128 -27.73 -14.73 58.05
N ASP A 129 -28.21 -15.80 57.42
CA ASP A 129 -29.33 -16.55 58.00
C ASP A 129 -28.93 -17.24 59.30
N PHE A 130 -27.70 -17.75 59.38
CA PHE A 130 -27.25 -18.42 60.60
C PHE A 130 -27.18 -17.46 61.77
N GLN A 131 -26.70 -16.24 61.54
CA GLN A 131 -26.72 -15.29 62.63
C GLN A 131 -28.13 -14.81 62.93
N GLU A 132 -28.99 -14.76 61.92
CA GLU A 132 -30.33 -14.21 62.14
C GLU A 132 -31.24 -15.17 62.88
N LEU A 133 -31.08 -16.48 62.70
CA LEU A 133 -32.02 -17.46 63.25
C LEU A 133 -31.41 -18.28 64.38
N LEU A 134 -30.34 -19.03 64.10
CA LEU A 134 -29.77 -19.90 65.10
C LEU A 134 -29.27 -19.13 66.32
N MET A 135 -28.22 -18.34 66.14
CA MET A 135 -27.59 -17.70 67.28
C MET A 135 -28.38 -16.45 67.66
N ASN A 136 -27.83 -15.72 68.64
CA ASN A 136 -28.41 -14.50 69.22
C ASN A 136 -29.93 -14.59 69.36
N ALA A 137 -30.41 -15.72 69.88
CA ALA A 137 -31.85 -15.91 70.02
C ALA A 137 -32.20 -16.77 71.22
N PRO A 138 -33.50 -17.00 71.49
CA PRO A 138 -33.92 -17.72 72.70
C PRO A 138 -33.92 -19.24 72.51
N GLU A 139 -32.79 -19.77 72.03
CA GLU A 139 -32.63 -21.21 71.91
C GLU A 139 -31.19 -21.62 72.20
N SER A 140 -30.35 -20.64 72.56
CA SER A 140 -28.93 -20.87 72.77
C SER A 140 -28.53 -20.63 74.22
N GLN A 141 -29.51 -20.55 75.12
CA GLN A 141 -29.24 -20.26 76.52
C GLN A 141 -28.71 -21.49 77.26
N HIS A 142 -29.46 -22.59 77.19
CA HIS A 142 -29.16 -23.76 78.00
C HIS A 142 -28.20 -24.71 77.31
N LEU A 143 -27.86 -24.46 76.04
CA LEU A 143 -27.01 -25.40 75.31
C LEU A 143 -25.64 -25.55 75.95
N GLY A 144 -25.07 -24.43 76.42
CA GLY A 144 -23.80 -24.51 77.12
C GLY A 144 -23.88 -25.27 78.43
N ARG A 145 -25.00 -25.14 79.13
CA ARG A 145 -25.18 -25.88 80.37
C ARG A 145 -25.19 -27.38 80.12
N ILE A 146 -25.79 -27.79 79.01
CA ILE A 146 -25.76 -29.21 78.63
C ILE A 146 -24.31 -29.67 78.47
N TRP A 147 -23.49 -28.85 77.81
CA TRP A 147 -22.09 -29.20 77.61
C TRP A 147 -21.34 -29.29 78.94
N THR A 148 -21.57 -28.33 79.83
CA THR A 148 -20.90 -28.34 81.12
C THR A 148 -21.32 -29.55 81.94
N GLU A 149 -22.61 -29.88 81.94
CA GLU A 149 -23.08 -31.06 82.67
C GLU A 149 -22.52 -32.33 82.05
N LEU A 150 -22.38 -32.36 80.73
CA LEU A 150 -21.75 -33.50 80.07
C LEU A 150 -20.30 -33.66 80.53
N HIS A 151 -19.57 -32.55 80.60
CA HIS A 151 -18.19 -32.62 81.07
C HIS A 151 -18.11 -33.06 82.51
N ILE A 152 -19.01 -32.57 83.37
CA ILE A 152 -19.03 -33.01 84.75
C ILE A 152 -19.31 -34.51 84.82
N LEU A 153 -20.21 -34.99 83.96
CA LEU A 153 -20.48 -36.43 83.92
C LEU A 153 -19.25 -37.22 83.55
N SER A 154 -18.61 -36.85 82.43
CA SER A 154 -17.43 -37.58 81.97
C SER A 154 -16.25 -37.43 82.91
N GLN A 155 -16.26 -36.45 83.80
CA GLN A 155 -15.21 -36.28 84.79
C GLN A 155 -15.53 -36.96 86.11
N PHE A 156 -16.81 -37.19 86.41
CA PHE A 156 -17.21 -37.70 87.71
C PHE A 156 -17.70 -39.14 87.67
N MET A 157 -18.72 -39.42 86.85
CA MET A 157 -19.38 -40.72 86.86
C MET A 157 -18.78 -41.70 85.87
N ASP A 158 -18.59 -41.27 84.61
CA ASP A 158 -17.97 -42.16 83.63
C ASP A 158 -16.53 -42.49 84.01
N THR A 159 -15.78 -41.49 84.50
CA THR A 159 -14.43 -41.72 85.00
C THR A 159 -14.52 -41.96 86.50
N LEU A 160 -14.47 -43.24 86.87
CA LEU A 160 -14.49 -43.67 88.27
C LEU A 160 -13.52 -44.81 88.51
N ARG A 161 -12.50 -44.93 87.66
CA ARG A 161 -11.58 -46.07 87.74
C ARG A 161 -10.48 -45.83 88.77
N THR A 162 -9.63 -44.83 88.53
CA THR A 162 -8.45 -44.58 89.37
C THR A 162 -8.76 -43.76 90.60
N HIS A 163 -9.99 -43.30 90.77
CA HIS A 163 -10.41 -42.51 91.91
C HIS A 163 -11.16 -43.38 92.92
N PRO A 164 -11.20 -42.97 94.18
CA PRO A 164 -11.93 -43.76 95.18
C PRO A 164 -13.42 -43.43 95.20
N GLU A 165 -14.26 -44.45 95.35
CA GLU A 165 -15.70 -44.27 95.45
C GLU A 165 -16.30 -45.42 96.25
N ARG A 166 -17.62 -45.41 96.36
CA ARG A 166 -18.35 -46.46 97.05
C ARG A 166 -18.39 -47.74 96.22
N ILE A 167 -19.08 -48.77 96.72
CA ILE A 167 -19.15 -50.08 96.07
C ILE A 167 -19.87 -49.96 94.72
N ALA A 168 -20.87 -49.08 94.66
CA ALA A 168 -21.68 -48.90 93.44
C ALA A 168 -20.89 -48.09 92.42
N GLY A 169 -19.85 -48.71 91.88
CA GLY A 169 -19.00 -48.05 90.91
C GLY A 169 -17.97 -48.95 90.27
N ARG A 170 -17.84 -48.85 88.95
CA ARG A 170 -16.86 -49.61 88.20
C ARG A 170 -16.70 -48.93 86.84
N GLY A 171 -15.62 -49.26 86.15
CA GLY A 171 -15.40 -48.72 84.82
C GLY A 171 -16.51 -49.09 83.86
N ILE A 172 -17.15 -50.23 84.08
CA ILE A 172 -18.30 -50.64 83.28
C ILE A 172 -19.54 -50.73 84.16
N ARG A 173 -19.55 -51.67 85.11
CA ARG A 173 -20.74 -51.90 85.92
C ARG A 173 -20.38 -52.78 87.12
N ILE A 174 -20.86 -52.40 88.30
CA ILE A 174 -20.76 -53.20 89.52
C ILE A 174 -21.99 -52.91 90.38
N ARG A 175 -22.15 -53.68 91.45
CA ARG A 175 -23.29 -53.54 92.35
C ARG A 175 -22.81 -53.33 93.78
N ASP A 176 -23.57 -52.54 94.53
CA ASP A 176 -23.21 -52.16 95.89
C ASP A 176 -23.82 -53.11 96.92
N ILE A 177 -24.44 -54.20 96.46
CA ILE A 177 -25.07 -55.16 97.36
C ILE A 177 -24.09 -55.62 98.42
N LEU A 178 -24.37 -55.29 99.68
CA LEU A 178 -23.49 -55.57 100.81
C LEU A 178 -24.26 -55.29 102.09
N LYS A 179 -23.56 -55.38 103.22
CA LYS A 179 -24.14 -55.17 104.55
C LYS A 179 -25.37 -56.08 104.75
N ASP A 180 -25.14 -57.37 104.56
CA ASP A 180 -26.19 -58.37 104.58
C ASP A 180 -26.16 -59.15 105.89
N GLU A 181 -27.33 -59.27 106.52
CA GLU A 181 -27.49 -60.05 107.74
C GLU A 181 -28.59 -61.09 107.58
N GLU A 182 -28.80 -61.56 106.36
CA GLU A 182 -29.85 -62.52 106.04
C GLU A 182 -29.27 -63.69 105.27
N THR A 183 -29.98 -64.82 105.32
CA THR A 183 -29.56 -66.02 104.63
C THR A 183 -29.73 -65.86 103.12
N LEU A 184 -29.08 -66.74 102.38
CA LEU A 184 -29.13 -66.72 100.92
C LEU A 184 -29.80 -67.96 100.35
N LEU A 230 -38.90 -67.02 92.15
CA LEU A 230 -38.66 -65.74 92.81
C LEU A 230 -37.56 -64.95 92.11
N LEU A 231 -36.47 -65.64 91.76
CA LEU A 231 -35.31 -64.96 91.19
C LEU A 231 -35.62 -64.36 89.83
N GLU A 232 -36.30 -65.10 88.96
CA GLU A 232 -36.66 -64.57 87.65
C GLU A 232 -37.60 -63.37 87.79
N ARG A 233 -38.57 -63.48 88.70
CA ARG A 233 -39.53 -62.40 88.88
C ARG A 233 -38.86 -61.13 89.37
N PHE A 234 -37.97 -61.24 90.37
CA PHE A 234 -37.28 -60.06 90.88
C PHE A 234 -36.33 -59.50 89.83
N ILE A 235 -35.64 -60.37 89.10
CA ILE A 235 -34.71 -59.93 88.06
C ILE A 235 -35.46 -59.15 86.98
N ILE A 236 -36.66 -59.61 86.63
CA ILE A 236 -37.47 -58.90 85.64
C ILE A 236 -38.00 -57.60 86.22
N PHE A 237 -38.40 -57.60 87.50
CA PHE A 237 -39.06 -56.44 88.08
C PHE A 237 -38.09 -55.28 88.26
N SER A 238 -36.89 -55.56 88.78
CA SER A 238 -35.93 -54.49 89.03
C SER A 238 -35.52 -53.80 87.72
N GLN A 239 -35.29 -54.60 86.68
CA GLN A 239 -34.87 -54.06 85.39
C GLN A 239 -36.05 -54.00 84.42
N SER A 252 -40.58 -48.32 91.60
CA SER A 252 -40.95 -49.43 92.46
C SER A 252 -40.86 -49.05 93.94
N LEU A 253 -41.11 -47.77 94.24
CA LEU A 253 -40.95 -47.29 95.61
C LEU A 253 -41.95 -47.92 96.56
N SER A 254 -43.19 -48.09 96.11
CA SER A 254 -44.21 -48.75 96.91
C SER A 254 -44.34 -50.23 96.59
N GLN A 255 -43.58 -50.74 95.61
CA GLN A 255 -43.67 -52.15 95.26
C GLN A 255 -43.00 -53.04 96.28
N GLY A 256 -41.82 -52.65 96.78
CA GLY A 256 -41.11 -53.43 97.76
C GLY A 256 -41.53 -53.21 99.19
N THR A 257 -42.40 -52.23 99.45
CA THR A 257 -42.87 -51.98 100.80
C THR A 257 -43.86 -53.02 101.29
N LEU A 258 -44.65 -53.60 100.38
CA LEU A 258 -45.64 -54.60 100.75
C LEU A 258 -45.16 -56.02 100.49
N GLN A 259 -43.88 -56.19 100.12
CA GLN A 259 -43.31 -57.50 99.87
C GLN A 259 -42.99 -58.24 101.15
N TRP A 260 -43.08 -57.58 102.30
CA TRP A 260 -42.81 -58.21 103.60
C TRP A 260 -44.07 -58.28 104.44
N THR A 264 -35.79 -58.14 107.62
CA THR A 264 -36.29 -57.79 106.29
C THR A 264 -35.46 -56.68 105.65
N LEU A 265 -35.62 -56.50 104.34
CA LEU A 265 -34.87 -55.51 103.57
C LEU A 265 -35.56 -54.16 103.51
N TYR A 266 -36.53 -53.91 104.38
CA TYR A 266 -37.27 -52.65 104.41
C TYR A 266 -36.71 -51.68 105.44
N ALA A 267 -35.53 -51.96 106.00
CA ALA A 267 -34.93 -51.12 107.02
C ALA A 267 -33.44 -50.86 106.82
N ASN A 268 -32.76 -51.54 105.90
CA ASN A 268 -31.34 -51.32 105.69
C ASN A 268 -31.01 -51.01 104.24
N VAL A 269 -31.58 -51.77 103.30
CA VAL A 269 -31.33 -51.56 101.88
C VAL A 269 -32.41 -50.71 101.22
N ASP A 270 -33.49 -50.38 101.94
CA ASP A 270 -34.54 -49.52 101.44
C ASP A 270 -34.53 -48.14 102.10
N PHE A 271 -33.41 -47.76 102.71
CA PHE A 271 -33.35 -46.49 103.43
C PHE A 271 -33.46 -45.31 102.48
N PHE A 272 -32.45 -45.12 101.63
CA PHE A 272 -32.43 -44.03 100.66
C PHE A 272 -32.47 -44.57 99.24
N LYS A 273 -33.21 -45.65 99.03
CA LYS A 273 -33.34 -46.22 97.70
C LYS A 273 -34.28 -45.37 96.83
N LEU A 274 -34.09 -45.47 95.52
CA LEU A 274 -34.90 -44.77 94.55
C LEU A 274 -35.30 -45.73 93.45
N PHE A 275 -36.33 -45.37 92.70
CA PHE A 275 -36.82 -46.19 91.60
C PHE A 275 -35.93 -45.98 90.37
N ARG A 276 -36.41 -46.47 89.22
CA ARG A 276 -35.70 -46.33 87.96
C ARG A 276 -35.81 -44.93 87.35
N VAL A 277 -36.26 -43.94 88.13
CA VAL A 277 -36.34 -42.57 87.63
C VAL A 277 -34.95 -42.02 87.35
N LEU A 278 -34.93 -40.81 86.77
CA LEU A 278 -33.69 -40.11 86.46
C LEU A 278 -32.74 -40.12 87.65
N PRO A 279 -31.62 -40.85 87.57
CA PRO A 279 -30.65 -40.85 88.68
C PRO A 279 -29.61 -39.75 88.55
N THR A 280 -29.89 -38.74 87.72
CA THR A 280 -29.01 -37.58 87.65
C THR A 280 -28.99 -36.81 88.96
N LEU A 281 -30.03 -36.98 89.78
CA LEU A 281 -30.06 -36.42 91.12
C LEU A 281 -29.48 -37.36 92.16
N LEU A 282 -29.01 -38.54 91.75
CA LEU A 282 -28.53 -39.54 92.70
C LEU A 282 -27.08 -39.34 93.11
N ASP A 283 -26.33 -38.47 92.42
CA ASP A 283 -24.92 -38.28 92.73
C ASP A 283 -24.73 -37.10 93.68
N SER A 284 -23.49 -36.93 94.14
CA SER A 284 -23.10 -35.84 95.04
C SER A 284 -22.40 -34.78 94.20
N ARG A 285 -23.17 -33.78 93.76
CA ARG A 285 -22.69 -32.77 92.83
C ARG A 285 -22.94 -31.38 93.39
N SER A 286 -22.12 -30.43 92.94
CA SER A 286 -22.25 -29.05 93.42
C SER A 286 -23.62 -28.47 93.08
N GLN A 287 -24.08 -28.68 91.86
CA GLN A 287 -25.44 -28.35 91.48
C GLN A 287 -26.33 -29.55 91.78
N GLY A 288 -27.60 -29.28 92.08
CA GLY A 288 -28.52 -30.34 92.43
C GLY A 288 -28.77 -31.29 91.27
N ILE A 289 -29.44 -30.79 90.24
CA ILE A 289 -29.74 -31.58 89.05
C ILE A 289 -30.12 -30.62 87.94
N ASN A 290 -29.86 -31.03 86.70
CA ASN A 290 -30.28 -30.24 85.54
C ASN A 290 -30.88 -31.11 84.45
N LEU A 291 -31.26 -32.35 84.76
CA LEU A 291 -31.81 -33.25 83.76
C LEU A 291 -33.25 -32.87 83.45
N ARG A 292 -33.90 -33.69 82.63
CA ARG A 292 -35.30 -33.50 82.24
C ARG A 292 -35.51 -32.14 81.57
N SER A 293 -34.41 -31.56 81.09
CA SER A 293 -34.45 -30.32 80.34
C SER A 293 -33.65 -30.51 79.07
N TRP A 294 -32.76 -31.50 79.07
CA TRP A 294 -31.98 -31.81 77.88
C TRP A 294 -32.89 -32.21 76.74
N GLY A 295 -33.80 -33.16 76.99
CA GLY A 295 -34.80 -33.49 75.99
C GLY A 295 -35.93 -32.50 75.88
N GLY A 296 -36.06 -31.62 76.87
CA GLY A 296 -37.10 -30.61 76.86
C GLY A 296 -36.62 -29.26 76.37
N ILE A 297 -35.44 -29.22 75.75
CA ILE A 297 -34.96 -28.00 75.11
C ILE A 297 -34.90 -28.18 73.61
N LEU A 298 -34.92 -29.43 73.15
CA LEU A 298 -34.84 -29.70 71.72
C LEU A 298 -36.11 -29.29 70.98
N SER A 299 -37.28 -29.34 71.63
CA SER A 299 -38.50 -28.91 70.97
C SER A 299 -38.49 -27.40 70.73
N ASP A 300 -37.81 -26.63 71.57
CA ASP A 300 -37.74 -25.19 71.38
C ASP A 300 -37.02 -24.84 70.08
N MET A 301 -35.93 -25.54 69.78
CA MET A 301 -35.11 -25.27 68.61
C MET A 301 -35.38 -26.23 67.46
N SER A 302 -36.36 -27.11 67.61
CA SER A 302 -36.87 -27.90 66.50
C SER A 302 -37.47 -27.09 65.35
N PRO A 303 -38.28 -26.06 65.60
CA PRO A 303 -38.84 -25.30 64.47
C PRO A 303 -37.84 -24.32 63.86
N ARG A 304 -36.63 -24.24 64.42
CA ARG A 304 -35.62 -23.31 63.93
C ARG A 304 -34.73 -23.98 62.88
N ILE A 305 -34.23 -25.18 63.18
CA ILE A 305 -33.37 -25.87 62.23
C ILE A 305 -34.14 -26.16 60.95
N GLN A 306 -35.37 -26.67 61.11
CA GLN A 306 -36.17 -27.06 59.96
C GLN A 306 -36.52 -25.85 59.10
N GLU A 307 -36.76 -24.71 59.75
CA GLU A 307 -36.97 -23.45 59.05
C GLU A 307 -35.73 -23.03 58.27
N PHE A 308 -34.57 -23.11 58.93
CA PHE A 308 -33.31 -22.68 58.33
C PHE A 308 -33.01 -23.50 57.08
N ILE A 309 -33.14 -24.82 57.17
CA ILE A 309 -32.69 -25.67 56.08
C ILE A 309 -33.46 -25.41 54.81
N HIS A 310 -34.70 -24.93 54.93
CA HIS A 310 -35.54 -24.70 53.76
C HIS A 310 -35.47 -23.28 53.25
N ARG A 311 -34.60 -22.44 53.83
CA ARG A 311 -34.50 -21.07 53.37
C ARG A 311 -33.89 -21.02 51.97
N PRO A 312 -34.20 -19.98 51.19
CA PRO A 312 -33.73 -19.93 49.80
C PRO A 312 -32.22 -19.98 49.65
N SER A 313 -31.49 -19.41 50.60
CA SER A 313 -30.04 -19.45 50.55
C SER A 313 -29.51 -20.88 50.57
N MET A 314 -30.06 -21.71 51.45
CA MET A 314 -29.63 -23.10 51.50
C MET A 314 -30.07 -23.87 50.25
N GLN A 315 -31.21 -23.51 49.68
CA GLN A 315 -31.62 -24.12 48.42
C GLN A 315 -30.60 -23.83 47.34
N ASP A 316 -30.18 -22.57 47.23
CA ASP A 316 -29.18 -22.22 46.23
C ASP A 316 -27.86 -22.92 46.49
N LEU A 317 -27.46 -22.99 47.77
CA LEU A 317 -26.21 -23.67 48.10
C LEU A 317 -26.23 -25.12 47.65
N LEU A 318 -27.27 -25.85 48.01
CA LEU A 318 -27.32 -27.26 47.67
C LEU A 318 -27.51 -27.46 46.16
N TRP A 319 -28.25 -26.57 45.52
CA TRP A 319 -28.41 -26.67 44.08
C TRP A 319 -27.08 -26.50 43.37
N VAL A 320 -26.24 -25.58 43.84
CA VAL A 320 -25.00 -25.34 43.12
C VAL A 320 -23.92 -26.33 43.52
N THR A 321 -24.02 -26.92 44.71
CA THR A 321 -23.03 -27.89 45.12
C THR A 321 -23.34 -29.31 44.63
N ARG A 322 -24.39 -29.48 43.82
CA ARG A 322 -24.72 -30.82 43.36
C ARG A 322 -23.60 -31.45 42.54
N PRO A 323 -23.05 -30.79 41.49
CA PRO A 323 -21.97 -31.40 40.72
C PRO A 323 -20.57 -31.19 41.30
N LEU A 324 -20.41 -31.54 42.58
CA LEU A 324 -19.09 -31.56 43.20
C LEU A 324 -18.67 -32.92 43.71
N MET A 325 -19.51 -33.60 44.47
CA MET A 325 -19.19 -34.91 45.02
C MET A 325 -19.74 -36.05 44.19
N GLN A 326 -20.32 -35.76 43.02
CA GLN A 326 -20.86 -36.83 42.17
C GLN A 326 -19.69 -37.51 41.48
N ASN A 327 -19.26 -38.63 42.08
CA ASN A 327 -18.18 -39.48 41.58
C ASN A 327 -16.82 -38.79 41.65
N GLY A 328 -16.77 -37.59 42.21
CA GLY A 328 -15.52 -36.88 42.38
C GLY A 328 -15.00 -36.26 41.11
N GLY A 329 -14.67 -34.97 41.15
CA GLY A 329 -14.14 -34.28 40.00
C GLY A 329 -15.21 -33.60 39.17
N PRO A 330 -15.12 -32.27 39.06
CA PRO A 330 -15.94 -31.56 38.07
C PRO A 330 -15.14 -31.27 36.80
N GLU A 331 -15.79 -30.72 35.77
CA GLU A 331 -15.07 -30.26 34.59
C GLU A 331 -14.07 -29.16 34.98
N THR A 332 -12.88 -29.23 34.39
CA THR A 332 -11.68 -28.59 34.92
C THR A 332 -11.78 -27.08 35.14
N PHE A 333 -11.92 -26.30 34.07
CA PHE A 333 -12.00 -24.84 34.17
C PHE A 333 -13.19 -24.30 33.39
N THR A 334 -14.32 -25.00 33.40
CA THR A 334 -15.49 -24.46 32.74
C THR A 334 -16.63 -24.24 33.71
N LYS A 335 -16.98 -25.24 34.50
CA LYS A 335 -18.07 -25.11 35.46
C LYS A 335 -17.58 -25.06 36.90
N LEU A 336 -16.39 -25.59 37.18
CA LEU A 336 -15.81 -25.45 38.50
C LEU A 336 -15.62 -23.98 38.86
N MET A 337 -15.16 -23.19 37.90
CA MET A 337 -14.98 -21.76 38.14
C MET A 337 -16.31 -21.08 38.39
N GLY A 338 -17.37 -21.48 37.68
CA GLY A 338 -18.67 -20.88 37.93
C GLY A 338 -19.21 -21.21 39.31
N ILE A 339 -19.03 -22.46 39.75
CA ILE A 339 -19.49 -22.83 41.07
C ILE A 339 -18.74 -22.04 42.13
N LEU A 340 -17.40 -22.00 42.03
CA LEU A 340 -16.63 -21.23 42.99
C LEU A 340 -16.94 -19.74 42.93
N SER A 341 -17.31 -19.24 41.75
CA SER A 341 -17.64 -17.84 41.59
C SER A 341 -18.91 -17.49 42.35
N ASP A 342 -20.01 -18.16 42.04
CA ASP A 342 -21.21 -17.80 42.78
C ASP A 342 -21.19 -18.30 44.21
N LEU A 343 -20.21 -19.12 44.59
CA LEU A 343 -20.07 -19.52 45.98
C LEU A 343 -19.31 -18.48 46.80
N LEU A 344 -18.23 -17.92 46.26
CA LEU A 344 -17.40 -16.95 46.97
C LEU A 344 -17.69 -15.51 46.55
N CYS A 345 -17.51 -15.21 45.27
CA CYS A 345 -17.83 -13.91 44.74
C CYS A 345 -19.34 -13.76 44.71
N GLY A 346 -19.85 -12.69 44.11
CA GLY A 346 -21.28 -12.67 43.91
C GLY A 346 -21.75 -11.87 42.72
N TYR A 347 -20.82 -11.46 41.88
CA TYR A 347 -20.99 -10.26 41.08
C TYR A 347 -22.25 -10.34 40.23
N PRO A 348 -23.04 -9.29 40.19
CA PRO A 348 -24.35 -9.36 39.52
C PRO A 348 -24.25 -9.14 38.03
N GLU A 349 -25.42 -9.02 37.40
CA GLU A 349 -25.58 -8.74 35.98
C GLU A 349 -24.75 -9.70 35.12
N GLY A 350 -24.59 -10.93 35.61
CA GLY A 350 -23.97 -11.98 34.87
C GLY A 350 -22.48 -12.12 35.12
N GLY A 351 -21.87 -11.19 35.85
CA GLY A 351 -20.47 -11.31 36.18
C GLY A 351 -19.61 -10.23 35.58
N GLY A 352 -20.23 -9.18 35.06
CA GLY A 352 -19.54 -8.04 34.51
C GLY A 352 -19.30 -8.19 33.02
N SER A 353 -18.72 -7.14 32.45
CA SER A 353 -18.57 -7.05 31.00
C SER A 353 -17.17 -7.37 30.51
N ARG A 354 -16.12 -7.05 31.26
CA ARG A 354 -14.74 -7.27 30.80
C ARG A 354 -14.49 -6.51 29.49
N VAL A 355 -14.34 -5.19 29.63
CA VAL A 355 -14.05 -4.32 28.49
C VAL A 355 -12.63 -4.55 27.98
N SER A 382 12.00 -31.97 32.45
CA SER A 382 13.12 -32.11 33.37
C SER A 382 12.64 -32.44 34.78
N TYR A 383 13.45 -33.20 35.51
CA TYR A 383 13.14 -33.58 36.89
C TYR A 383 13.68 -32.51 37.83
N ASP A 384 12.79 -31.69 38.37
CA ASP A 384 13.18 -30.61 39.26
C ASP A 384 13.64 -31.18 40.59
N ARG A 385 14.59 -30.49 41.21
CA ARG A 385 15.18 -30.94 42.46
C ARG A 385 14.61 -30.12 43.63
N ARG A 386 14.99 -30.51 44.84
CA ARG A 386 14.45 -30.00 46.10
C ARG A 386 12.92 -29.87 46.03
N THR A 387 12.28 -30.94 45.59
CA THR A 387 10.84 -31.00 45.46
C THR A 387 10.39 -32.43 45.62
N THR A 388 9.09 -32.65 45.49
CA THR A 388 8.47 -33.95 45.66
C THR A 388 8.02 -34.46 44.30
N SER A 389 7.98 -35.79 44.16
CA SER A 389 7.60 -36.38 42.88
C SER A 389 6.19 -36.01 42.45
N PHE A 390 5.35 -35.56 43.39
CA PHE A 390 4.07 -35.00 43.03
C PHE A 390 4.18 -33.55 42.56
N CYS A 391 5.00 -32.75 43.24
CA CYS A 391 5.05 -31.33 42.92
C CYS A 391 5.72 -31.04 41.59
N ASN A 392 6.58 -31.91 41.08
CA ASN A 392 7.16 -31.70 39.76
C ASN A 392 6.36 -32.38 38.66
N ALA A 393 5.73 -33.51 38.97
CA ALA A 393 4.76 -34.08 38.04
C ALA A 393 3.65 -33.09 37.75
N LEU A 394 3.15 -32.41 38.78
CA LEU A 394 2.07 -31.45 38.59
C LEU A 394 2.50 -30.28 37.73
N ILE A 395 3.66 -29.69 38.03
CA ILE A 395 4.06 -28.51 37.29
C ILE A 395 4.36 -28.88 35.83
N GLN A 396 4.90 -30.07 35.59
CA GLN A 396 5.18 -30.42 34.20
C GLN A 396 3.92 -30.73 33.43
N SER A 397 2.97 -31.45 34.04
CA SER A 397 1.68 -31.69 33.39
C SER A 397 0.92 -30.40 33.13
N LEU A 398 1.14 -29.38 33.95
CA LEU A 398 0.49 -28.09 33.81
C LEU A 398 1.17 -27.19 32.78
N GLU A 399 2.48 -27.28 32.68
CA GLU A 399 3.22 -26.45 31.73
C GLU A 399 3.09 -26.98 30.31
N SER A 400 3.08 -28.30 30.13
CA SER A 400 3.05 -28.90 28.81
C SER A 400 1.64 -29.24 28.34
N ASN A 401 0.64 -28.48 28.78
CA ASN A 401 -0.73 -28.61 28.28
C ASN A 401 -1.12 -27.33 27.57
N PRO A 402 -1.11 -27.28 26.25
CA PRO A 402 -1.37 -26.02 25.54
C PRO A 402 -2.75 -25.43 25.75
N LEU A 403 -3.20 -25.37 27.00
CA LEU A 403 -4.38 -24.63 27.39
C LEU A 403 -4.19 -23.85 28.67
N THR A 404 -3.25 -24.24 29.53
CA THR A 404 -2.98 -23.58 30.79
C THR A 404 -1.55 -23.10 30.91
N LYS A 405 -0.78 -23.09 29.83
CA LYS A 405 0.59 -22.61 29.92
C LYS A 405 0.63 -21.12 30.13
N ILE A 406 -0.38 -20.39 29.62
CA ILE A 406 -0.36 -18.94 29.71
C ILE A 406 -0.58 -18.48 31.14
N ALA A 407 -1.58 -19.02 31.81
CA ALA A 407 -1.85 -18.60 33.19
C ALA A 407 -0.75 -19.04 34.12
N TRP A 408 -0.23 -20.24 33.92
CA TRP A 408 0.86 -20.73 34.75
C TRP A 408 2.13 -19.92 34.52
N ARG A 409 2.35 -19.45 33.30
CA ARG A 409 3.52 -18.62 32.99
C ARG A 409 3.53 -17.36 33.84
N ALA A 410 2.36 -16.85 34.19
CA ALA A 410 2.28 -15.66 35.01
C ALA A 410 2.20 -15.98 36.50
N ALA A 411 1.57 -17.09 36.87
CA ALA A 411 1.39 -17.40 38.28
C ALA A 411 2.60 -18.05 38.91
N LYS A 412 3.52 -18.59 38.13
CA LYS A 412 4.65 -19.31 38.72
C LYS A 412 5.59 -18.45 39.56
N PRO A 413 6.05 -17.28 39.11
CA PRO A 413 7.05 -16.56 39.91
C PRO A 413 6.55 -16.08 41.25
N LEU A 414 5.24 -15.97 41.45
CA LEU A 414 4.74 -15.54 42.74
C LEU A 414 4.63 -16.72 43.70
N LEU A 415 4.10 -17.85 43.22
CA LEU A 415 3.97 -19.03 44.06
C LEU A 415 5.32 -19.64 44.39
N MET A 416 6.27 -19.63 43.46
CA MET A 416 7.51 -20.35 43.64
C MET A 416 8.76 -19.51 43.45
N GLY A 417 8.64 -18.24 43.12
CA GLY A 417 9.80 -17.40 42.90
C GLY A 417 10.42 -16.93 44.19
N LYS A 418 11.51 -16.19 44.05
CA LYS A 418 12.31 -15.80 45.18
C LYS A 418 12.67 -14.32 45.06
N ILE A 419 12.85 -13.68 46.22
CA ILE A 419 13.11 -12.26 46.31
C ILE A 419 14.52 -12.07 46.84
N LEU A 420 15.33 -11.30 46.12
CA LEU A 420 16.75 -11.17 46.37
C LEU A 420 17.04 -9.75 46.83
N TYR A 421 17.58 -9.58 48.03
CA TYR A 421 17.82 -8.24 48.54
C TYR A 421 19.30 -8.00 48.72
N THR A 422 19.74 -6.75 48.54
CA THR A 422 21.15 -6.55 48.26
C THR A 422 22.04 -6.55 49.50
N PRO A 423 22.03 -5.55 50.37
CA PRO A 423 23.06 -5.53 51.42
C PRO A 423 22.77 -6.57 52.50
N ASP A 424 23.81 -6.94 53.23
CA ASP A 424 23.69 -7.86 54.35
C ASP A 424 24.02 -7.09 55.63
N SER A 425 23.04 -6.38 56.14
CA SER A 425 23.20 -5.57 57.33
C SER A 425 22.06 -5.89 58.26
N PRO A 426 22.24 -5.70 59.57
CA PRO A 426 21.14 -5.95 60.48
C PRO A 426 19.90 -5.13 60.19
N ALA A 427 20.05 -3.94 59.61
CA ALA A 427 18.87 -3.13 59.29
C ALA A 427 18.01 -3.81 58.25
N ALA A 428 18.62 -4.26 57.15
CA ALA A 428 17.87 -4.92 56.09
C ALA A 428 17.28 -6.24 56.59
N ARG A 429 18.04 -6.97 57.39
CA ARG A 429 17.52 -8.20 57.94
C ARG A 429 16.30 -7.95 58.81
N ARG A 430 16.33 -6.87 59.60
CA ARG A 430 15.20 -6.53 60.45
C ARG A 430 13.98 -6.15 59.62
N ILE A 431 14.20 -5.32 58.59
CA ILE A 431 13.09 -4.89 57.75
C ILE A 431 12.44 -6.09 57.11
N LEU A 432 13.23 -6.95 56.49
CA LEU A 432 12.63 -8.08 55.79
C LEU A 432 12.19 -9.19 56.73
N LYS A 433 12.58 -9.14 58.00
CA LYS A 433 11.96 -10.02 58.97
C LYS A 433 10.54 -9.54 59.27
N ASN A 434 10.37 -8.23 59.40
CA ASN A 434 9.04 -7.69 59.64
C ASN A 434 8.17 -7.68 58.40
N ALA A 435 8.73 -7.91 57.22
CA ALA A 435 7.96 -7.92 55.99
C ALA A 435 7.38 -9.28 55.61
N ASN A 436 7.84 -10.38 56.22
CA ASN A 436 7.29 -11.69 55.88
C ASN A 436 6.07 -12.10 56.70
N SER A 437 5.23 -11.17 57.13
CA SER A 437 4.05 -11.58 57.88
C SER A 437 3.12 -12.43 57.02
N THR A 438 2.99 -12.09 55.74
CA THR A 438 2.05 -12.80 54.88
C THR A 438 2.44 -14.27 54.73
N PHE A 439 3.73 -14.53 54.53
CA PHE A 439 4.16 -15.92 54.37
C PHE A 439 4.11 -16.68 55.69
N GLU A 440 4.31 -16.00 56.82
CA GLU A 440 4.09 -16.68 58.10
C GLU A 440 2.66 -17.15 58.22
N GLU A 441 1.71 -16.25 57.98
CA GLU A 441 0.31 -16.66 58.11
C GLU A 441 -0.11 -17.56 56.98
N LEU A 442 0.70 -17.70 55.96
CA LEU A 442 0.41 -18.65 54.89
C LEU A 442 0.98 -20.03 55.15
N GLU A 443 1.99 -20.15 56.00
CA GLU A 443 2.47 -21.47 56.37
C GLU A 443 1.84 -21.99 57.66
N HIS A 444 1.24 -21.12 58.47
CA HIS A 444 0.42 -21.62 59.57
C HIS A 444 -0.71 -22.51 59.07
N VAL A 445 -1.26 -22.20 57.89
CA VAL A 445 -2.31 -23.03 57.31
C VAL A 445 -1.79 -24.42 57.00
N ARG A 446 -0.59 -24.50 56.42
CA ARG A 446 0.02 -25.80 56.16
C ARG A 446 0.20 -26.58 57.46
N LYS A 447 0.62 -25.90 58.52
CA LYS A 447 0.72 -26.58 59.82
C LYS A 447 -0.61 -27.17 60.24
N LEU A 448 -1.67 -26.36 60.17
CA LEU A 448 -2.97 -26.84 60.65
C LEU A 448 -3.44 -28.04 59.85
N VAL A 449 -3.27 -28.00 58.53
CA VAL A 449 -3.76 -29.12 57.73
C VAL A 449 -2.87 -30.35 57.93
N LYS A 450 -1.59 -30.15 58.21
CA LYS A 450 -0.72 -31.28 58.53
C LYS A 450 -1.09 -31.94 59.85
N ALA A 451 -1.73 -31.22 60.75
CA ALA A 451 -2.18 -31.86 61.99
C ALA A 451 -3.20 -32.98 61.74
N TRP A 452 -3.81 -33.02 60.56
CA TRP A 452 -4.82 -34.05 60.32
C TRP A 452 -4.22 -35.44 60.23
N GLU A 453 -3.07 -35.58 59.57
CA GLU A 453 -2.44 -36.89 59.45
C GLU A 453 -2.20 -37.54 60.80
N GLU A 454 -2.43 -36.81 61.89
CA GLU A 454 -2.38 -37.33 63.25
C GLU A 454 -3.73 -37.41 63.91
N VAL A 455 -4.58 -36.40 63.75
CA VAL A 455 -5.89 -36.47 64.41
C VAL A 455 -6.78 -37.53 63.76
N GLY A 456 -6.62 -37.81 62.47
CA GLY A 456 -7.49 -38.72 61.75
C GLY A 456 -7.61 -40.12 62.30
N PRO A 457 -6.50 -40.82 62.52
CA PRO A 457 -6.62 -42.15 63.14
C PRO A 457 -7.23 -42.11 64.52
N GLN A 458 -7.03 -41.04 65.29
CA GLN A 458 -7.61 -40.99 66.62
C GLN A 458 -9.13 -40.87 66.55
N ILE A 459 -9.66 -40.04 65.66
CA ILE A 459 -11.11 -39.95 65.54
C ILE A 459 -11.66 -41.26 64.99
N TRP A 460 -10.94 -41.90 64.06
CA TRP A 460 -11.40 -43.19 63.56
C TRP A 460 -11.51 -44.22 64.68
N TYR A 461 -10.47 -44.31 65.51
CA TYR A 461 -10.52 -45.26 66.62
C TYR A 461 -11.66 -44.92 67.57
N PHE A 462 -11.73 -43.66 68.02
CA PHE A 462 -12.75 -43.28 68.99
C PHE A 462 -14.14 -43.61 68.49
N PHE A 463 -14.37 -43.48 67.19
CA PHE A 463 -15.68 -43.85 66.68
C PHE A 463 -15.73 -45.32 66.25
N ASP A 464 -14.63 -46.07 66.43
CA ASP A 464 -14.66 -47.52 66.24
C ASP A 464 -14.79 -48.25 67.58
N ASN A 465 -13.79 -48.14 68.44
CA ASN A 465 -13.92 -48.48 69.86
C ASN A 465 -14.13 -47.20 70.65
N SER A 466 -15.08 -47.24 71.57
CA SER A 466 -15.19 -46.22 72.59
C SER A 466 -15.83 -46.82 73.84
N THR A 467 -15.37 -46.35 74.98
CA THR A 467 -16.13 -46.55 76.20
C THR A 467 -17.34 -45.63 76.27
N GLN A 468 -17.37 -44.59 75.43
CA GLN A 468 -18.47 -43.64 75.39
C GLN A 468 -19.31 -43.73 74.14
N MET A 469 -18.84 -44.41 73.08
CA MET A 469 -19.68 -44.68 71.93
C MET A 469 -19.98 -46.15 71.74
N ASN A 470 -18.94 -46.97 71.51
CA ASN A 470 -19.13 -48.40 71.28
C ASN A 470 -19.55 -49.16 72.53
N MET A 471 -19.54 -48.50 73.68
CA MET A 471 -20.04 -49.09 74.92
C MET A 471 -21.15 -48.29 75.57
N ILE A 472 -21.53 -47.13 75.03
CA ILE A 472 -22.61 -46.33 75.61
C ILE A 472 -23.75 -46.20 74.62
N ARG A 473 -23.45 -45.69 73.42
CA ARG A 473 -24.49 -45.46 72.43
C ARG A 473 -24.87 -46.72 71.68
N ASP A 474 -23.93 -47.65 71.53
CA ASP A 474 -24.25 -48.99 71.03
C ASP A 474 -24.89 -49.87 72.09
N THR A 475 -24.80 -49.47 73.36
CA THR A 475 -25.41 -50.22 74.45
C THR A 475 -26.78 -49.67 74.84
N LEU A 476 -27.24 -48.60 74.20
CA LEU A 476 -28.52 -47.98 74.54
C LEU A 476 -29.13 -47.24 73.35
N VAL A 481 -34.06 -50.17 77.81
CA VAL A 481 -33.17 -49.38 76.98
C VAL A 481 -33.95 -48.65 75.89
N LYS A 482 -34.04 -49.27 74.71
CA LYS A 482 -34.64 -48.62 73.55
C LYS A 482 -36.15 -48.46 73.68
N ASP A 483 -36.78 -49.13 74.64
CA ASP A 483 -38.20 -48.94 74.86
C ASP A 483 -38.50 -47.49 75.25
N PHE A 484 -37.71 -46.94 76.18
CA PHE A 484 -37.89 -45.55 76.57
C PHE A 484 -37.45 -44.59 75.47
N LEU A 485 -36.39 -44.97 74.74
CA LEU A 485 -35.90 -44.11 73.68
C LEU A 485 -36.92 -43.94 72.57
N ASN A 486 -37.62 -45.02 72.20
CA ASN A 486 -38.62 -44.92 71.15
C ASN A 486 -39.72 -43.94 71.52
N ARG A 487 -40.24 -44.05 72.75
CA ARG A 487 -41.29 -43.13 73.19
C ARG A 487 -40.77 -41.71 73.29
N GLN A 488 -39.55 -41.53 73.80
CA GLN A 488 -38.98 -40.20 73.94
C GLN A 488 -38.81 -39.53 72.59
N LEU A 489 -38.38 -40.28 71.58
CA LEU A 489 -38.29 -39.75 70.23
C LEU A 489 -39.67 -39.44 69.65
N GLY A 490 -40.63 -40.33 69.89
CA GLY A 490 -41.96 -40.15 69.33
C GLY A 490 -42.76 -39.03 69.96
N GLU A 491 -42.40 -38.61 71.17
CA GLU A 491 -43.12 -37.55 71.87
C GLU A 491 -42.71 -36.16 71.41
N GLU A 492 -41.70 -36.04 70.56
CA GLU A 492 -41.23 -34.74 70.08
C GLU A 492 -42.25 -34.10 69.14
N GLU A 497 -35.04 -41.65 64.85
CA GLU A 497 -35.36 -43.07 64.77
C GLU A 497 -34.14 -43.91 65.07
N ALA A 498 -34.30 -44.86 66.00
CA ALA A 498 -33.18 -45.69 66.44
C ALA A 498 -32.64 -46.53 65.30
N ILE A 499 -33.52 -47.07 64.46
CA ILE A 499 -33.08 -47.85 63.31
C ILE A 499 -32.37 -46.97 62.29
N LEU A 500 -32.81 -45.72 62.14
CA LEU A 500 -32.20 -44.79 61.19
C LEU A 500 -31.04 -44.01 61.79
N ASN A 501 -30.68 -44.27 63.04
CA ASN A 501 -29.53 -43.63 63.68
C ASN A 501 -28.47 -44.62 64.11
N PHE A 502 -28.79 -45.57 65.00
CA PHE A 502 -27.79 -46.46 65.55
C PHE A 502 -27.32 -47.50 64.54
N LEU A 503 -27.98 -47.60 63.39
CA LEU A 503 -27.51 -48.44 62.30
C LEU A 503 -26.99 -47.63 61.13
N TYR A 504 -27.58 -46.47 60.84
CA TYR A 504 -27.11 -45.64 59.75
C TYR A 504 -25.81 -44.93 60.10
N LYS A 505 -25.49 -44.82 61.39
CA LYS A 505 -24.33 -44.07 61.84
C LYS A 505 -23.58 -44.69 63.01
N GLY A 506 -23.96 -45.90 63.43
CA GLY A 506 -23.31 -46.51 64.56
C GLY A 506 -22.92 -47.96 64.31
N PRO A 507 -22.85 -48.35 63.03
CA PRO A 507 -22.44 -49.73 62.73
C PRO A 507 -21.00 -50.00 63.13
N ARG A 508 -20.75 -51.22 63.59
CA ARG A 508 -19.43 -51.62 64.03
C ARG A 508 -18.76 -52.68 63.16
N GLU A 509 -19.50 -53.35 62.29
CA GLU A 509 -18.96 -54.30 61.33
C GLU A 509 -19.51 -53.95 59.96
N SER A 510 -18.72 -54.26 58.91
CA SER A 510 -19.03 -53.78 57.57
C SER A 510 -20.42 -54.25 57.12
N GLN A 511 -21.16 -53.33 56.51
CA GLN A 511 -22.53 -53.59 56.09
C GLN A 511 -22.78 -53.37 54.61
N ALA A 512 -21.92 -52.62 53.92
CA ALA A 512 -22.05 -52.39 52.48
C ALA A 512 -20.76 -51.79 51.93
N TRP A 520 -21.92 -44.60 58.29
CA TRP A 520 -20.95 -43.91 59.14
C TRP A 520 -19.63 -43.58 58.45
N ARG A 521 -19.19 -44.47 57.56
CA ARG A 521 -17.98 -44.22 56.79
C ARG A 521 -18.19 -43.19 55.69
N ASP A 522 -19.44 -42.91 55.31
CA ASP A 522 -19.72 -41.99 54.23
C ASP A 522 -19.25 -40.58 54.51
N ILE A 523 -19.08 -40.23 55.78
CA ILE A 523 -18.60 -38.91 56.16
C ILE A 523 -17.13 -38.91 56.55
N PHE A 524 -16.50 -40.08 56.68
CA PHE A 524 -15.12 -40.16 57.11
C PHE A 524 -14.16 -40.54 56.01
N ASN A 525 -14.57 -41.34 55.03
CA ASN A 525 -13.62 -41.68 53.99
C ASN A 525 -13.70 -40.73 52.80
N ILE A 526 -14.53 -39.69 52.86
CA ILE A 526 -14.36 -38.56 51.98
C ILE A 526 -13.49 -37.48 52.62
N THR A 527 -13.46 -37.40 53.95
CA THR A 527 -12.65 -36.40 54.62
C THR A 527 -11.17 -36.62 54.34
N ASP A 528 -10.68 -37.84 54.50
CA ASP A 528 -9.27 -38.07 54.17
C ASP A 528 -8.99 -37.86 52.69
N ARG A 529 -9.89 -38.30 51.82
CA ARG A 529 -9.65 -38.12 50.39
C ARG A 529 -9.52 -36.65 50.02
N THR A 530 -10.34 -35.78 50.64
CA THR A 530 -10.31 -34.36 50.33
C THR A 530 -9.36 -33.56 51.20
N LEU A 531 -8.76 -34.17 52.22
CA LEU A 531 -7.95 -33.42 53.15
C LEU A 531 -6.51 -33.92 53.24
N ARG A 532 -6.19 -35.02 52.58
CA ARG A 532 -4.78 -35.35 52.35
C ARG A 532 -4.32 -34.88 50.99
N LEU A 533 -5.22 -34.84 50.01
CA LEU A 533 -4.89 -34.25 48.72
C LEU A 533 -4.54 -32.77 48.86
N VAL A 534 -5.28 -32.06 49.72
CA VAL A 534 -4.96 -30.66 49.97
C VAL A 534 -3.57 -30.53 50.55
N ASN A 535 -3.20 -31.42 51.46
CA ASN A 535 -1.86 -31.38 52.03
C ASN A 535 -0.81 -31.69 50.97
N GLN A 536 -1.12 -32.58 50.04
CA GLN A 536 -0.17 -32.82 48.95
C GLN A 536 0.00 -31.57 48.10
N TYR A 537 -1.10 -30.86 47.83
CA TYR A 537 -1.00 -29.63 47.04
C TYR A 537 -0.16 -28.58 47.74
N LEU A 538 -0.46 -28.31 49.00
CA LEU A 538 0.10 -27.11 49.63
C LEU A 538 1.60 -27.18 49.81
N GLU A 539 2.20 -28.36 49.71
CA GLU A 539 3.64 -28.46 49.90
C GLU A 539 4.42 -28.01 48.67
N CYS A 540 3.75 -27.76 47.56
CA CYS A 540 4.44 -27.26 46.37
C CYS A 540 4.83 -25.79 46.48
N LEU A 541 4.20 -25.04 47.38
CA LEU A 541 4.52 -23.63 47.55
C LEU A 541 5.90 -23.43 48.14
N VAL A 542 6.55 -22.35 47.75
CA VAL A 542 7.80 -21.91 48.37
C VAL A 542 7.48 -20.73 49.26
N LEU A 543 7.74 -20.84 50.56
CA LEU A 543 7.40 -19.79 51.50
C LEU A 543 8.60 -19.21 52.23
N ASP A 544 9.81 -19.52 51.79
CA ASP A 544 11.04 -18.89 52.26
C ASP A 544 11.73 -18.35 51.01
N LYS A 545 11.76 -17.04 50.85
CA LYS A 545 12.19 -16.53 49.56
C LYS A 545 13.04 -15.27 49.65
N PHE A 546 13.78 -15.08 50.73
CA PHE A 546 14.60 -13.89 50.90
C PHE A 546 16.07 -14.30 50.92
N GLU A 547 16.78 -14.08 49.82
CA GLU A 547 18.20 -14.36 49.71
C GLU A 547 19.01 -13.08 49.72
N SER A 548 20.20 -13.14 50.31
CA SER A 548 20.95 -11.96 50.69
C SER A 548 22.34 -11.98 50.06
N TYR A 549 22.70 -10.90 49.37
CA TYR A 549 23.90 -10.78 48.55
C TYR A 549 24.74 -9.61 49.05
N ASN A 550 25.68 -9.15 48.21
CA ASN A 550 26.51 -7.98 48.55
C ASN A 550 26.73 -7.00 47.42
N ASP A 551 26.09 -7.17 46.26
CA ASP A 551 26.27 -6.21 45.19
C ASP A 551 25.12 -6.39 44.19
N GLU A 552 24.78 -5.32 43.49
CA GLU A 552 23.76 -5.44 42.46
C GLU A 552 24.21 -6.35 41.33
N THR A 553 25.52 -6.44 41.10
CA THR A 553 26.03 -7.31 40.05
C THR A 553 25.71 -8.78 40.35
N GLN A 554 26.06 -9.25 41.55
CA GLN A 554 25.79 -10.63 41.92
C GLN A 554 24.30 -10.92 41.86
N LEU A 555 23.49 -10.00 42.38
CA LEU A 555 22.04 -10.11 42.28
C LEU A 555 21.61 -10.26 40.83
N THR A 556 22.28 -9.54 39.92
CA THR A 556 21.89 -9.58 38.52
C THR A 556 22.24 -10.92 37.87
N GLN A 557 23.44 -11.45 38.11
CA GLN A 557 23.72 -12.76 37.52
C GLN A 557 22.85 -13.86 38.11
N ARG A 558 22.59 -13.82 39.42
CA ARG A 558 21.69 -14.84 39.95
C ARG A 558 20.28 -14.68 39.39
N ALA A 559 19.84 -13.45 39.14
CA ALA A 559 18.54 -13.25 38.51
C ALA A 559 18.51 -13.78 37.09
N LEU A 560 19.60 -13.59 36.34
CA LEU A 560 19.69 -14.16 35.01
C LEU A 560 19.60 -15.67 35.08
N SER A 561 20.27 -16.27 36.06
CA SER A 561 20.18 -17.72 36.24
C SER A 561 18.75 -18.16 36.52
N LEU A 562 18.03 -17.42 37.36
CA LEU A 562 16.71 -17.84 37.80
C LEU A 562 15.61 -17.55 36.79
N LEU A 563 15.81 -16.58 35.90
CA LEU A 563 14.74 -16.17 35.01
C LEU A 563 14.33 -17.29 34.07
N GLU A 564 15.27 -18.13 33.63
CA GLU A 564 14.95 -19.20 32.70
C GLU A 564 14.00 -20.21 33.31
N GLU A 565 14.22 -20.57 34.57
CA GLU A 565 13.29 -21.49 35.22
C GLU A 565 11.98 -20.81 35.55
N ASN A 566 11.90 -19.48 35.41
CA ASN A 566 10.71 -18.70 35.77
C ASN A 566 10.49 -18.74 37.28
N MET A 567 11.56 -18.50 38.03
CA MET A 567 11.53 -18.50 39.48
C MET A 567 12.20 -17.26 40.01
N PHE A 568 11.82 -16.10 39.47
CA PHE A 568 12.37 -14.83 39.90
C PHE A 568 11.22 -13.85 40.11
N TRP A 569 10.95 -13.51 41.36
CA TRP A 569 10.18 -12.34 41.72
C TRP A 569 11.15 -11.17 41.74
N ALA A 570 10.81 -10.08 42.40
CA ALA A 570 11.62 -8.88 42.29
C ALA A 570 12.97 -9.04 42.97
N GLY A 571 13.74 -7.95 42.98
CA GLY A 571 14.98 -7.84 43.71
C GLY A 571 15.09 -6.50 44.40
N VAL A 572 15.15 -6.49 45.71
CA VAL A 572 15.04 -5.27 46.51
C VAL A 572 16.43 -4.76 46.87
N VAL A 573 16.65 -3.46 46.75
CA VAL A 573 17.96 -2.87 46.98
C VAL A 573 17.82 -1.66 47.88
N PHE A 574 18.59 -1.62 48.96
CA PHE A 574 18.64 -0.46 49.83
C PHE A 574 19.94 0.27 49.55
N PRO A 575 19.91 1.45 48.91
CA PRO A 575 21.16 2.05 48.44
C PRO A 575 22.00 2.77 49.49
N ASP A 576 21.38 3.34 50.51
CA ASP A 576 22.09 4.22 51.43
C ASP A 576 22.67 3.51 52.64
N MET A 577 22.52 2.20 52.75
CA MET A 577 23.02 1.48 53.91
C MET A 577 24.16 0.55 53.54
N TYR A 578 25.18 0.53 54.39
CA TYR A 578 26.40 -0.23 54.24
C TYR A 578 26.32 -1.50 55.05
N PRO A 579 27.04 -2.55 54.63
CA PRO A 579 26.85 -3.87 55.25
C PRO A 579 27.06 -3.91 56.75
N TRP A 580 27.47 -2.80 57.38
CA TRP A 580 27.59 -2.73 58.83
C TRP A 580 26.49 -1.90 59.46
N THR A 581 25.52 -1.45 58.69
CA THR A 581 24.50 -0.54 59.19
C THR A 581 23.63 -1.24 60.23
N SER A 582 23.24 -0.50 61.26
CA SER A 582 22.42 -1.09 62.31
C SER A 582 21.22 -0.22 62.66
N SER A 583 21.34 1.09 62.50
CA SER A 583 20.29 2.03 62.88
C SER A 583 19.65 2.63 61.64
N LEU A 584 18.33 2.61 61.60
CA LEU A 584 17.59 3.13 60.45
C LEU A 584 17.57 4.65 60.47
N PRO A 585 17.90 5.31 59.36
CA PRO A 585 17.68 6.75 59.28
C PRO A 585 16.19 7.05 59.24
N PRO A 586 15.79 8.25 59.57
CA PRO A 586 14.36 8.57 59.44
C PRO A 586 13.98 9.06 58.04
N HIS A 587 14.58 8.50 57.00
CA HIS A 587 14.08 8.65 55.63
C HIS A 587 14.70 7.53 54.81
N VAL A 588 13.92 6.48 54.57
CA VAL A 588 14.41 5.26 53.97
C VAL A 588 13.95 5.22 52.53
N LYS A 589 14.87 4.90 51.62
CA LYS A 589 14.54 4.78 50.21
C LYS A 589 15.10 3.46 49.68
N TYR A 590 14.31 2.79 48.84
CA TYR A 590 14.67 1.49 48.31
C TYR A 590 14.28 1.41 46.85
N LYS A 591 14.67 0.32 46.20
CA LYS A 591 14.42 0.11 44.77
C LYS A 591 13.84 -1.28 44.58
N ILE A 592 12.95 -1.41 43.60
CA ILE A 592 12.43 -2.71 43.21
C ILE A 592 12.83 -2.93 41.77
N ARG A 593 13.72 -3.88 41.53
CA ARG A 593 14.29 -4.14 40.22
C ARG A 593 13.69 -5.44 39.69
N MET A 594 12.83 -5.32 38.68
CA MET A 594 12.17 -6.43 38.03
C MET A 594 12.53 -6.41 36.55
N ASP A 595 12.05 -7.38 35.79
CA ASP A 595 12.35 -7.35 34.36
C ASP A 595 11.23 -6.65 33.61
N ILE A 596 11.60 -6.10 32.46
CA ILE A 596 10.74 -5.14 31.77
C ILE A 596 9.42 -5.73 31.28
N ASP A 597 9.26 -7.04 31.28
CA ASP A 597 8.05 -7.63 30.74
C ASP A 597 6.92 -7.72 31.74
N VAL A 598 7.13 -7.30 32.99
CA VAL A 598 6.08 -7.31 34.00
C VAL A 598 6.01 -5.94 34.66
N VAL A 599 6.57 -4.93 34.01
CA VAL A 599 6.63 -3.58 34.55
C VAL A 599 6.27 -2.61 33.44
N GLU A 600 5.72 -1.46 33.81
CA GLU A 600 5.54 -0.39 32.84
C GLU A 600 6.89 0.29 32.55
N LYS A 601 7.01 0.83 31.34
CA LYS A 601 8.25 1.47 30.94
C LYS A 601 8.51 2.69 31.80
N THR A 602 9.78 2.99 32.06
CA THR A 602 10.14 4.10 32.92
C THR A 602 10.72 5.29 32.19
N ASN A 603 10.78 5.26 30.86
CA ASN A 603 11.28 6.41 30.10
C ASN A 603 10.17 7.39 29.73
N LYS A 604 8.95 6.90 29.56
CA LYS A 604 7.79 7.74 29.32
C LYS A 604 6.73 7.45 30.36
N ILE A 605 5.85 8.42 30.59
CA ILE A 605 4.87 8.32 31.66
C ILE A 605 3.43 8.22 31.15
N LYS A 606 3.17 8.47 29.88
CA LYS A 606 1.82 8.40 29.33
C LYS A 606 1.87 8.00 27.86
N ASP A 607 0.69 7.97 27.25
CA ASP A 607 0.56 7.72 25.83
C ASP A 607 0.90 8.97 25.03
N ARG A 608 1.27 8.76 23.77
CA ARG A 608 1.59 9.87 22.89
C ARG A 608 0.37 10.72 22.60
N TYR A 609 -0.76 10.09 22.30
CA TYR A 609 -1.98 10.78 21.93
C TYR A 609 -3.09 10.41 22.90
N TRP A 610 -3.92 11.39 23.24
CA TRP A 610 -4.98 11.18 24.21
C TRP A 610 -6.12 10.41 23.56
N ASP A 611 -6.30 9.16 23.97
CA ASP A 611 -7.42 8.33 23.53
C ASP A 611 -8.60 8.60 24.44
N SER A 612 -9.75 8.01 24.12
CA SER A 612 -10.96 8.23 24.90
C SER A 612 -11.47 6.89 25.43
N GLY A 613 -10.88 6.43 26.52
CA GLY A 613 -11.25 5.17 27.11
C GLY A 613 -10.64 5.04 28.49
N PRO A 614 -11.18 4.15 29.33
CA PRO A 614 -10.72 4.09 30.71
C PRO A 614 -9.35 3.46 30.89
N ARG A 615 -8.84 2.70 29.93
CA ARG A 615 -7.60 1.94 30.06
C ARG A 615 -7.70 0.90 31.18
N ALA A 616 -8.54 -0.10 30.94
CA ALA A 616 -8.90 -1.06 31.98
C ALA A 616 -8.84 -2.50 31.47
N ASP A 617 -7.85 -2.85 30.67
CA ASP A 617 -7.71 -4.21 30.20
C ASP A 617 -6.90 -5.01 31.22
N PRO A 618 -7.45 -6.09 31.77
CA PRO A 618 -6.79 -6.75 32.91
C PRO A 618 -5.41 -7.30 32.62
N VAL A 619 -5.03 -7.48 31.36
CA VAL A 619 -3.77 -8.15 31.03
C VAL A 619 -2.66 -7.17 30.74
N GLU A 620 -2.84 -6.30 29.76
CA GLU A 620 -1.76 -5.43 29.31
C GLU A 620 -1.82 -4.03 29.90
N ASP A 621 -2.78 -3.76 30.77
CA ASP A 621 -2.87 -2.45 31.41
C ASP A 621 -2.70 -2.52 32.91
N PHE A 622 -2.47 -3.69 33.48
CA PHE A 622 -2.36 -3.87 34.92
C PHE A 622 -1.13 -4.68 35.26
N ARG A 623 0.02 -4.31 34.72
CA ARG A 623 1.23 -5.07 34.96
C ARG A 623 1.79 -4.86 36.34
N TYR A 624 1.52 -3.72 36.96
CA TYR A 624 1.84 -3.54 38.38
C TYR A 624 1.03 -4.43 39.30
N ILE A 625 -0.01 -5.08 38.84
CA ILE A 625 -0.85 -5.88 39.72
C ILE A 625 -0.58 -7.37 39.52
N TRP A 626 -0.84 -7.91 38.34
CA TRP A 626 -0.55 -9.33 38.21
C TRP A 626 0.93 -9.61 38.06
N GLY A 627 1.77 -8.59 37.84
CA GLY A 627 3.20 -8.81 37.83
C GLY A 627 3.81 -8.93 39.20
N GLY A 628 3.16 -8.41 40.23
CA GLY A 628 3.63 -8.52 41.59
C GLY A 628 4.43 -7.35 42.12
N PHE A 629 4.48 -6.22 41.42
CA PHE A 629 5.22 -5.07 41.92
C PHE A 629 4.50 -4.42 43.10
N ALA A 630 3.19 -4.23 42.96
CA ALA A 630 2.43 -3.53 44.00
C ALA A 630 2.40 -4.33 45.28
N TYR A 631 2.31 -5.65 45.19
CA TYR A 631 2.29 -6.48 46.39
C TYR A 631 3.60 -6.37 47.16
N LEU A 632 4.72 -6.46 46.47
CA LEU A 632 5.99 -6.37 47.17
C LEU A 632 6.22 -4.99 47.74
N GLN A 633 5.81 -3.95 47.01
CA GLN A 633 5.92 -2.61 47.56
C GLN A 633 5.11 -2.48 48.84
N ASP A 634 3.89 -3.02 48.86
CA ASP A 634 3.10 -3.00 50.07
C ASP A 634 3.80 -3.72 51.22
N MET A 635 4.32 -4.92 50.97
CA MET A 635 4.97 -5.67 52.02
C MET A 635 6.15 -4.92 52.60
N VAL A 636 6.97 -4.29 51.75
CA VAL A 636 8.17 -3.64 52.26
C VAL A 636 7.84 -2.31 52.93
N GLU A 637 6.85 -1.57 52.44
CA GLU A 637 6.42 -0.37 53.15
C GLU A 637 5.94 -0.71 54.54
N GLN A 638 5.21 -1.80 54.68
CA GLN A 638 4.73 -2.20 55.99
C GLN A 638 5.88 -2.67 56.87
N GLY A 639 6.88 -3.33 56.30
CA GLY A 639 8.04 -3.70 57.07
C GLY A 639 8.80 -2.49 57.60
N ILE A 640 9.02 -1.50 56.74
CA ILE A 640 9.71 -0.29 57.16
C ILE A 640 8.92 0.45 58.23
N THR A 641 7.60 0.55 58.04
CA THR A 641 6.77 1.19 59.07
C THR A 641 6.87 0.46 60.39
N ARG A 642 6.81 -0.86 60.36
CA ARG A 642 6.78 -1.63 61.59
C ARG A 642 8.14 -1.71 62.27
N SER A 643 9.22 -1.35 61.58
CA SER A 643 10.55 -1.39 62.18
C SER A 643 10.92 -0.16 62.97
N GLN A 644 10.19 0.96 62.83
CA GLN A 644 10.58 2.14 63.59
C GLN A 644 9.39 2.85 64.21
N VAL A 645 8.38 2.09 64.64
CA VAL A 645 7.22 2.63 65.32
C VAL A 645 6.90 1.84 66.58
N GLN A 646 6.88 0.52 66.47
CA GLN A 646 6.77 -0.37 67.62
C GLN A 646 5.39 -0.32 68.25
N ALA A 647 4.52 0.53 67.72
CA ALA A 647 3.14 0.64 68.15
C ALA A 647 2.23 0.89 66.96
N GLU A 648 2.40 0.10 65.91
CA GLU A 648 1.76 0.40 64.63
C GLU A 648 0.23 0.30 64.72
N ALA A 649 -0.44 1.18 63.98
CA ALA A 649 -1.85 1.07 63.70
C ALA A 649 -2.10 -0.06 62.70
N PRO A 650 -3.12 -0.87 62.91
CA PRO A 650 -3.34 -2.02 62.03
C PRO A 650 -4.00 -1.67 60.70
N VAL A 651 -3.93 -0.40 60.28
CA VAL A 651 -4.68 0.05 59.11
C VAL A 651 -4.28 -0.74 57.88
N GLY A 652 -5.26 -1.17 57.10
CA GLY A 652 -5.05 -1.79 55.82
C GLY A 652 -5.32 -0.83 54.68
N ILE A 653 -5.22 -1.33 53.46
CA ILE A 653 -5.34 -0.48 52.28
C ILE A 653 -6.08 -1.20 51.19
N TYR A 654 -7.09 -0.56 50.61
CA TYR A 654 -7.78 -1.00 49.41
C TYR A 654 -7.46 -0.03 48.30
N LEU A 655 -7.51 -0.49 47.05
CA LEU A 655 -7.30 0.37 45.90
C LEU A 655 -8.57 0.38 45.06
N GLN A 656 -9.00 1.57 44.64
CA GLN A 656 -10.23 1.73 43.91
C GLN A 656 -9.97 2.57 42.66
N GLN A 657 -10.55 2.18 41.53
CA GLN A 657 -10.32 2.84 40.26
C GLN A 657 -11.46 3.81 39.95
N MET A 658 -11.10 5.02 39.55
CA MET A 658 -12.10 6.07 39.39
C MET A 658 -13.00 5.75 38.19
N PRO A 659 -14.31 5.95 38.33
CA PRO A 659 -15.24 5.57 37.27
C PRO A 659 -15.17 6.50 36.08
N TYR A 660 -15.65 6.00 34.95
CA TYR A 660 -15.54 6.69 33.67
C TYR A 660 -16.92 6.92 33.07
N PRO A 661 -17.14 8.06 32.41
CA PRO A 661 -18.45 8.29 31.81
C PRO A 661 -18.71 7.43 30.60
N CYS A 662 -19.79 7.71 29.88
CA CYS A 662 -20.11 6.99 28.66
C CYS A 662 -19.30 7.63 27.53
N PHE A 663 -18.86 6.83 26.57
CA PHE A 663 -18.06 7.32 25.47
C PHE A 663 -18.43 6.55 24.21
N VAL A 664 -17.81 6.93 23.09
CA VAL A 664 -18.11 6.32 21.81
C VAL A 664 -16.86 5.60 21.30
N ASP A 665 -17.04 4.35 20.90
CA ASP A 665 -15.97 3.52 20.39
C ASP A 665 -15.82 3.73 18.89
N ASP A 666 -14.67 3.36 18.34
CA ASP A 666 -14.34 3.68 16.96
C ASP A 666 -14.29 2.47 16.06
N SER A 667 -13.44 1.49 16.37
CA SER A 667 -13.13 0.31 15.55
C SER A 667 -12.51 0.67 14.20
N PHE A 668 -12.42 1.95 13.86
CA PHE A 668 -12.11 2.39 12.51
C PHE A 668 -10.79 3.15 12.44
N MET A 669 -10.54 4.07 13.34
CA MET A 669 -9.26 4.75 13.26
C MET A 669 -8.11 3.87 13.66
N ILE A 670 -8.28 2.55 13.70
CA ILE A 670 -7.13 1.66 13.78
C ILE A 670 -6.63 1.30 12.39
N ILE A 671 -7.54 1.23 11.42
CA ILE A 671 -7.13 1.03 10.04
C ILE A 671 -7.01 2.36 9.31
N LEU A 672 -7.83 3.35 9.68
CA LEU A 672 -7.76 4.65 9.01
C LEU A 672 -6.41 5.30 9.21
N ASN A 673 -5.88 5.26 10.43
CA ASN A 673 -4.61 5.91 10.69
C ASN A 673 -3.43 5.15 10.11
N ARG A 674 -3.63 3.92 9.62
CA ARG A 674 -2.56 3.18 8.98
C ARG A 674 -2.76 3.04 7.47
N CYS A 675 -3.87 3.54 6.95
CA CYS A 675 -4.10 3.53 5.51
C CYS A 675 -4.32 4.88 4.86
N PHE A 676 -4.67 5.93 5.60
CA PHE A 676 -5.01 7.19 4.95
C PHE A 676 -3.84 7.82 4.23
N PRO A 677 -2.65 8.00 4.83
CA PRO A 677 -1.56 8.63 4.08
C PRO A 677 -0.77 7.66 3.23
N ILE A 678 -1.46 6.73 2.58
CA ILE A 678 -0.93 5.97 1.46
C ILE A 678 -1.95 6.08 0.36
N PHE A 679 -3.20 5.76 0.71
CA PHE A 679 -4.31 5.92 -0.20
C PHE A 679 -4.50 7.36 -0.64
N MET A 680 -3.95 8.33 0.09
CA MET A 680 -4.09 9.73 -0.31
C MET A 680 -2.96 10.19 -1.23
N VAL A 681 -1.76 9.66 -1.05
CA VAL A 681 -0.64 10.04 -1.89
C VAL A 681 -0.57 9.18 -3.15
N LEU A 682 -1.27 8.06 -3.18
CA LEU A 682 -1.19 7.13 -4.28
C LEU A 682 -2.27 7.36 -5.31
N ALA A 683 -3.15 8.32 -5.11
CA ALA A 683 -4.20 8.58 -6.08
C ALA A 683 -3.75 9.50 -7.21
N TRP A 684 -2.60 10.13 -7.07
CA TRP A 684 -2.14 11.11 -8.06
C TRP A 684 -1.05 10.56 -8.95
N ILE A 685 -0.72 9.27 -8.81
CA ILE A 685 0.32 8.69 -9.62
C ILE A 685 -0.07 8.60 -11.08
N TYR A 686 -1.35 8.37 -11.37
CA TYR A 686 -1.81 8.34 -12.75
C TYR A 686 -1.71 9.70 -13.41
N SER A 687 -2.11 10.77 -12.72
CA SER A 687 -1.98 12.12 -13.27
C SER A 687 -0.52 12.47 -13.48
N VAL A 688 0.34 12.13 -12.53
CA VAL A 688 1.75 12.43 -12.67
C VAL A 688 2.32 11.76 -13.92
N SER A 689 2.05 10.47 -14.08
CA SER A 689 2.58 9.76 -15.24
C SER A 689 2.02 10.29 -16.54
N MET A 690 0.70 10.50 -16.61
CA MET A 690 0.11 10.99 -17.84
C MET A 690 0.50 12.41 -18.21
N THR A 691 0.91 13.26 -17.27
CA THR A 691 1.40 14.56 -17.72
C THR A 691 2.89 14.56 -18.01
N VAL A 692 3.70 13.85 -17.26
CA VAL A 692 5.12 13.81 -17.61
C VAL A 692 5.30 13.17 -18.98
N LYS A 693 4.49 12.15 -19.28
CA LYS A 693 4.60 11.50 -20.59
C LYS A 693 4.12 12.41 -21.71
N SER A 694 3.10 13.23 -21.45
CA SER A 694 2.56 14.09 -22.49
C SER A 694 3.45 15.30 -22.75
N ILE A 695 4.22 15.74 -21.76
CA ILE A 695 5.20 16.79 -22.03
C ILE A 695 6.26 16.30 -22.99
N VAL A 696 6.58 15.00 -22.93
CA VAL A 696 7.70 14.46 -23.68
C VAL A 696 7.29 13.94 -25.05
N LEU A 697 6.05 13.50 -25.22
CA LEU A 697 5.61 13.18 -26.58
C LEU A 697 5.73 14.36 -27.50
N GLU A 698 5.21 15.52 -27.10
CA GLU A 698 5.34 16.69 -27.96
C GLU A 698 6.78 17.02 -28.25
N LYS A 699 7.66 16.81 -27.28
CA LYS A 699 9.06 17.17 -27.47
C LYS A 699 9.73 16.28 -28.50
N GLU A 700 9.57 14.97 -28.37
CA GLU A 700 10.29 14.06 -29.25
C GLU A 700 9.50 13.63 -30.47
N LEU A 701 8.27 14.09 -30.61
CA LEU A 701 7.47 13.88 -31.80
C LEU A 701 7.53 15.07 -32.72
N ARG A 702 8.35 16.07 -32.36
CA ARG A 702 8.66 17.30 -33.09
C ARG A 702 7.52 18.28 -33.16
N LEU A 703 6.49 18.16 -32.32
CA LEU A 703 5.37 19.09 -32.38
C LEU A 703 5.59 20.33 -31.54
N LYS A 704 6.66 20.38 -30.76
CA LYS A 704 7.02 21.60 -30.06
C LYS A 704 7.78 22.53 -30.98
N GLU A 705 8.61 21.98 -31.86
CA GLU A 705 9.40 22.79 -32.77
C GLU A 705 8.57 23.41 -33.87
N THR A 706 7.50 22.79 -34.34
CA THR A 706 6.67 23.48 -35.32
C THR A 706 6.02 24.70 -34.69
N LEU A 707 5.52 24.56 -33.47
CA LEU A 707 4.94 25.70 -32.78
C LEU A 707 5.98 26.80 -32.57
N LYS A 708 7.19 26.43 -32.16
CA LYS A 708 8.21 27.45 -32.02
C LYS A 708 8.66 28.03 -33.35
N ASN A 709 8.46 27.31 -34.45
CA ASN A 709 8.78 27.86 -35.76
C ASN A 709 7.72 28.86 -36.23
N GLN A 710 6.47 28.64 -35.89
CA GLN A 710 5.45 29.64 -36.19
C GLN A 710 5.52 30.85 -35.28
N GLY A 711 6.55 30.98 -34.47
CA GLY A 711 6.75 32.20 -33.71
C GLY A 711 6.10 32.23 -32.36
N VAL A 712 5.70 31.08 -31.83
CA VAL A 712 5.12 31.03 -30.50
C VAL A 712 6.24 31.13 -29.47
N SER A 713 6.07 32.01 -28.50
CA SER A 713 7.11 32.23 -27.51
C SER A 713 7.37 30.95 -26.73
N ASN A 714 8.47 30.94 -25.99
CA ASN A 714 8.75 29.78 -25.16
C ASN A 714 7.91 29.78 -23.89
N ALA A 715 7.56 30.96 -23.38
CA ALA A 715 6.83 31.05 -22.13
C ALA A 715 5.36 30.71 -22.32
N VAL A 716 4.82 30.95 -23.52
CA VAL A 716 3.42 30.61 -23.77
C VAL A 716 3.22 29.10 -23.69
N ILE A 717 4.23 28.32 -24.10
CA ILE A 717 4.16 26.87 -23.97
C ILE A 717 3.95 26.49 -22.51
N TRP A 718 4.80 27.02 -21.63
CA TRP A 718 4.73 26.64 -20.22
C TRP A 718 3.45 27.12 -19.57
N CYS A 719 3.02 28.35 -19.85
CA CYS A 719 1.77 28.84 -19.27
C CYS A 719 0.57 28.03 -19.73
N THR A 720 0.50 27.64 -21.01
CA THR A 720 -0.60 26.79 -21.42
C THR A 720 -0.55 25.44 -20.73
N TRP A 721 0.63 24.85 -20.59
CA TRP A 721 0.71 23.57 -19.89
C TRP A 721 0.21 23.71 -18.47
N PHE A 722 0.63 24.76 -17.77
CA PHE A 722 0.24 24.91 -16.38
C PHE A 722 -1.27 25.10 -16.24
N LEU A 723 -1.85 26.01 -17.03
CA LEU A 723 -3.29 26.22 -16.93
C LEU A 723 -4.07 24.98 -17.29
N ASP A 724 -3.67 24.28 -18.34
CA ASP A 724 -4.43 23.12 -18.78
C ASP A 724 -4.32 21.95 -17.81
N SER A 725 -3.18 21.80 -17.13
CA SER A 725 -3.05 20.78 -16.09
C SER A 725 -3.78 21.14 -14.81
N PHE A 726 -3.66 22.40 -14.38
CA PHE A 726 -4.33 22.87 -13.19
C PHE A 726 -5.83 22.77 -13.29
N SER A 727 -6.41 23.17 -14.43
CA SER A 727 -7.85 23.12 -14.59
C SER A 727 -8.40 21.70 -14.58
N ILE A 728 -7.59 20.69 -14.85
CA ILE A 728 -8.07 19.33 -14.80
C ILE A 728 -7.87 18.73 -13.42
N MET A 729 -6.75 19.03 -12.76
CA MET A 729 -6.59 18.52 -11.40
C MET A 729 -7.60 19.14 -10.45
N SER A 730 -7.95 20.40 -10.67
CA SER A 730 -8.87 21.10 -9.79
C SER A 730 -10.29 20.57 -9.83
N MET A 731 -10.64 19.73 -10.80
CA MET A 731 -11.98 19.15 -10.78
C MET A 731 -12.02 17.83 -10.03
N SER A 732 -10.99 17.00 -10.20
CA SER A 732 -10.90 15.81 -9.38
C SER A 732 -10.70 16.18 -7.92
N ILE A 733 -10.06 17.31 -7.63
CA ILE A 733 -9.95 17.77 -6.24
C ILE A 733 -11.34 17.98 -5.65
N PHE A 734 -12.19 18.66 -6.40
CA PHE A 734 -13.55 18.95 -5.94
C PHE A 734 -14.32 17.66 -5.69
N LEU A 735 -14.32 16.76 -6.68
CA LEU A 735 -15.06 15.53 -6.52
C LEU A 735 -14.53 14.71 -5.35
N LEU A 736 -13.21 14.68 -5.17
CA LEU A 736 -12.60 13.95 -4.07
C LEU A 736 -13.05 14.49 -2.73
N THR A 737 -13.07 15.81 -2.58
CA THR A 737 -13.51 16.38 -1.31
C THR A 737 -14.97 16.03 -1.04
N ILE A 738 -15.83 16.13 -2.08
CA ILE A 738 -17.24 15.81 -1.89
C ILE A 738 -17.41 14.37 -1.41
N PHE A 739 -16.71 13.44 -2.04
CA PHE A 739 -16.79 12.06 -1.57
C PHE A 739 -16.22 11.90 -0.16
N ILE A 740 -15.09 12.51 0.14
CA ILE A 740 -14.46 12.31 1.44
C ILE A 740 -15.42 12.74 2.55
N MET A 741 -16.08 13.87 2.36
CA MET A 741 -16.97 14.35 3.41
C MET A 741 -18.31 13.64 3.41
N HIS A 742 -19.04 13.66 2.30
CA HIS A 742 -20.37 13.06 2.30
C HIS A 742 -20.32 11.55 2.46
N GLY A 743 -19.15 10.95 2.34
CA GLY A 743 -19.02 9.54 2.62
C GLY A 743 -18.67 9.21 4.04
N ARG A 744 -18.58 10.22 4.89
CA ARG A 744 -18.34 10.03 6.32
C ARG A 744 -17.06 9.25 6.58
N ILE A 745 -15.99 9.60 5.88
CA ILE A 745 -14.68 9.15 6.35
C ILE A 745 -14.14 10.14 7.39
N LEU A 746 -14.23 11.43 7.09
CA LEU A 746 -14.03 12.48 8.08
C LEU A 746 -15.39 13.07 8.43
N HIS A 747 -15.68 13.20 9.72
CA HIS A 747 -16.98 13.69 10.16
C HIS A 747 -16.90 15.00 10.92
N TYR A 748 -15.75 15.35 11.47
CA TYR A 748 -15.63 16.52 12.34
C TYR A 748 -15.00 17.74 11.68
N SER A 749 -14.38 17.62 10.51
CA SER A 749 -13.48 18.63 10.02
C SER A 749 -14.21 19.69 9.20
N ASP A 750 -13.44 20.50 8.45
CA ASP A 750 -13.93 21.60 7.65
C ASP A 750 -13.70 21.28 6.18
N PRO A 751 -14.71 21.33 5.32
CA PRO A 751 -14.43 21.09 3.89
C PRO A 751 -13.46 22.08 3.28
N PHE A 752 -13.54 23.35 3.65
CA PHE A 752 -12.77 24.38 2.95
C PHE A 752 -11.27 24.19 3.16
N ILE A 753 -10.86 23.81 4.36
CA ILE A 753 -9.44 23.65 4.64
C ILE A 753 -8.88 22.43 3.92
N LEU A 754 -9.65 21.35 3.84
CA LEU A 754 -9.23 20.21 3.04
C LEU A 754 -9.07 20.59 1.57
N PHE A 755 -10.02 21.34 1.05
CA PHE A 755 -9.94 21.82 -0.33
C PHE A 755 -8.66 22.60 -0.56
N LEU A 756 -8.37 23.55 0.31
CA LEU A 756 -7.19 24.39 0.13
C LEU A 756 -5.89 23.59 0.25
N PHE A 757 -5.86 22.62 1.15
CA PHE A 757 -4.67 21.77 1.29
C PHE A 757 -4.42 20.98 0.02
N LEU A 758 -5.46 20.37 -0.55
CA LEU A 758 -5.27 19.62 -1.79
C LEU A 758 -4.89 20.55 -2.94
N LEU A 759 -5.37 21.79 -2.92
CA LEU A 759 -5.01 22.73 -3.97
C LEU A 759 -3.52 23.06 -3.94
N ALA A 760 -2.98 23.32 -2.76
CA ALA A 760 -1.55 23.55 -2.65
C ALA A 760 -0.77 22.34 -3.13
N PHE A 761 -1.24 21.14 -2.80
CA PHE A 761 -0.54 19.95 -3.29
C PHE A 761 -0.58 19.87 -4.81
N SER A 762 -1.71 20.23 -5.43
CA SER A 762 -1.78 20.19 -6.88
C SER A 762 -0.72 21.09 -7.49
N THR A 763 -0.58 22.30 -6.97
CA THR A 763 0.43 23.21 -7.51
C THR A 763 1.83 22.60 -7.39
N ALA A 764 2.16 22.05 -6.22
CA ALA A 764 3.48 21.47 -6.05
C ALA A 764 3.72 20.32 -7.02
N THR A 765 2.74 19.45 -7.19
CA THR A 765 2.93 18.27 -8.03
C THR A 765 3.08 18.66 -9.49
N ILE A 766 2.32 19.64 -9.95
CA ILE A 766 2.46 20.09 -11.33
C ILE A 766 3.86 20.61 -11.58
N MET A 767 4.37 21.43 -10.67
CA MET A 767 5.69 21.98 -10.96
C MET A 767 6.76 20.88 -10.85
N LEU A 768 6.51 19.85 -10.06
CA LEU A 768 7.41 18.70 -10.05
C LEU A 768 7.39 17.97 -11.39
N CYS A 769 6.22 17.83 -12.01
CA CYS A 769 6.15 17.20 -13.33
C CYS A 769 6.95 18.00 -14.35
N PHE A 770 6.85 19.33 -14.29
CA PHE A 770 7.65 20.16 -15.18
C PHE A 770 9.14 19.93 -14.95
N LEU A 771 9.55 19.79 -13.70
CA LEU A 771 10.95 19.53 -13.43
C LEU A 771 11.38 18.18 -13.98
N LEU A 772 10.54 17.16 -13.87
CA LEU A 772 10.94 15.83 -14.29
C LEU A 772 11.02 15.72 -15.81
N SER A 773 10.21 16.47 -16.53
CA SER A 773 10.18 16.28 -17.97
C SER A 773 11.43 16.76 -18.68
N THR A 774 12.28 17.54 -18.03
CA THR A 774 13.48 18.06 -18.67
C THR A 774 14.65 17.10 -18.60
N PHE A 775 14.49 15.95 -17.95
CA PHE A 775 15.56 14.97 -17.91
C PHE A 775 15.49 13.99 -19.07
N PHE A 776 14.31 13.76 -19.63
CA PHE A 776 14.09 12.71 -20.59
C PHE A 776 13.87 13.27 -21.98
N SER A 777 14.21 12.48 -22.98
CA SER A 777 13.93 12.81 -24.35
C SER A 777 13.00 11.84 -25.05
N LYS A 778 12.99 10.56 -24.66
CA LYS A 778 12.08 9.58 -25.23
C LYS A 778 10.90 9.37 -24.28
N ALA A 779 9.69 9.31 -24.83
CA ALA A 779 8.51 9.19 -23.99
C ALA A 779 8.48 7.87 -23.25
N SER A 780 8.89 6.79 -23.93
CA SER A 780 8.84 5.47 -23.31
C SER A 780 9.74 5.40 -22.10
N LEU A 781 10.80 6.19 -22.09
CA LEU A 781 11.73 6.22 -20.96
C LEU A 781 11.17 7.00 -19.79
N ALA A 782 10.39 8.05 -20.03
CA ALA A 782 9.77 8.82 -18.96
C ALA A 782 8.58 8.11 -18.35
N ALA A 783 7.81 7.37 -19.15
CA ALA A 783 6.72 6.58 -18.61
C ALA A 783 7.21 5.52 -17.63
N ALA A 784 8.46 5.10 -17.73
CA ALA A 784 9.00 4.04 -16.90
C ALA A 784 9.68 4.56 -15.64
N CYS A 785 9.82 5.87 -15.49
CA CYS A 785 10.55 6.43 -14.36
C CYS A 785 9.73 7.41 -13.54
N SER A 786 8.72 8.06 -14.13
CA SER A 786 8.00 9.10 -13.40
C SER A 786 7.26 8.57 -12.18
N GLY A 787 6.53 7.46 -12.30
CA GLY A 787 5.84 6.92 -11.15
C GLY A 787 6.78 6.43 -10.07
N VAL A 788 7.87 5.76 -10.46
CA VAL A 788 8.82 5.26 -9.49
C VAL A 788 9.46 6.40 -8.72
N ILE A 789 9.84 7.47 -9.41
CA ILE A 789 10.47 8.59 -8.70
C ILE A 789 9.47 9.31 -7.82
N TYR A 790 8.23 9.48 -8.29
CA TYR A 790 7.22 10.13 -7.48
C TYR A 790 6.98 9.38 -6.18
N PHE A 791 6.94 8.05 -6.24
CA PHE A 791 6.72 7.30 -5.02
C PHE A 791 7.98 7.07 -4.20
N THR A 792 9.17 7.23 -4.79
CA THR A 792 10.38 7.13 -3.99
C THR A 792 10.73 8.42 -3.28
N LEU A 793 10.14 9.53 -3.67
CA LEU A 793 10.32 10.74 -2.88
C LEU A 793 9.56 10.72 -1.57
N TYR A 794 8.70 9.73 -1.36
CA TYR A 794 7.88 9.60 -0.18
C TYR A 794 8.45 8.64 0.85
N LEU A 795 9.45 7.84 0.48
CA LEU A 795 9.96 6.81 1.36
C LEU A 795 10.45 7.31 2.72
N PRO A 796 11.06 8.49 2.86
CA PRO A 796 11.54 8.90 4.19
C PRO A 796 10.51 8.82 5.30
N HIS A 797 9.25 8.54 4.98
CA HIS A 797 8.26 8.30 6.01
C HIS A 797 8.34 6.91 6.60
N ILE A 798 9.31 6.11 6.20
CA ILE A 798 9.59 4.88 6.94
C ILE A 798 10.23 5.22 8.27
N LEU A 799 11.00 6.30 8.33
CA LEU A 799 11.71 6.63 9.56
C LEU A 799 10.76 7.04 10.69
N CYS A 800 9.49 7.27 10.40
CA CYS A 800 8.53 7.61 11.43
C CYS A 800 8.13 6.42 12.29
N PHE A 801 8.59 5.21 11.97
CA PHE A 801 8.29 4.06 12.80
C PHE A 801 9.25 3.94 13.97
N ALA A 802 10.54 4.01 13.70
CA ALA A 802 11.53 3.97 14.76
C ALA A 802 11.75 5.33 15.39
N TRP A 803 12.16 6.32 14.61
CA TRP A 803 12.45 7.63 15.17
C TRP A 803 11.18 8.40 15.46
N GLN A 804 10.21 7.77 16.11
CA GLN A 804 8.90 8.39 16.22
C GLN A 804 8.94 9.62 17.12
N ASP A 805 9.83 9.64 18.10
CA ASP A 805 9.87 10.72 19.05
C ASP A 805 11.14 11.53 19.02
N ARG A 806 12.16 11.08 18.29
CA ARG A 806 13.44 11.75 18.37
C ARG A 806 13.67 12.66 17.18
N MET A 807 12.59 13.10 16.53
CA MET A 807 12.65 14.05 15.43
C MET A 807 12.32 15.43 15.94
N THR A 808 12.76 16.44 15.20
CA THR A 808 12.65 17.82 15.65
C THR A 808 11.92 18.61 14.59
N ALA A 809 11.31 19.71 15.01
CA ALA A 809 10.61 20.56 14.04
C ALA A 809 11.57 21.10 13.00
N GLU A 810 12.82 21.34 13.37
CA GLU A 810 13.78 21.86 12.40
C GLU A 810 14.19 20.78 11.40
N LEU A 811 14.41 19.56 11.87
CA LEU A 811 14.68 18.47 10.94
C LEU A 811 13.44 18.13 10.13
N LYS A 812 12.26 18.23 10.73
CA LYS A 812 11.04 18.04 9.98
C LYS A 812 10.89 19.07 8.88
N LYS A 813 11.26 20.33 9.12
CA LYS A 813 11.31 21.32 8.05
C LYS A 813 12.34 20.98 6.99
N ALA A 814 13.52 20.49 7.38
CA ALA A 814 14.54 20.22 6.39
C ALA A 814 14.12 19.18 5.38
N VAL A 815 13.40 18.15 5.79
CA VAL A 815 13.00 17.08 4.89
C VAL A 815 11.75 17.41 4.10
N SER A 816 10.93 18.34 4.58
CA SER A 816 9.68 18.66 3.90
C SER A 816 9.88 19.41 2.60
N LEU A 817 11.12 19.62 2.17
CA LEU A 817 11.36 20.17 0.84
C LEU A 817 10.92 19.20 -0.25
N LEU A 818 10.90 17.91 0.06
CA LEU A 818 10.33 16.92 -0.83
C LEU A 818 8.82 16.96 -0.69
N SER A 819 8.10 17.32 -1.74
CA SER A 819 6.69 17.63 -1.56
C SER A 819 5.84 16.48 -1.00
N PRO A 820 5.99 15.23 -1.44
CA PRO A 820 5.15 14.17 -0.85
C PRO A 820 5.31 14.00 0.65
N VAL A 821 6.50 14.22 1.22
CA VAL A 821 6.60 14.04 2.66
C VAL A 821 5.89 15.15 3.39
N ALA A 822 5.88 16.37 2.85
CA ALA A 822 5.05 17.43 3.42
C ALA A 822 3.58 17.06 3.36
N PHE A 823 3.15 16.44 2.26
CA PHE A 823 1.78 15.96 2.19
C PHE A 823 1.50 14.97 3.32
N GLY A 824 2.41 14.05 3.57
CA GLY A 824 2.19 13.08 4.62
C GLY A 824 2.12 13.73 5.99
N PHE A 825 3.00 14.69 6.25
CA PHE A 825 2.96 15.41 7.53
C PHE A 825 1.62 16.09 7.74
N GLY A 826 1.08 16.72 6.72
CA GLY A 826 -0.23 17.32 6.86
C GLY A 826 -1.35 16.32 7.05
N THR A 827 -1.28 15.19 6.35
CA THR A 827 -2.35 14.21 6.46
C THR A 827 -2.40 13.57 7.85
N GLU A 828 -1.24 13.37 8.48
CA GLU A 828 -1.25 12.82 9.83
C GLU A 828 -2.02 13.72 10.80
N TYR A 829 -1.79 15.02 10.73
CA TYR A 829 -2.53 15.96 11.58
C TYR A 829 -4.01 15.93 11.25
N LEU A 830 -4.35 15.84 9.97
CA LEU A 830 -5.75 15.77 9.60
C LEU A 830 -6.44 14.59 10.27
N VAL A 831 -5.78 13.44 10.29
CA VAL A 831 -6.37 12.25 10.91
C VAL A 831 -6.40 12.38 12.43
N ARG A 832 -5.32 12.90 13.02
CA ARG A 832 -5.17 12.93 14.47
C ARG A 832 -6.09 13.91 15.14
N PHE A 833 -6.26 15.11 14.57
CA PHE A 833 -7.20 16.05 15.14
C PHE A 833 -8.59 15.47 15.19
N GLU A 834 -8.88 14.46 14.38
CA GLU A 834 -10.17 13.81 14.43
C GLU A 834 -10.21 12.63 15.39
N GLU A 835 -9.12 11.89 15.52
CA GLU A 835 -9.16 10.85 16.53
C GLU A 835 -9.12 11.42 17.94
N GLN A 836 -8.86 12.72 18.09
CA GLN A 836 -9.08 13.42 19.35
C GLN A 836 -10.40 14.18 19.38
N GLY A 837 -11.40 13.77 18.61
CA GLY A 837 -12.72 14.34 18.75
C GLY A 837 -12.88 15.78 18.31
N LEU A 838 -12.00 16.28 17.45
CA LEU A 838 -12.09 17.66 16.96
C LEU A 838 -11.86 17.63 15.45
N GLY A 839 -11.74 18.81 14.86
CA GLY A 839 -11.50 18.87 13.43
C GLY A 839 -10.26 19.65 13.08
N LEU A 840 -10.21 20.19 11.86
CA LEU A 840 -9.19 21.17 11.48
C LEU A 840 -9.76 22.56 11.38
N GLN A 841 -10.65 22.96 12.29
CA GLN A 841 -11.29 24.26 12.19
C GLN A 841 -10.25 25.38 12.08
N TRP A 842 -10.65 26.55 11.61
CA TRP A 842 -9.71 27.63 11.37
C TRP A 842 -8.99 28.08 12.61
N SER A 843 -9.28 27.51 13.77
CA SER A 843 -8.79 28.01 15.03
C SER A 843 -7.65 27.19 15.62
N ASN A 844 -7.34 26.03 15.06
CA ASN A 844 -6.26 25.22 15.61
C ASN A 844 -5.20 24.84 14.58
N ILE A 845 -5.22 25.43 13.40
CA ILE A 845 -4.09 25.32 12.48
C ILE A 845 -3.01 26.26 12.96
N GLY A 846 -1.79 25.75 13.12
CA GLY A 846 -0.74 26.47 13.80
C GLY A 846 -0.39 25.89 15.14
N ASN A 847 -1.20 24.98 15.68
CA ASN A 847 -0.95 24.35 16.95
C ASN A 847 -1.08 22.84 16.77
N SER A 848 -0.14 22.14 17.17
CA SER A 848 -0.16 20.70 16.95
C SER A 848 -0.96 19.99 18.04
N PRO A 849 -1.40 18.76 17.80
CA PRO A 849 -2.11 18.03 18.86
C PRO A 849 -1.18 17.35 19.84
N THR A 850 -0.02 16.90 19.39
CA THR A 850 0.89 16.21 20.29
C THR A 850 1.57 17.22 21.19
N GLU A 851 2.00 16.76 22.37
CA GLU A 851 2.52 17.63 23.40
C GLU A 851 3.93 18.08 23.07
N GLY A 852 4.15 19.39 23.06
CA GLY A 852 5.48 19.94 22.95
C GLY A 852 6.21 19.68 21.64
N ASP A 853 5.54 19.84 20.51
CA ASP A 853 6.20 19.78 19.22
C ASP A 853 5.71 20.92 18.35
N GLU A 854 6.62 21.50 17.60
CA GLU A 854 6.28 22.52 16.63
C GLU A 854 5.99 21.83 15.29
N PHE A 855 5.93 22.59 14.21
CA PHE A 855 5.58 22.06 12.90
C PHE A 855 4.14 21.53 12.90
N SER A 856 3.23 22.49 12.84
CA SER A 856 1.81 22.25 12.72
C SER A 856 1.39 21.98 11.29
N PHE A 857 0.07 21.97 11.07
CA PHE A 857 -0.52 21.78 9.74
C PHE A 857 -0.17 22.94 8.82
N LEU A 858 -0.21 24.16 9.35
CA LEU A 858 0.08 25.33 8.52
C LEU A 858 1.50 25.28 7.99
N LEU A 859 2.45 24.70 8.72
CA LEU A 859 3.80 24.64 8.19
C LEU A 859 3.89 23.69 7.01
N SER A 860 3.17 22.57 7.04
CA SER A 860 3.14 21.71 5.86
C SER A 860 2.53 22.44 4.68
N MET A 861 1.38 23.09 4.89
CA MET A 861 0.76 23.83 3.80
C MET A 861 1.68 24.90 3.25
N GLN A 862 2.41 25.59 4.11
CA GLN A 862 3.25 26.71 3.72
C GLN A 862 4.55 26.26 3.08
N MET A 863 5.04 25.09 3.43
CA MET A 863 6.27 24.57 2.87
C MET A 863 6.02 23.74 1.61
N MET A 864 4.76 23.51 1.27
CA MET A 864 4.46 23.02 -0.08
C MET A 864 4.68 24.12 -1.13
N LEU A 865 4.31 25.36 -0.82
CA LEU A 865 4.43 26.44 -1.80
C LEU A 865 5.88 26.81 -2.05
N LEU A 866 6.74 26.72 -1.04
CA LEU A 866 8.15 26.94 -1.25
C LEU A 866 8.71 25.96 -2.25
N ASP A 867 8.32 24.68 -2.11
CA ASP A 867 8.75 23.67 -3.06
C ASP A 867 8.20 23.92 -4.44
N ALA A 868 6.94 24.36 -4.55
CA ALA A 868 6.42 24.74 -5.86
C ALA A 868 7.32 25.76 -6.54
N ALA A 869 7.64 26.84 -5.84
CA ALA A 869 8.46 27.88 -6.43
C ALA A 869 9.85 27.36 -6.81
N VAL A 870 10.49 26.61 -5.91
CA VAL A 870 11.84 26.12 -6.18
C VAL A 870 11.85 25.17 -7.37
N TYR A 871 10.91 24.23 -7.41
CA TYR A 871 10.85 23.28 -8.51
C TYR A 871 10.66 23.98 -9.83
N GLY A 872 9.72 24.94 -9.88
CA GLY A 872 9.49 25.63 -11.13
C GLY A 872 10.69 26.43 -11.60
N LEU A 873 11.32 27.15 -10.68
CA LEU A 873 12.46 27.96 -11.06
C LEU A 873 13.58 27.10 -11.61
N LEU A 874 13.87 25.99 -10.93
CA LEU A 874 14.93 25.11 -11.40
C LEU A 874 14.58 24.47 -12.74
N ALA A 875 13.31 24.11 -12.95
CA ALA A 875 12.92 23.56 -14.23
C ALA A 875 13.14 24.56 -15.35
N TRP A 876 12.76 25.82 -15.12
CA TRP A 876 12.97 26.84 -16.14
C TRP A 876 14.45 26.97 -16.48
N TYR A 877 15.31 26.99 -15.47
CA TYR A 877 16.74 27.12 -15.79
C TYR A 877 17.25 25.91 -16.52
N LEU A 878 16.92 24.72 -16.04
CA LEU A 878 17.51 23.50 -16.55
C LEU A 878 17.00 23.14 -17.94
N ASP A 879 15.86 23.72 -18.34
CA ASP A 879 15.37 23.58 -19.71
C ASP A 879 16.33 24.22 -20.71
N GLN A 880 16.80 25.43 -20.43
CA GLN A 880 17.65 26.15 -21.37
C GLN A 880 18.97 25.43 -21.60
N VAL A 881 19.52 24.83 -20.56
CA VAL A 881 20.88 24.30 -20.64
C VAL A 881 20.93 22.90 -21.22
N PHE A 882 19.90 22.09 -21.05
CA PHE A 882 19.87 20.72 -21.56
C PHE A 882 18.62 20.52 -22.42
N PRO A 883 18.56 21.15 -23.59
CA PRO A 883 17.51 20.78 -24.54
C PRO A 883 17.96 19.62 -25.39
N GLY A 884 17.86 18.42 -24.84
CA GLY A 884 18.37 17.25 -25.52
C GLY A 884 17.74 16.98 -26.87
N ASP A 885 18.60 16.76 -27.87
CA ASP A 885 18.25 16.07 -29.10
C ASP A 885 17.44 16.87 -30.10
N TYR A 886 16.98 18.08 -29.74
CA TYR A 886 16.27 18.94 -30.69
C TYR A 886 16.38 20.37 -30.18
N GLY A 887 17.38 21.09 -30.66
CA GLY A 887 17.55 22.47 -30.26
C GLY A 887 18.96 22.78 -29.82
N THR A 888 19.27 24.06 -29.67
CA THR A 888 20.62 24.50 -29.37
C THR A 888 20.76 24.78 -27.88
N PRO A 889 21.69 24.15 -27.18
CA PRO A 889 21.92 24.48 -25.77
C PRO A 889 22.49 25.89 -25.62
N LEU A 890 22.40 26.37 -24.44
CA LEU A 890 23.04 27.57 -23.95
C LEU A 890 24.24 27.19 -23.10
N PRO A 891 25.22 28.07 -22.94
CA PRO A 891 26.29 27.79 -21.98
C PRO A 891 25.74 27.80 -20.57
N TRP A 892 26.37 27.05 -19.68
CA TRP A 892 25.84 26.94 -18.33
C TRP A 892 25.79 28.27 -17.58
N TYR A 893 26.25 29.37 -18.16
CA TYR A 893 26.29 30.67 -17.51
C TYR A 893 25.62 31.74 -18.36
N PHE A 894 24.50 31.41 -18.98
CA PHE A 894 23.90 32.32 -19.96
C PHE A 894 23.22 33.52 -19.32
N LEU A 895 23.43 33.77 -18.03
CA LEU A 895 22.81 34.87 -17.32
C LEU A 895 23.71 36.09 -17.21
N LEU A 896 24.56 36.33 -18.21
CA LEU A 896 25.34 37.55 -18.32
C LEU A 896 24.68 38.55 -19.27
N GLN A 897 23.48 38.23 -19.75
CA GLN A 897 22.54 39.19 -20.34
C GLN A 897 23.13 39.90 -21.57
N GLU A 898 23.23 39.11 -22.64
CA GLU A 898 23.58 39.64 -23.95
C GLU A 898 22.58 40.68 -24.46
N SER A 899 21.32 40.59 -24.04
CA SER A 899 20.27 41.46 -24.58
C SER A 899 20.23 42.81 -23.88
N ASP A 936 36.02 24.04 -67.14
CA ASP A 936 36.04 25.48 -66.88
C ASP A 936 35.55 25.78 -65.47
N SER A 937 35.18 27.03 -65.24
CA SER A 937 34.66 27.43 -63.93
C SER A 937 33.31 26.78 -63.66
N PHE A 938 33.07 26.42 -62.41
CA PHE A 938 31.79 25.84 -62.01
C PHE A 938 30.81 26.85 -61.42
N PHE A 939 31.29 27.81 -60.63
CA PHE A 939 30.42 28.72 -59.91
C PHE A 939 30.22 30.00 -60.71
N GLU A 940 28.96 30.42 -60.86
CA GLU A 940 28.68 31.63 -61.62
C GLU A 940 29.18 32.86 -60.88
N ARG A 941 29.59 33.86 -61.65
CA ARG A 941 30.01 35.15 -61.10
C ARG A 941 28.85 35.80 -60.36
N GLU A 942 29.13 36.33 -59.18
CA GLU A 942 28.09 36.93 -58.37
C GLU A 942 27.72 38.30 -58.89
N HIS A 943 26.47 38.45 -59.31
CA HIS A 943 25.94 39.77 -59.65
C HIS A 943 25.95 40.64 -58.40
N PRO A 944 26.47 41.87 -58.48
CA PRO A 944 26.50 42.75 -57.30
C PRO A 944 25.17 43.41 -57.00
N GLY A 945 24.09 42.83 -57.53
CA GLY A 945 22.80 43.45 -57.47
C GLY A 945 21.96 43.06 -56.27
N TRP A 946 21.04 42.10 -56.46
CA TRP A 946 19.75 42.12 -55.80
C TRP A 946 19.79 42.35 -54.29
N VAL A 947 20.22 41.34 -53.54
CA VAL A 947 20.62 41.39 -52.14
C VAL A 947 20.85 39.93 -51.75
N PRO A 948 21.66 39.62 -50.76
CA PRO A 948 21.62 38.25 -50.21
C PRO A 948 20.62 38.12 -49.08
N GLY A 949 19.88 37.02 -49.07
CA GLY A 949 19.03 36.68 -47.94
C GLY A 949 19.78 35.74 -47.01
N VAL A 950 19.39 34.47 -47.00
CA VAL A 950 20.11 33.48 -46.20
C VAL A 950 21.53 33.34 -46.70
N CYS A 951 22.48 33.24 -45.78
CA CYS A 951 23.90 33.12 -46.09
C CYS A 951 24.46 31.99 -45.25
N VAL A 952 25.29 31.15 -45.84
CA VAL A 952 25.95 30.04 -45.13
C VAL A 952 27.45 30.22 -45.25
N LYS A 953 28.18 29.90 -44.19
CA LYS A 953 29.61 30.20 -44.14
C LYS A 953 30.35 29.07 -43.43
N ASN A 954 30.80 28.08 -44.20
CA ASN A 954 31.78 27.09 -43.74
C ASN A 954 31.22 26.16 -42.67
N LEU A 955 30.08 25.53 -42.96
CA LEU A 955 29.51 24.56 -42.02
C LEU A 955 30.30 23.26 -41.97
N VAL A 956 30.18 22.59 -40.83
CA VAL A 956 30.58 21.20 -40.66
C VAL A 956 29.58 20.57 -39.69
N LYS A 957 29.16 19.35 -39.97
CA LYS A 957 28.30 18.64 -39.03
C LYS A 957 28.76 17.18 -38.97
N ILE A 958 29.43 16.81 -37.89
CA ILE A 958 29.96 15.47 -37.71
C ILE A 958 29.00 14.73 -36.81
N PHE A 959 28.53 13.57 -37.25
CA PHE A 959 27.68 12.73 -36.41
C PHE A 959 28.56 11.69 -35.73
N GLU A 960 28.37 11.52 -34.42
CA GLU A 960 29.37 10.83 -33.62
C GLU A 960 29.62 9.40 -34.06
N PRO A 961 28.62 8.53 -34.21
CA PRO A 961 28.93 7.14 -34.56
C PRO A 961 29.50 6.99 -35.96
N CYS A 962 28.84 7.60 -36.94
CA CYS A 962 29.21 7.36 -38.33
C CYS A 962 30.63 7.81 -38.61
N GLY A 963 31.03 8.96 -38.07
CA GLY A 963 32.39 9.44 -38.20
C GLY A 963 32.63 10.39 -39.35
N ARG A 964 32.16 10.02 -40.55
CA ARG A 964 32.37 10.86 -41.72
C ARG A 964 31.53 12.12 -41.65
N PRO A 965 32.02 13.22 -42.21
CA PRO A 965 31.25 14.49 -42.18
C PRO A 965 30.02 14.41 -43.07
N ALA A 966 28.85 14.57 -42.46
CA ALA A 966 27.63 14.63 -43.25
C ALA A 966 27.57 15.90 -44.07
N VAL A 967 28.18 16.98 -43.57
CA VAL A 967 28.29 18.25 -44.29
C VAL A 967 29.69 18.77 -44.05
N ASP A 968 30.35 19.28 -45.09
CA ASP A 968 31.78 19.57 -45.05
C ASP A 968 32.12 20.87 -45.77
N ARG A 969 32.04 22.00 -45.06
CA ARG A 969 32.45 23.31 -45.56
C ARG A 969 31.61 23.77 -46.74
N LEU A 970 30.36 24.11 -46.46
CA LEU A 970 29.49 24.75 -47.44
C LEU A 970 29.74 26.24 -47.50
N ASN A 971 29.45 26.82 -48.67
CA ASN A 971 29.48 28.28 -48.85
C ASN A 971 28.45 28.60 -49.92
N ILE A 972 27.25 28.97 -49.48
CA ILE A 972 26.15 29.26 -50.39
C ILE A 972 25.52 30.56 -49.95
N THR A 973 24.88 31.26 -50.89
CA THR A 973 24.04 32.39 -50.56
C THR A 973 22.75 32.29 -51.36
N PHE A 974 21.63 32.57 -50.72
CA PHE A 974 20.33 32.51 -51.38
C PHE A 974 19.76 33.91 -51.44
N TYR A 975 19.74 34.50 -52.62
CA TYR A 975 19.36 35.88 -52.81
C TYR A 975 17.85 36.04 -52.72
N GLU A 976 17.41 37.28 -52.54
CA GLU A 976 16.08 37.55 -52.04
C GLU A 976 14.94 37.07 -52.92
N ASN A 977 14.71 37.73 -54.04
CA ASN A 977 13.40 37.66 -54.67
C ASN A 977 13.40 36.63 -55.81
N GLN A 978 13.63 35.37 -55.44
CA GLN A 978 13.72 34.32 -56.43
C GLN A 978 13.56 32.97 -55.74
N ILE A 979 13.46 31.93 -56.56
CA ILE A 979 13.36 30.55 -56.11
C ILE A 979 14.67 29.86 -56.43
N THR A 980 15.24 29.17 -55.46
CA THR A 980 16.42 28.35 -55.69
C THR A 980 16.06 26.88 -55.58
N ALA A 981 16.74 26.07 -56.39
CA ALA A 981 16.56 24.63 -56.40
C ALA A 981 17.85 24.02 -55.89
N PHE A 982 17.72 23.02 -55.02
CA PHE A 982 18.84 22.58 -54.20
C PHE A 982 19.00 21.07 -54.35
N LEU A 983 19.76 20.67 -55.36
CA LEU A 983 19.82 19.32 -55.89
C LEU A 983 21.02 18.56 -55.36
N GLY A 984 20.93 17.24 -55.42
CA GLY A 984 22.04 16.38 -55.02
C GLY A 984 21.61 14.94 -55.10
N HIS A 985 22.54 14.05 -54.76
CA HIS A 985 22.22 12.63 -54.66
C HIS A 985 21.62 12.38 -53.28
N ASN A 986 21.51 11.11 -52.86
CA ASN A 986 20.77 10.83 -51.64
C ASN A 986 21.54 11.19 -50.38
N GLY A 987 22.68 10.56 -50.13
CA GLY A 987 23.37 10.89 -48.90
C GLY A 987 24.17 12.18 -48.98
N ALA A 988 23.54 13.26 -49.44
CA ALA A 988 24.26 14.50 -49.73
C ALA A 988 24.37 15.42 -48.52
N GLY A 989 23.24 15.81 -47.94
CA GLY A 989 23.24 16.77 -46.87
C GLY A 989 22.19 17.82 -47.08
N LYS A 990 21.18 17.52 -47.88
CA LYS A 990 20.16 18.51 -48.21
C LYS A 990 19.21 18.74 -47.06
N THR A 991 18.89 17.70 -46.29
CA THR A 991 18.05 17.86 -45.12
C THR A 991 18.85 18.17 -43.88
N THR A 992 20.06 17.62 -43.76
CA THR A 992 20.91 18.00 -42.65
C THR A 992 21.25 19.48 -42.68
N THR A 993 21.42 20.06 -43.87
CA THR A 993 21.66 21.49 -44.00
C THR A 993 20.43 22.32 -43.70
N LEU A 994 19.26 21.90 -44.15
CA LEU A 994 18.05 22.67 -43.91
C LEU A 994 17.48 22.46 -42.52
N SER A 995 17.99 21.49 -41.77
CA SER A 995 17.70 21.43 -40.34
C SER A 995 18.55 22.40 -39.54
N ILE A 996 19.64 22.89 -40.12
CA ILE A 996 20.52 23.82 -39.42
C ILE A 996 20.11 25.26 -39.65
N LEU A 997 19.60 25.58 -40.83
CA LEU A 997 19.07 26.90 -41.11
C LEU A 997 17.85 27.24 -40.27
N THR A 998 17.42 26.34 -39.40
CA THR A 998 16.14 26.50 -38.72
C THR A 998 16.19 26.20 -37.23
N GLY A 999 17.30 25.69 -36.72
CA GLY A 999 17.42 25.45 -35.31
C GLY A 999 17.01 24.09 -34.83
N LEU A 1000 16.77 23.14 -35.74
CA LEU A 1000 16.54 21.77 -35.30
C LEU A 1000 17.80 21.12 -34.75
N LEU A 1001 18.96 21.45 -35.30
CA LEU A 1001 20.13 20.83 -34.73
C LEU A 1001 21.36 21.70 -34.89
N PRO A 1002 22.27 21.69 -33.92
CA PRO A 1002 23.36 22.65 -33.90
C PRO A 1002 24.52 22.18 -34.76
N PRO A 1003 25.25 23.12 -35.37
CA PRO A 1003 26.37 22.74 -36.21
C PRO A 1003 27.62 22.47 -35.38
N THR A 1004 28.56 21.76 -35.99
CA THR A 1004 29.86 21.60 -35.36
C THR A 1004 30.71 22.86 -35.53
N SER A 1005 30.51 23.61 -36.60
CA SER A 1005 31.31 24.80 -36.87
C SER A 1005 30.58 25.65 -37.89
N GLY A 1006 31.11 26.84 -38.13
CA GLY A 1006 30.54 27.74 -39.12
C GLY A 1006 29.36 28.52 -38.59
N THR A 1007 28.86 29.42 -39.43
CA THR A 1007 27.73 30.27 -39.06
C THR A 1007 26.75 30.35 -40.22
N VAL A 1008 25.52 30.74 -39.91
CA VAL A 1008 24.54 31.09 -40.93
C VAL A 1008 23.97 32.45 -40.55
N LEU A 1009 23.32 33.08 -41.52
CA LEU A 1009 22.78 34.43 -41.32
C LEU A 1009 21.49 34.56 -42.12
N VAL A 1010 20.37 34.74 -41.44
CA VAL A 1010 19.10 34.84 -42.16
C VAL A 1010 18.87 36.26 -42.67
N GLY A 1011 18.99 37.25 -41.80
CA GLY A 1011 18.85 38.61 -42.24
C GLY A 1011 20.11 39.38 -41.93
N GLY A 1012 21.24 38.72 -42.06
CA GLY A 1012 22.49 39.25 -41.56
C GLY A 1012 22.68 39.04 -40.07
N ARG A 1013 21.75 38.39 -39.40
CA ARG A 1013 21.81 38.15 -37.97
C ARG A 1013 22.02 36.65 -37.74
N ASP A 1014 23.13 36.28 -37.13
CA ASP A 1014 23.46 34.88 -37.04
C ASP A 1014 22.53 34.18 -36.05
N ILE A 1015 22.12 32.96 -36.40
CA ILE A 1015 21.20 32.21 -35.56
C ILE A 1015 21.85 31.69 -34.30
N GLU A 1016 23.18 31.75 -34.18
CA GLU A 1016 23.80 31.31 -32.95
C GLU A 1016 23.40 32.16 -31.76
N THR A 1017 22.84 33.34 -32.01
CA THR A 1017 22.41 34.23 -30.94
C THR A 1017 21.00 34.76 -31.11
N SER A 1018 20.41 34.74 -32.29
CA SER A 1018 19.20 35.51 -32.53
C SER A 1018 18.13 34.67 -33.22
N LEU A 1019 17.92 33.44 -32.75
CA LEU A 1019 16.82 32.65 -33.29
C LEU A 1019 15.47 33.26 -33.01
N ASP A 1020 15.30 33.94 -31.87
CA ASP A 1020 13.99 34.44 -31.52
C ASP A 1020 13.47 35.42 -32.55
N ALA A 1021 14.34 36.30 -33.05
CA ALA A 1021 13.94 37.27 -34.07
C ALA A 1021 13.83 36.62 -35.44
N VAL A 1022 14.68 35.64 -35.74
CA VAL A 1022 14.63 34.97 -37.03
C VAL A 1022 13.33 34.21 -37.19
N ARG A 1023 12.90 33.50 -36.15
CA ARG A 1023 11.69 32.69 -36.22
C ARG A 1023 10.43 33.52 -36.37
N GLN A 1024 10.50 34.83 -36.18
CA GLN A 1024 9.31 35.64 -36.27
C GLN A 1024 8.77 35.72 -37.68
N SER A 1025 9.61 35.46 -38.67
CA SER A 1025 9.19 35.46 -40.08
C SER A 1025 9.71 34.23 -40.81
N LEU A 1026 9.27 33.04 -40.46
CA LEU A 1026 9.72 31.80 -41.07
C LEU A 1026 8.54 30.95 -41.50
N GLY A 1027 8.80 30.06 -42.44
CA GLY A 1027 7.86 29.01 -42.77
C GLY A 1027 8.64 27.78 -43.18
N MET A 1028 8.05 26.61 -42.92
CA MET A 1028 8.82 25.41 -43.19
C MET A 1028 7.90 24.22 -43.40
N CYS A 1029 8.25 23.33 -44.33
CA CYS A 1029 7.70 22.00 -44.32
C CYS A 1029 8.84 21.00 -44.31
N PRO A 1030 8.76 19.97 -43.49
CA PRO A 1030 9.87 19.01 -43.40
C PRO A 1030 9.71 17.87 -44.38
N GLN A 1031 10.68 16.97 -44.46
CA GLN A 1031 10.61 15.93 -45.47
C GLN A 1031 9.49 14.93 -45.15
N HIS A 1032 9.29 14.63 -43.87
CA HIS A 1032 8.26 13.69 -43.46
C HIS A 1032 7.19 14.43 -42.66
N ASN A 1033 5.95 14.02 -42.85
CA ASN A 1033 4.80 14.80 -42.41
C ASN A 1033 4.69 14.81 -40.89
N ILE A 1034 4.33 15.96 -40.33
CA ILE A 1034 4.03 16.09 -38.90
C ILE A 1034 2.79 16.97 -38.76
N LEU A 1035 1.67 16.36 -38.37
CA LEU A 1035 0.38 17.01 -38.29
C LEU A 1035 -0.33 16.56 -37.02
N PHE A 1036 -1.19 17.41 -36.48
CA PHE A 1036 -2.00 17.03 -35.31
C PHE A 1036 -3.07 16.07 -35.77
N HIS A 1037 -2.82 14.77 -35.57
CA HIS A 1037 -3.53 13.75 -36.31
C HIS A 1037 -5.00 13.61 -35.95
N HIS A 1038 -5.55 14.46 -35.09
CA HIS A 1038 -6.98 14.38 -34.79
C HIS A 1038 -7.73 15.65 -35.12
N LEU A 1039 -7.07 16.71 -35.54
CA LEU A 1039 -7.76 17.91 -36.00
C LEU A 1039 -8.31 17.67 -37.39
N THR A 1040 -8.63 18.75 -38.08
CA THR A 1040 -9.23 18.70 -39.40
C THR A 1040 -8.38 19.55 -40.35
N VAL A 1041 -8.61 19.39 -41.64
CA VAL A 1041 -7.92 20.22 -42.62
C VAL A 1041 -8.24 21.69 -42.41
N ALA A 1042 -9.54 22.00 -42.33
CA ALA A 1042 -9.93 23.38 -42.11
C ALA A 1042 -9.38 23.91 -40.80
N GLU A 1043 -9.39 23.09 -39.76
CA GLU A 1043 -8.90 23.54 -38.47
C GLU A 1043 -7.39 23.75 -38.46
N HIS A 1044 -6.64 22.92 -39.17
CA HIS A 1044 -5.21 23.18 -39.30
C HIS A 1044 -4.97 24.55 -39.92
N MET A 1045 -5.68 24.83 -41.01
CA MET A 1045 -5.43 26.08 -41.71
C MET A 1045 -5.98 27.29 -40.98
N LEU A 1046 -7.03 27.12 -40.20
CA LEU A 1046 -7.60 28.18 -39.39
C LEU A 1046 -6.85 28.39 -38.09
N PHE A 1047 -6.01 27.46 -37.69
CA PHE A 1047 -5.19 27.60 -36.51
C PHE A 1047 -3.84 28.23 -36.82
N TYR A 1048 -3.13 27.73 -37.82
CA TYR A 1048 -1.83 28.30 -38.15
C TYR A 1048 -1.94 29.71 -38.68
N ALA A 1049 -3.05 30.05 -39.32
CA ALA A 1049 -3.22 31.39 -39.86
C ALA A 1049 -3.35 32.42 -38.75
N GLN A 1050 -4.02 32.08 -37.66
CA GLN A 1050 -4.18 32.99 -36.55
C GLN A 1050 -3.00 33.01 -35.59
N LEU A 1051 -2.23 31.92 -35.51
CA LEU A 1051 -1.03 31.99 -34.67
C LEU A 1051 -0.09 33.09 -35.14
N LYS A 1052 0.04 33.27 -36.46
CA LYS A 1052 0.85 34.36 -36.98
C LYS A 1052 0.26 35.70 -36.58
N GLY A 1053 -1.05 35.76 -36.37
CA GLY A 1053 -1.74 36.97 -36.01
C GLY A 1053 -2.59 37.49 -37.15
N LYS A 1054 -3.87 37.16 -37.11
CA LYS A 1054 -4.81 37.61 -38.14
C LYS A 1054 -6.21 37.60 -37.54
N SER A 1055 -7.10 38.36 -38.16
CA SER A 1055 -8.49 38.34 -37.73
C SER A 1055 -9.14 37.03 -38.14
N GLN A 1056 -10.22 36.68 -37.45
CA GLN A 1056 -10.84 35.39 -37.68
C GLN A 1056 -11.51 35.32 -39.05
N GLU A 1057 -12.17 36.39 -39.48
CA GLU A 1057 -12.82 36.38 -40.78
C GLU A 1057 -11.81 36.42 -41.93
N GLU A 1058 -10.72 37.18 -41.76
CA GLU A 1058 -9.67 37.15 -42.76
C GLU A 1058 -9.04 35.78 -42.86
N ALA A 1059 -8.91 35.09 -41.72
CA ALA A 1059 -8.47 33.70 -41.76
C ALA A 1059 -9.44 32.84 -42.52
N GLN A 1060 -10.75 33.07 -42.34
CA GLN A 1060 -11.74 32.36 -43.14
C GLN A 1060 -11.49 32.57 -44.62
N LEU A 1061 -11.27 33.81 -45.03
CA LEU A 1061 -11.06 34.10 -46.44
C LEU A 1061 -9.82 33.40 -46.98
N GLU A 1062 -8.71 33.50 -46.26
CA GLU A 1062 -7.47 32.89 -46.75
C GLU A 1062 -7.56 31.37 -46.81
N MET A 1063 -8.18 30.75 -45.80
CA MET A 1063 -8.37 29.30 -45.84
C MET A 1063 -9.25 28.91 -47.02
N GLU A 1064 -10.33 29.66 -47.25
CA GLU A 1064 -11.23 29.34 -48.35
C GLU A 1064 -10.50 29.42 -49.69
N ALA A 1065 -9.62 30.41 -49.85
CA ALA A 1065 -8.87 30.50 -51.09
C ALA A 1065 -7.91 29.32 -51.24
N MET A 1066 -7.12 29.05 -50.20
CA MET A 1066 -6.05 28.08 -50.34
C MET A 1066 -6.57 26.66 -50.44
N LEU A 1067 -7.74 26.38 -49.86
CA LEU A 1067 -8.33 25.05 -50.02
C LEU A 1067 -8.51 24.71 -51.49
N GLU A 1068 -9.16 25.59 -52.24
CA GLU A 1068 -9.33 25.38 -53.67
C GLU A 1068 -7.98 25.40 -54.39
N ASP A 1069 -7.11 26.34 -54.02
CA ASP A 1069 -5.84 26.46 -54.72
C ASP A 1069 -4.99 25.21 -54.60
N THR A 1070 -5.13 24.44 -53.53
CA THR A 1070 -4.30 23.27 -53.32
C THR A 1070 -4.98 21.97 -53.69
N GLY A 1071 -6.26 22.00 -54.04
CA GLY A 1071 -6.94 20.78 -54.40
C GLY A 1071 -7.48 19.99 -53.24
N LEU A 1072 -7.48 20.55 -52.04
CA LEU A 1072 -7.92 19.86 -50.84
C LEU A 1072 -9.35 20.15 -50.47
N HIS A 1073 -10.08 20.90 -51.29
CA HIS A 1073 -11.52 21.01 -51.07
C HIS A 1073 -12.15 19.65 -51.27
N HIS A 1074 -13.41 19.54 -50.84
CA HIS A 1074 -14.17 18.28 -50.78
C HIS A 1074 -13.68 17.42 -49.63
N LYS A 1075 -12.60 17.79 -48.97
CA LYS A 1075 -12.33 17.12 -47.72
C LYS A 1075 -12.72 18.00 -46.55
N ARG A 1076 -11.93 19.04 -46.28
CA ARG A 1076 -12.31 20.20 -45.47
C ARG A 1076 -12.90 19.83 -44.12
N ASN A 1077 -13.18 18.56 -43.90
CA ASN A 1077 -13.86 18.10 -42.71
C ASN A 1077 -13.34 16.74 -42.26
N GLU A 1078 -12.31 16.21 -42.91
CA GLU A 1078 -11.78 14.91 -42.55
C GLU A 1078 -10.57 15.10 -41.65
N GLU A 1079 -10.40 14.18 -40.70
CA GLU A 1079 -9.28 14.28 -39.81
C GLU A 1079 -7.98 14.08 -40.57
N ALA A 1080 -6.92 14.68 -40.08
CA ALA A 1080 -5.64 14.58 -40.75
C ALA A 1080 -5.05 13.18 -40.69
N GLN A 1081 -5.81 12.19 -40.22
CA GLN A 1081 -5.39 10.80 -40.23
C GLN A 1081 -6.18 9.96 -41.23
N ASP A 1082 -7.25 10.51 -41.80
CA ASP A 1082 -8.04 9.85 -42.81
C ASP A 1082 -7.70 10.33 -44.21
N LEU A 1083 -6.57 11.01 -44.36
CA LEU A 1083 -6.07 11.42 -45.65
C LEU A 1083 -5.18 10.33 -46.21
N SER A 1084 -4.67 10.48 -47.42
CA SER A 1084 -4.07 9.36 -48.10
C SER A 1084 -2.55 9.28 -47.98
N GLY A 1085 -1.83 10.38 -48.16
CA GLY A 1085 -0.38 10.37 -48.20
C GLY A 1085 0.18 11.26 -49.27
N GLY A 1086 -0.63 11.60 -50.26
CA GLY A 1086 -0.31 12.68 -51.16
C GLY A 1086 -1.04 13.91 -50.70
N MET A 1087 -2.26 13.74 -50.19
CA MET A 1087 -2.97 14.89 -49.65
C MET A 1087 -2.33 15.40 -48.37
N GLN A 1088 -1.74 14.51 -47.56
CA GLN A 1088 -1.03 14.99 -46.39
C GLN A 1088 0.17 15.83 -46.79
N ARG A 1089 0.95 15.35 -47.76
CA ARG A 1089 2.08 16.12 -48.27
C ARG A 1089 1.63 17.41 -48.91
N LYS A 1090 0.39 17.47 -49.37
CA LYS A 1090 -0.11 18.66 -50.03
C LYS A 1090 -0.55 19.70 -49.00
N LEU A 1091 -1.22 19.26 -47.94
CA LEU A 1091 -1.55 20.11 -46.80
C LEU A 1091 -0.31 20.66 -46.10
N SER A 1092 0.70 19.82 -45.95
CA SER A 1092 1.92 20.23 -45.29
C SER A 1092 2.62 21.35 -46.03
N VAL A 1093 2.39 21.48 -47.34
CA VAL A 1093 2.89 22.62 -48.09
C VAL A 1093 1.94 23.80 -47.99
N ALA A 1094 0.64 23.54 -48.04
CA ALA A 1094 -0.32 24.63 -47.96
C ALA A 1094 -0.12 25.44 -46.69
N ILE A 1095 0.07 24.78 -45.56
CA ILE A 1095 0.22 25.52 -44.30
C ILE A 1095 1.62 26.06 -44.10
N ALA A 1096 2.48 26.02 -45.10
CA ALA A 1096 3.76 26.72 -45.01
C ALA A 1096 3.71 28.11 -45.59
N PHE A 1097 2.75 28.38 -46.47
CA PHE A 1097 2.57 29.68 -47.07
C PHE A 1097 1.50 30.51 -46.38
N VAL A 1098 0.61 29.89 -45.62
CA VAL A 1098 -0.41 30.62 -44.90
C VAL A 1098 0.26 31.50 -43.85
N GLY A 1099 -0.43 32.56 -43.45
CA GLY A 1099 0.23 33.58 -42.67
C GLY A 1099 1.02 34.43 -43.62
N ASP A 1100 2.24 34.81 -43.25
CA ASP A 1100 3.10 35.53 -44.18
C ASP A 1100 4.52 35.42 -43.65
N ALA A 1101 5.33 34.61 -44.30
CA ALA A 1101 6.73 34.51 -43.95
C ALA A 1101 7.56 35.32 -44.93
N LYS A 1102 8.82 35.53 -44.57
CA LYS A 1102 9.77 36.21 -45.43
C LYS A 1102 10.83 35.27 -45.97
N VAL A 1103 11.14 34.21 -45.25
CA VAL A 1103 12.00 33.13 -45.71
C VAL A 1103 11.19 31.86 -45.66
N VAL A 1104 11.04 31.19 -46.78
CA VAL A 1104 10.25 29.98 -46.85
C VAL A 1104 11.17 28.84 -47.23
N ILE A 1105 11.40 27.92 -46.30
CA ILE A 1105 12.25 26.75 -46.52
C ILE A 1105 11.35 25.55 -46.63
N LEU A 1106 11.35 24.91 -47.79
CA LEU A 1106 10.49 23.74 -48.00
C LEU A 1106 11.19 22.74 -48.88
N ASP A 1107 11.39 21.53 -48.35
CA ASP A 1107 12.16 20.52 -49.06
C ASP A 1107 11.30 19.29 -49.32
N GLN A 1108 11.55 18.65 -50.46
CA GLN A 1108 10.75 17.56 -50.99
C GLN A 1108 9.28 17.96 -50.98
N PRO A 1109 8.89 19.06 -51.63
CA PRO A 1109 7.50 19.46 -51.58
C PRO A 1109 6.58 18.71 -52.51
N THR A 1110 7.13 17.89 -53.40
CA THR A 1110 6.35 17.26 -54.43
C THR A 1110 6.54 15.76 -54.52
N SER A 1111 7.18 15.12 -53.53
CA SER A 1111 7.46 13.70 -53.62
C SER A 1111 6.25 12.93 -53.14
N GLY A 1112 5.40 12.55 -54.07
CA GLY A 1112 4.21 11.77 -53.74
C GLY A 1112 2.95 12.38 -54.28
N VAL A 1113 3.08 13.35 -55.18
CA VAL A 1113 1.94 14.05 -55.76
C VAL A 1113 1.92 13.77 -57.26
N ASP A 1114 0.73 13.53 -57.79
CA ASP A 1114 0.55 13.11 -59.17
C ASP A 1114 0.78 14.28 -60.13
N PRO A 1115 1.05 13.99 -61.40
CA PRO A 1115 1.39 15.07 -62.34
C PRO A 1115 0.30 16.11 -62.54
N TYR A 1116 -0.95 15.80 -62.20
CA TYR A 1116 -2.02 16.78 -62.38
C TYR A 1116 -2.05 17.81 -61.25
N SER A 1117 -1.64 17.42 -60.05
CA SER A 1117 -1.65 18.35 -58.92
C SER A 1117 -0.31 19.04 -58.71
N ARG A 1118 0.76 18.52 -59.30
CA ARG A 1118 2.00 19.27 -59.28
C ARG A 1118 1.85 20.60 -60.00
N ARG A 1119 0.91 20.70 -60.93
CA ARG A 1119 0.65 21.98 -61.57
C ARG A 1119 0.10 22.99 -60.59
N SER A 1120 -0.84 22.59 -59.74
CA SER A 1120 -1.34 23.49 -58.72
C SER A 1120 -0.25 23.87 -57.73
N ILE A 1121 0.59 22.92 -57.36
CA ILE A 1121 1.68 23.26 -56.44
C ILE A 1121 2.62 24.28 -57.06
N TRP A 1122 2.94 24.12 -58.35
CA TRP A 1122 3.75 25.13 -59.03
C TRP A 1122 3.07 26.48 -59.08
N ASP A 1123 1.75 26.51 -59.34
CA ASP A 1123 1.04 27.79 -59.35
C ASP A 1123 1.14 28.47 -57.99
N LEU A 1124 0.97 27.69 -56.93
CA LEU A 1124 1.08 28.23 -55.58
C LEU A 1124 2.46 28.79 -55.32
N LEU A 1125 3.50 28.09 -55.76
CA LEU A 1125 4.85 28.62 -55.54
C LEU A 1125 5.09 29.89 -56.33
N LEU A 1126 4.59 29.98 -57.55
CA LEU A 1126 4.88 31.15 -58.36
C LEU A 1126 4.01 32.36 -58.01
N LYS A 1127 2.92 32.15 -57.31
CA LYS A 1127 2.13 33.30 -56.87
C LYS A 1127 2.75 34.03 -55.67
N TYR A 1128 3.40 33.31 -54.75
CA TYR A 1128 4.01 33.91 -53.58
C TYR A 1128 5.50 34.14 -53.71
N ARG A 1129 6.06 34.16 -54.91
CA ARG A 1129 7.47 34.45 -55.05
C ARG A 1129 7.76 35.94 -54.91
N SER A 1130 6.72 36.76 -54.77
CA SER A 1130 6.83 38.20 -55.02
C SER A 1130 7.86 38.87 -54.13
N GLY A 1131 7.85 38.59 -52.83
CA GLY A 1131 8.75 39.29 -51.94
C GLY A 1131 9.44 38.44 -50.90
N ARG A 1132 9.67 37.17 -51.20
CA ARG A 1132 10.22 36.21 -50.26
C ARG A 1132 11.45 35.53 -50.84
N THR A 1133 12.26 34.96 -49.98
CA THR A 1133 13.31 34.04 -50.40
C THR A 1133 12.85 32.61 -50.16
N ILE A 1134 12.75 31.82 -51.24
CA ILE A 1134 12.22 30.47 -51.19
C ILE A 1134 13.35 29.51 -51.49
N ILE A 1135 13.43 28.44 -50.71
CA ILE A 1135 14.44 27.41 -50.91
C ILE A 1135 13.74 26.08 -51.10
N MET A 1136 13.99 25.45 -52.24
CA MET A 1136 13.36 24.20 -52.64
C MET A 1136 14.41 23.13 -52.81
N SER A 1137 14.15 21.97 -52.26
CA SER A 1137 15.03 20.82 -52.41
C SER A 1137 14.23 19.71 -53.06
N THR A 1138 14.70 19.21 -54.19
CA THR A 1138 13.86 18.36 -55.01
C THR A 1138 14.70 17.33 -55.74
N HIS A 1139 14.02 16.33 -56.30
CA HIS A 1139 14.69 15.24 -57.00
C HIS A 1139 14.34 15.15 -58.47
N HIS A 1140 13.08 15.22 -58.84
CA HIS A 1140 12.77 15.14 -60.26
C HIS A 1140 12.95 16.49 -60.93
N MET A 1141 13.64 16.48 -62.07
CA MET A 1141 14.25 17.65 -62.68
C MET A 1141 13.31 18.41 -63.60
N ASP A 1142 12.08 17.95 -63.78
CA ASP A 1142 11.15 18.67 -64.61
C ASP A 1142 10.87 20.06 -64.05
N GLU A 1143 10.91 20.22 -62.73
CA GLU A 1143 10.63 21.50 -62.11
C GLU A 1143 11.85 22.20 -61.56
N ALA A 1144 12.97 21.49 -61.42
CA ALA A 1144 14.19 22.14 -60.97
C ALA A 1144 14.67 23.17 -61.97
N ASP A 1145 14.28 23.01 -63.22
CA ASP A 1145 14.69 23.91 -64.30
C ASP A 1145 13.57 24.83 -64.74
N LEU A 1146 12.33 24.36 -64.68
CA LEU A 1146 11.21 25.16 -65.15
C LEU A 1146 11.02 26.41 -64.30
N LEU A 1147 11.15 26.28 -62.98
CA LEU A 1147 10.85 27.39 -62.07
C LEU A 1147 12.03 27.75 -61.17
N GLY A 1148 13.23 27.32 -61.52
CA GLY A 1148 14.39 27.66 -60.72
C GLY A 1148 15.13 28.86 -61.24
N ASP A 1149 15.19 29.93 -60.47
CA ASP A 1149 15.97 31.10 -60.85
C ASP A 1149 17.46 30.88 -60.65
N ARG A 1150 17.84 29.98 -59.75
CA ARG A 1150 19.20 29.50 -59.64
C ARG A 1150 19.15 28.00 -59.41
N ILE A 1151 20.33 27.38 -59.41
CA ILE A 1151 20.48 25.96 -59.13
C ILE A 1151 21.74 25.79 -58.32
N ALA A 1152 21.69 24.96 -57.29
CA ALA A 1152 22.88 24.56 -56.56
C ALA A 1152 22.91 23.05 -56.48
N ILE A 1153 24.10 22.47 -56.56
CA ILE A 1153 24.24 21.02 -56.48
C ILE A 1153 25.26 20.68 -55.40
N ILE A 1154 24.97 19.63 -54.64
CA ILE A 1154 25.81 19.17 -53.55
C ILE A 1154 26.29 17.76 -53.85
N ALA A 1155 27.53 17.47 -53.52
CA ALA A 1155 28.06 16.13 -53.63
C ALA A 1155 28.94 15.87 -52.42
N GLN A 1156 28.58 14.85 -51.65
CA GLN A 1156 29.34 14.45 -50.47
C GLN A 1156 29.45 15.57 -49.45
N GLY A 1157 28.48 16.47 -49.42
CA GLY A 1157 28.41 17.47 -48.37
C GLY A 1157 29.14 18.76 -48.65
N ARG A 1158 29.23 19.16 -49.92
CA ARG A 1158 29.83 20.43 -50.32
C ARG A 1158 29.38 20.70 -51.74
N LEU A 1159 29.45 21.96 -52.15
CA LEU A 1159 29.03 22.28 -53.51
C LEU A 1159 29.90 21.59 -54.54
N TYR A 1160 29.31 21.37 -55.69
CA TYR A 1160 30.03 20.98 -56.89
C TYR A 1160 29.85 21.98 -58.00
N CYS A 1161 28.70 22.65 -58.06
CA CYS A 1161 28.44 23.63 -59.11
C CYS A 1161 27.29 24.51 -58.66
N SER A 1162 27.14 25.65 -59.35
CA SER A 1162 26.12 26.62 -58.99
C SER A 1162 25.83 27.51 -60.18
N GLY A 1163 24.73 28.24 -60.10
CA GLY A 1163 24.41 29.27 -61.06
C GLY A 1163 23.08 29.03 -61.73
N THR A 1164 22.72 29.96 -62.59
CA THR A 1164 21.49 29.86 -63.37
C THR A 1164 21.58 28.65 -64.29
N PRO A 1165 20.44 28.03 -64.64
CA PRO A 1165 20.50 26.81 -65.45
C PRO A 1165 21.27 26.94 -66.76
N LEU A 1166 21.12 28.06 -67.46
CA LEU A 1166 21.81 28.21 -68.73
C LEU A 1166 23.32 28.17 -68.54
N PHE A 1167 23.81 28.74 -67.44
CA PHE A 1167 25.23 28.65 -67.15
C PHE A 1167 25.66 27.22 -66.91
N LEU A 1168 24.83 26.43 -66.23
CA LEU A 1168 25.17 25.02 -66.00
C LEU A 1168 25.28 24.27 -67.31
N LYS A 1169 24.32 24.50 -68.22
CA LYS A 1169 24.28 23.76 -69.47
C LYS A 1169 25.59 23.92 -70.24
N ASN A 1170 26.04 25.16 -70.44
CA ASN A 1170 27.30 25.31 -71.16
C ASN A 1170 28.50 24.98 -70.29
N CYS A 1171 28.35 24.97 -68.96
CA CYS A 1171 29.46 24.51 -68.13
C CYS A 1171 29.75 23.04 -68.38
N PHE A 1172 28.72 22.22 -68.55
CA PHE A 1172 28.94 20.79 -68.76
C PHE A 1172 28.89 20.38 -70.22
N GLY A 1173 27.78 20.68 -70.89
CA GLY A 1173 27.65 20.31 -72.29
C GLY A 1173 26.21 20.40 -72.71
N THR A 1174 26.01 20.35 -74.02
CA THR A 1174 24.68 20.53 -74.59
C THR A 1174 24.60 19.74 -75.88
N GLY A 1175 23.39 19.37 -76.27
CA GLY A 1175 23.12 18.70 -77.53
C GLY A 1175 21.70 18.19 -77.55
N LEU A 1176 21.22 17.88 -78.75
CA LEU A 1176 19.90 17.29 -78.88
C LEU A 1176 19.91 15.82 -78.47
N TYR A 1177 18.74 15.30 -78.17
CA TYR A 1177 18.60 13.91 -77.76
C TYR A 1177 17.48 13.28 -78.56
N LEU A 1178 17.83 12.38 -79.47
CA LEU A 1178 16.86 11.66 -80.27
C LEU A 1178 16.37 10.47 -79.44
N THR A 1179 15.05 10.34 -79.32
CA THR A 1179 14.43 9.29 -78.53
C THR A 1179 13.65 8.36 -79.43
N LEU A 1180 13.83 7.05 -79.23
CA LEU A 1180 13.16 6.02 -80.02
C LEU A 1180 12.51 5.04 -79.04
N VAL A 1181 11.28 5.32 -78.63
CA VAL A 1181 10.63 4.47 -77.64
C VAL A 1181 10.11 3.21 -78.33
N ARG A 1182 10.74 2.08 -78.05
CA ARG A 1182 10.42 0.81 -78.67
C ARG A 1182 9.17 0.22 -78.04
N LYS A 1183 8.52 -0.69 -78.76
CA LYS A 1183 7.34 -1.38 -78.24
C LYS A 1183 7.04 -2.63 -79.07
N ASP A 1225 15.61 -3.98 -83.34
CA ASP A 1225 16.95 -4.47 -83.08
C ASP A 1225 17.97 -3.33 -83.10
N VAL A 1226 18.85 -3.30 -82.11
CA VAL A 1226 19.87 -2.26 -81.97
C VAL A 1226 20.72 -2.05 -83.23
N ASN A 1227 21.12 -3.13 -83.88
CA ASN A 1227 21.94 -3.05 -85.08
C ASN A 1227 21.34 -2.13 -86.13
N GLU A 1228 20.05 -2.30 -86.39
CA GLU A 1228 19.35 -1.48 -87.38
C GLU A 1228 19.51 0.01 -87.05
N LEU A 1229 19.01 0.39 -85.88
CA LEU A 1229 19.09 1.77 -85.42
C LEU A 1229 20.51 2.32 -85.49
N MET A 1230 21.46 1.56 -84.97
CA MET A 1230 22.86 1.97 -84.99
C MET A 1230 23.31 2.30 -86.42
N ASP A 1231 23.01 1.39 -87.34
CA ASP A 1231 23.36 1.58 -88.74
C ASP A 1231 22.48 2.66 -89.37
N VAL A 1232 21.25 2.79 -88.88
CA VAL A 1232 20.31 3.79 -89.40
C VAL A 1232 20.71 5.21 -88.99
N VAL A 1233 21.41 5.32 -87.86
CA VAL A 1233 21.88 6.62 -87.37
C VAL A 1233 23.37 6.77 -87.69
N LEU A 1234 23.85 5.98 -88.63
CA LEU A 1234 25.23 6.02 -89.08
C LEU A 1234 25.32 6.84 -90.37
N HIS A 1235 24.19 6.90 -91.08
CA HIS A 1235 24.09 7.63 -92.34
C HIS A 1235 24.25 9.12 -92.10
N HIS A 1236 23.90 9.55 -90.90
CA HIS A 1236 24.03 10.94 -90.51
C HIS A 1236 24.85 10.95 -89.22
N VAL A 1237 25.85 10.07 -89.18
CA VAL A 1237 26.74 9.92 -88.03
C VAL A 1237 27.26 11.24 -87.50
N PRO A 1238 26.86 11.58 -86.26
CA PRO A 1238 27.26 12.81 -85.57
C PRO A 1238 28.35 12.54 -84.55
N GLU A 1239 28.09 12.92 -83.30
CA GLU A 1239 29.04 12.72 -82.22
C GLU A 1239 28.94 11.29 -81.68
N ALA A 1240 28.35 11.15 -80.50
CA ALA A 1240 28.19 9.85 -79.87
C ALA A 1240 26.93 9.14 -80.36
N LYS A 1241 26.67 7.97 -79.78
CA LYS A 1241 25.51 7.18 -80.15
C LYS A 1241 24.65 6.84 -78.93
N LEU A 1242 24.33 5.56 -78.79
CA LEU A 1242 23.51 5.10 -77.67
C LEU A 1242 24.10 5.53 -76.34
N VAL A 1243 23.32 6.23 -75.54
CA VAL A 1243 23.78 6.71 -74.23
C VAL A 1243 23.02 6.02 -73.09
N GLU A 1244 21.86 5.45 -73.41
CA GLU A 1244 21.06 4.77 -72.41
C GLU A 1244 20.07 3.80 -73.05
N CYS A 1245 19.95 2.60 -72.47
CA CYS A 1245 19.04 1.60 -73.00
C CYS A 1245 18.55 0.65 -71.91
N ILE A 1246 17.33 0.89 -71.47
CA ILE A 1246 16.67 0.08 -70.46
C ILE A 1246 15.42 -0.56 -71.10
N GLY A 1247 14.75 -1.45 -70.37
CA GLY A 1247 13.57 -2.13 -70.86
C GLY A 1247 12.53 -1.23 -71.53
N GLN A 1248 12.14 -1.57 -72.74
CA GLN A 1248 11.17 -0.83 -73.52
C GLN A 1248 11.52 0.67 -73.61
N GLU A 1249 12.77 0.97 -73.91
CA GLU A 1249 13.22 2.35 -74.01
C GLU A 1249 14.49 2.47 -74.84
N LEU A 1250 14.89 3.71 -75.14
CA LEU A 1250 16.08 3.99 -75.92
C LEU A 1250 16.52 5.43 -75.72
N ILE A 1251 17.74 5.74 -76.17
CA ILE A 1251 18.28 7.09 -76.03
C ILE A 1251 19.45 7.31 -76.98
N PHE A 1252 19.43 8.43 -77.69
CA PHE A 1252 20.47 8.78 -78.66
C PHE A 1252 20.84 10.26 -78.58
N LEU A 1253 22.13 10.55 -78.65
CA LEU A 1253 22.60 11.93 -78.59
C LEU A 1253 23.22 12.41 -79.91
N LEU A 1254 22.78 13.57 -80.37
CA LEU A 1254 23.29 14.15 -81.61
C LEU A 1254 23.40 15.67 -81.48
N PRO A 1255 24.60 16.20 -81.71
CA PRO A 1255 24.85 17.65 -81.60
C PRO A 1255 24.19 18.43 -82.73
N LYS A 1260 24.18 21.85 -90.45
CA LYS A 1260 23.79 20.57 -91.02
C LYS A 1260 22.28 20.32 -90.92
N HIS A 1261 21.50 21.34 -91.31
CA HIS A 1261 20.05 21.24 -91.26
C HIS A 1261 19.57 20.05 -92.07
N ARG A 1262 20.10 19.93 -93.29
CA ARG A 1262 19.74 18.82 -94.18
C ARG A 1262 20.03 17.49 -93.52
N ALA A 1263 21.22 17.38 -92.92
CA ALA A 1263 21.63 16.16 -92.23
C ALA A 1263 20.59 15.75 -91.21
N TYR A 1264 20.35 16.61 -90.23
CA TYR A 1264 19.36 16.35 -89.20
C TYR A 1264 17.97 16.34 -89.82
N ALA A 1265 17.64 17.44 -90.49
CA ALA A 1265 16.33 17.60 -91.13
C ALA A 1265 15.94 16.34 -91.91
N SER A 1266 16.87 15.79 -92.67
CA SER A 1266 16.61 14.60 -93.46
C SER A 1266 16.35 13.37 -92.60
N LEU A 1267 17.06 13.28 -91.47
CA LEU A 1267 16.91 12.15 -90.56
C LEU A 1267 15.47 11.98 -90.08
N PHE A 1268 14.98 12.96 -89.34
CA PHE A 1268 13.61 12.91 -88.82
C PHE A 1268 12.61 12.70 -89.94
N ARG A 1269 12.74 13.48 -91.01
CA ARG A 1269 11.86 13.38 -92.17
C ARG A 1269 11.78 11.94 -92.68
N GLU A 1270 12.93 11.37 -92.99
CA GLU A 1270 12.99 10.00 -93.50
C GLU A 1270 12.48 9.01 -92.45
N LEU A 1271 12.83 9.26 -91.19
CA LEU A 1271 12.41 8.39 -90.09
C LEU A 1271 10.89 8.31 -89.97
N GLU A 1272 10.22 9.45 -90.16
CA GLU A 1272 8.76 9.52 -90.07
C GLU A 1272 8.04 8.43 -90.89
N GLU A 1273 8.46 8.26 -92.13
CA GLU A 1273 7.84 7.26 -93.01
C GLU A 1273 8.43 5.86 -92.86
N THR A 1274 9.68 5.78 -92.40
CA THR A 1274 10.33 4.49 -92.22
C THR A 1274 10.27 4.02 -90.76
N GLY A 1279 10.61 -0.80 -85.92
CA GLY A 1279 10.15 -1.57 -84.78
C GLY A 1279 9.72 -0.67 -83.64
N LEU A 1280 10.32 0.51 -83.56
CA LEU A 1280 10.01 1.45 -82.48
C LEU A 1280 8.74 2.24 -82.81
N SER A 1281 8.14 2.82 -81.78
CA SER A 1281 6.92 3.60 -81.95
C SER A 1281 7.22 5.08 -82.18
N SER A 1282 6.81 5.91 -81.23
CA SER A 1282 7.02 7.35 -81.33
C SER A 1282 8.41 7.80 -80.89
N PHE A 1283 8.62 9.10 -80.86
CA PHE A 1283 9.90 9.68 -80.48
C PHE A 1283 9.74 11.14 -80.07
N GLY A 1284 10.86 11.84 -79.93
CA GLY A 1284 10.84 13.23 -79.55
C GLY A 1284 12.23 13.82 -79.38
N ILE A 1285 12.53 14.84 -80.19
CA ILE A 1285 13.82 15.49 -80.13
C ILE A 1285 13.75 16.68 -79.16
N SER A 1286 14.90 17.12 -78.68
CA SER A 1286 14.97 18.23 -77.75
C SER A 1286 16.36 18.84 -77.71
N ASP A 1287 16.52 19.91 -76.95
CA ASP A 1287 17.82 20.57 -76.81
C ASP A 1287 18.72 19.80 -75.84
N THR A 1288 18.52 20.04 -74.55
CA THR A 1288 19.29 19.35 -73.51
C THR A 1288 18.54 19.40 -72.19
N PRO A 1289 18.25 18.22 -71.61
CA PRO A 1289 17.52 18.16 -70.34
C PRO A 1289 18.40 18.53 -69.16
N LEU A 1290 17.78 18.78 -68.02
CA LEU A 1290 18.52 19.14 -66.81
C LEU A 1290 18.98 17.90 -66.07
N GLU A 1291 18.53 16.74 -66.52
CA GLU A 1291 18.88 15.47 -65.88
C GLU A 1291 20.13 14.83 -66.47
N GLU A 1292 20.59 15.35 -67.60
CA GLU A 1292 21.78 14.81 -68.24
C GLU A 1292 23.02 15.42 -67.63
N ILE A 1293 22.91 16.69 -67.23
CA ILE A 1293 24.02 17.39 -66.61
C ILE A 1293 24.20 16.94 -65.16
N PHE A 1294 23.11 16.49 -64.56
CA PHE A 1294 23.13 16.01 -63.19
C PHE A 1294 23.64 14.58 -63.17
N LEU A 1295 23.44 13.88 -64.28
CA LEU A 1295 23.87 12.50 -64.42
C LEU A 1295 25.37 12.42 -64.70
N LYS A 1296 25.92 13.51 -65.20
CA LYS A 1296 27.35 13.56 -65.52
C LYS A 1296 28.17 14.12 -64.37
N VAL A 1297 27.49 14.52 -63.30
CA VAL A 1297 28.16 15.07 -62.12
C VAL A 1297 28.46 13.96 -61.11
N THR A 1298 27.43 13.21 -60.75
CA THR A 1298 27.58 12.13 -59.78
C THR A 1298 28.66 11.15 -60.23
N GLU A 1299 28.58 10.74 -61.49
CA GLU A 1299 29.55 9.81 -62.06
C GLU A 1299 30.98 10.33 -61.87
N PRO A 1358 24.59 -14.03 -59.63
CA PRO A 1358 23.23 -13.60 -59.30
C PRO A 1358 22.39 -14.73 -58.71
N GLU A 1359 21.21 -14.38 -58.19
CA GLU A 1359 20.30 -15.35 -57.59
C GLU A 1359 18.94 -15.19 -58.24
N CYS A 1360 18.76 -15.88 -59.37
CA CYS A 1360 17.45 -15.94 -60.01
C CYS A 1360 16.60 -17.10 -59.52
N PRO A 1361 17.15 -18.28 -59.20
CA PRO A 1361 16.35 -19.29 -58.49
C PRO A 1361 16.71 -19.37 -57.00
N GLY A 1362 15.75 -19.86 -56.23
CA GLY A 1362 15.99 -20.28 -54.86
C GLY A 1362 15.74 -21.76 -54.73
N PRO A 1363 16.82 -22.55 -54.57
CA PRO A 1363 16.71 -23.99 -54.80
C PRO A 1363 15.79 -24.77 -53.88
N GLN A 1364 16.08 -24.78 -52.58
CA GLN A 1364 15.50 -25.74 -51.65
C GLN A 1364 15.13 -25.09 -50.32
N LEU A 1365 14.38 -24.00 -50.37
CA LEU A 1365 13.86 -23.37 -49.16
C LEU A 1365 13.45 -24.42 -48.12
N ASN A 1366 13.97 -24.26 -46.91
CA ASN A 1366 13.73 -25.24 -45.85
C ASN A 1366 12.23 -25.40 -45.57
N THR A 1367 11.89 -26.47 -44.87
CA THR A 1367 10.50 -26.75 -44.53
C THR A 1367 10.46 -27.72 -43.36
N GLY A 1368 9.44 -27.56 -42.51
CA GLY A 1368 9.26 -28.45 -41.40
C GLY A 1368 9.92 -27.97 -40.11
N THR A 1369 10.35 -28.95 -39.31
CA THR A 1369 10.91 -28.64 -38.01
C THR A 1369 12.19 -27.81 -38.13
N GLN A 1370 12.99 -28.01 -39.18
CA GLN A 1370 14.11 -27.10 -39.38
C GLN A 1370 13.64 -25.68 -39.68
N LEU A 1371 12.55 -25.53 -40.43
CA LEU A 1371 12.07 -24.18 -40.67
C LEU A 1371 11.63 -23.52 -39.37
N VAL A 1372 10.91 -24.23 -38.53
CA VAL A 1372 10.50 -23.62 -37.27
C VAL A 1372 11.70 -23.28 -36.40
N LEU A 1373 12.68 -24.17 -36.36
CA LEU A 1373 13.87 -23.91 -35.56
C LEU A 1373 14.72 -22.79 -36.15
N GLN A 1374 14.61 -22.50 -37.44
CA GLN A 1374 15.26 -21.34 -38.03
C GLN A 1374 14.52 -20.04 -37.69
N HIS A 1375 13.18 -20.10 -37.68
CA HIS A 1375 12.40 -18.94 -37.30
C HIS A 1375 12.68 -18.51 -35.87
N VAL A 1376 12.76 -19.48 -34.96
CA VAL A 1376 12.99 -19.14 -33.56
C VAL A 1376 14.33 -18.42 -33.40
N GLN A 1377 15.38 -18.94 -34.03
CA GLN A 1377 16.66 -18.26 -34.00
C GLN A 1377 16.60 -16.86 -34.58
N ALA A 1378 15.94 -16.72 -35.73
CA ALA A 1378 15.88 -15.41 -36.37
C ALA A 1378 15.28 -14.38 -35.44
N LEU A 1379 14.14 -14.71 -34.84
CA LEU A 1379 13.49 -13.75 -33.96
C LEU A 1379 14.31 -13.46 -32.72
N LEU A 1380 14.93 -14.47 -32.11
CA LEU A 1380 15.69 -14.19 -30.89
C LEU A 1380 16.90 -13.33 -31.18
N VAL A 1381 17.59 -13.56 -32.28
CA VAL A 1381 18.72 -12.69 -32.63
C VAL A 1381 18.23 -11.28 -32.92
N LYS A 1382 17.10 -11.13 -33.61
CA LYS A 1382 16.57 -9.80 -33.88
C LYS A 1382 16.32 -9.05 -32.58
N ARG A 1383 15.68 -9.71 -31.61
CA ARG A 1383 15.39 -9.04 -30.35
C ARG A 1383 16.66 -8.72 -29.56
N PHE A 1384 17.66 -9.60 -29.60
CA PHE A 1384 18.92 -9.31 -28.93
C PHE A 1384 19.61 -8.09 -29.52
N GLN A 1385 19.65 -8.00 -30.85
CA GLN A 1385 20.25 -6.83 -31.48
C GLN A 1385 19.51 -5.57 -31.10
N HIS A 1386 18.18 -5.63 -31.05
CA HIS A 1386 17.44 -4.45 -30.66
C HIS A 1386 17.79 -4.00 -29.25
N THR A 1387 17.90 -4.92 -28.29
CA THR A 1387 18.08 -4.47 -26.91
C THR A 1387 19.52 -4.30 -26.47
N ILE A 1388 20.51 -4.68 -27.26
CA ILE A 1388 21.88 -4.29 -26.94
C ILE A 1388 22.10 -2.79 -27.17
N ARG A 1389 21.51 -2.24 -28.22
CA ARG A 1389 21.79 -0.87 -28.60
C ARG A 1389 20.93 0.14 -27.88
N SER A 1390 19.90 -0.28 -27.16
CA SER A 1390 19.11 0.60 -26.31
C SER A 1390 19.25 0.04 -24.91
N HIS A 1391 20.33 0.39 -24.23
CA HIS A 1391 20.55 -0.15 -22.90
C HIS A 1391 20.05 0.77 -21.81
N LYS A 1392 19.88 2.06 -22.08
CA LYS A 1392 19.23 2.92 -21.11
C LYS A 1392 17.79 2.47 -20.86
N ASP A 1393 17.09 2.06 -21.92
CA ASP A 1393 15.74 1.55 -21.73
C ASP A 1393 15.73 0.26 -20.93
N PHE A 1394 16.67 -0.65 -21.21
CA PHE A 1394 16.74 -1.88 -20.43
C PHE A 1394 17.02 -1.58 -18.97
N LEU A 1395 17.98 -0.69 -18.70
CA LEU A 1395 18.30 -0.33 -17.32
C LEU A 1395 17.08 0.25 -16.63
N ALA A 1396 16.45 1.26 -17.24
CA ALA A 1396 15.33 1.93 -16.59
C ALA A 1396 14.08 1.07 -16.51
N GLN A 1397 13.98 0.00 -17.29
CA GLN A 1397 12.80 -0.84 -17.22
C GLN A 1397 12.99 -2.08 -16.38
N ILE A 1398 14.22 -2.48 -16.11
CA ILE A 1398 14.51 -3.71 -15.40
C ILE A 1398 15.16 -3.45 -14.04
N VAL A 1399 16.24 -2.66 -14.03
CA VAL A 1399 17.04 -2.53 -12.82
C VAL A 1399 16.49 -1.47 -11.89
N LEU A 1400 15.70 -0.52 -12.38
CA LEU A 1400 15.22 0.55 -11.51
C LEU A 1400 14.29 0.07 -10.42
N PRO A 1401 13.25 -0.74 -10.69
CA PRO A 1401 12.38 -1.19 -9.59
C PRO A 1401 13.12 -1.94 -8.48
N ALA A 1402 14.13 -2.74 -8.83
CA ALA A 1402 14.90 -3.41 -7.80
C ALA A 1402 15.69 -2.41 -6.96
N THR A 1403 16.15 -1.32 -7.56
CA THR A 1403 16.77 -0.25 -6.78
C THR A 1403 15.76 0.41 -5.84
N PHE A 1404 14.52 0.56 -6.28
CA PHE A 1404 13.50 1.09 -5.38
C PHE A 1404 13.32 0.19 -4.17
N VAL A 1405 13.25 -1.13 -4.40
CA VAL A 1405 13.15 -2.07 -3.29
C VAL A 1405 14.36 -1.96 -2.37
N PHE A 1406 15.54 -1.82 -2.96
CA PHE A 1406 16.77 -1.70 -2.18
C PHE A 1406 16.74 -0.47 -1.28
N LEU A 1407 16.30 0.67 -1.82
CA LEU A 1407 16.21 1.86 -0.99
C LEU A 1407 15.24 1.65 0.15
N ALA A 1408 14.09 1.05 -0.13
CA ALA A 1408 13.10 0.84 0.91
C ALA A 1408 13.64 -0.03 2.04
N LEU A 1409 14.37 -1.10 1.70
CA LEU A 1409 14.94 -1.93 2.76
C LEU A 1409 16.10 -1.27 3.47
N MET A 1410 16.92 -0.50 2.76
CA MET A 1410 18.02 0.19 3.41
C MET A 1410 17.53 1.18 4.43
N LEU A 1411 16.39 1.84 4.16
CA LEU A 1411 15.88 2.82 5.11
C LEU A 1411 15.42 2.18 6.41
N SER A 1412 14.77 1.03 6.34
CA SER A 1412 14.25 0.38 7.55
C SER A 1412 15.35 -0.24 8.39
N ILE A 1413 16.61 0.02 8.09
CA ILE A 1413 17.71 -0.53 8.87
C ILE A 1413 18.28 0.50 9.83
N VAL A 1414 18.25 1.78 9.47
CA VAL A 1414 18.74 2.81 10.39
C VAL A 1414 17.74 2.96 11.53
N ILE A 1415 18.20 2.68 12.75
CA ILE A 1415 17.34 2.72 13.93
C ILE A 1415 18.10 3.35 15.08
N PRO A 1416 17.39 4.00 15.99
CA PRO A 1416 18.04 4.62 17.13
C PRO A 1416 18.71 3.56 17.99
N PRO A 1417 19.83 3.88 18.62
CA PRO A 1417 20.48 2.91 19.50
C PRO A 1417 19.64 2.68 20.75
N PHE A 1418 19.78 1.50 21.34
CA PHE A 1418 18.98 1.12 22.50
C PHE A 1418 19.75 1.45 23.77
N GLY A 1419 19.27 2.46 24.51
CA GLY A 1419 19.85 2.79 25.79
C GLY A 1419 19.33 1.86 26.87
N GLU A 1420 19.24 2.32 28.11
CA GLU A 1420 18.71 1.49 29.18
C GLU A 1420 17.64 2.28 29.94
N TYR A 1421 16.80 1.55 30.65
CA TYR A 1421 15.66 2.15 31.30
C TYR A 1421 16.09 2.85 32.59
N PRO A 1422 15.75 4.11 32.77
CA PRO A 1422 16.24 4.88 33.93
C PRO A 1422 15.55 4.55 35.25
N ALA A 1423 15.72 5.43 36.24
CA ALA A 1423 15.22 5.19 37.58
C ALA A 1423 13.75 5.57 37.75
N LEU A 1424 13.40 6.83 37.61
CA LEU A 1424 12.00 7.25 37.82
C LEU A 1424 11.56 6.98 39.27
N THR A 1425 12.02 7.85 40.16
CA THR A 1425 11.39 7.98 41.47
C THR A 1425 9.89 8.22 41.32
N LEU A 1426 9.09 7.40 41.99
CA LEU A 1426 7.64 7.42 41.83
C LEU A 1426 7.02 8.35 42.86
N HIS A 1427 6.37 9.42 42.41
CA HIS A 1427 5.60 10.32 43.25
C HIS A 1427 4.56 11.01 42.37
N PRO A 1428 3.50 11.55 42.97
CA PRO A 1428 2.41 12.08 42.14
C PRO A 1428 2.74 13.31 41.33
N TRP A 1429 3.93 13.88 41.45
CA TRP A 1429 4.27 15.11 40.74
C TRP A 1429 5.09 14.85 39.49
N ILE A 1430 5.22 13.59 39.09
CA ILE A 1430 5.65 13.27 37.73
C ILE A 1430 4.72 13.93 36.74
N TYR A 1431 3.45 14.03 37.08
CA TYR A 1431 2.47 14.78 36.33
C TYR A 1431 2.52 16.25 36.75
N GLY A 1432 1.76 17.09 36.09
CA GLY A 1432 1.93 18.51 36.29
C GLY A 1432 1.09 19.12 37.39
N GLN A 1433 0.45 20.23 37.08
CA GLN A 1433 -0.62 20.73 37.92
C GLN A 1433 -1.77 19.73 37.91
N GLN A 1434 -2.37 19.52 39.08
CA GLN A 1434 -3.40 18.50 39.18
C GLN A 1434 -4.30 18.78 40.36
N TYR A 1435 -5.50 18.20 40.30
CA TYR A 1435 -6.44 18.18 41.40
C TYR A 1435 -6.28 16.88 42.18
N THR A 1436 -6.58 16.93 43.47
CA THR A 1436 -6.71 15.74 44.30
C THR A 1436 -7.95 15.92 45.14
N PHE A 1437 -8.21 14.95 46.03
CA PHE A 1437 -9.34 15.11 46.92
C PHE A 1437 -9.14 14.21 48.12
N PHE A 1438 -9.92 14.45 49.17
CA PHE A 1438 -9.96 13.50 50.26
C PHE A 1438 -11.37 13.49 50.82
N SER A 1439 -11.62 12.54 51.71
CA SER A 1439 -12.96 12.37 52.25
C SER A 1439 -12.84 11.70 53.61
N MET A 1440 -12.99 12.47 54.68
CA MET A 1440 -12.78 11.95 56.03
C MET A 1440 -14.05 11.27 56.48
N ASP A 1441 -14.33 10.11 55.88
CA ASP A 1441 -15.46 9.31 56.28
C ASP A 1441 -15.20 8.68 57.64
N GLU A 1442 -16.26 8.23 58.29
CA GLU A 1442 -16.18 7.66 59.63
C GLU A 1442 -15.43 8.58 60.58
N PRO A 1443 -16.02 9.70 60.99
CA PRO A 1443 -15.36 10.62 61.91
C PRO A 1443 -15.57 10.19 63.36
N GLY A 1444 -15.10 11.04 64.27
CA GLY A 1444 -15.26 10.80 65.67
C GLY A 1444 -14.38 9.70 66.23
N SER A 1445 -13.88 8.81 65.38
CA SER A 1445 -12.96 7.78 65.83
C SER A 1445 -11.57 8.37 65.93
N GLU A 1446 -11.03 8.41 67.14
CA GLU A 1446 -9.66 8.81 67.32
C GLU A 1446 -8.74 7.84 66.57
N GLN A 1447 -7.52 8.27 66.32
CA GLN A 1447 -6.50 7.66 65.48
C GLN A 1447 -6.76 7.92 64.02
N PHE A 1448 -7.95 8.36 63.64
CA PHE A 1448 -8.19 8.83 62.29
C PHE A 1448 -8.24 10.33 62.19
N THR A 1449 -8.52 11.04 63.29
CA THR A 1449 -8.45 12.49 63.27
C THR A 1449 -7.01 12.99 63.28
N VAL A 1450 -6.04 12.14 63.61
CA VAL A 1450 -4.65 12.49 63.44
C VAL A 1450 -4.13 12.03 62.08
N LEU A 1451 -4.67 10.92 61.56
CA LEU A 1451 -4.27 10.48 60.23
C LEU A 1451 -4.83 11.41 59.16
N ALA A 1452 -5.99 12.02 59.42
CA ALA A 1452 -6.52 13.04 58.54
C ALA A 1452 -5.92 14.40 58.81
N ASP A 1453 -5.06 14.51 59.81
CA ASP A 1453 -4.36 15.75 60.07
C ASP A 1453 -2.95 15.75 59.51
N VAL A 1454 -2.31 14.58 59.41
CA VAL A 1454 -0.95 14.50 58.91
C VAL A 1454 -0.87 14.27 57.41
N LEU A 1455 -1.99 14.24 56.68
CA LEU A 1455 -1.92 14.25 55.24
C LEU A 1455 -2.64 15.45 54.65
N LEU A 1456 -2.96 16.44 55.45
CA LEU A 1456 -3.43 17.72 54.96
C LEU A 1456 -2.53 18.87 55.36
N ASN A 1457 -2.12 18.92 56.63
CA ASN A 1457 -1.57 20.14 57.20
C ASN A 1457 -0.08 20.03 57.49
N LYS A 1458 0.36 19.04 58.24
CA LYS A 1458 1.74 19.16 58.71
C LYS A 1458 2.75 18.85 57.59
N PRO A 1459 2.94 17.61 57.13
CA PRO A 1459 3.76 17.46 55.92
C PRO A 1459 2.95 17.43 54.64
N GLY A 1460 1.63 17.29 54.74
CA GLY A 1460 0.82 17.22 53.53
C GLY A 1460 0.92 15.88 52.84
N PHE A 1461 0.51 15.85 51.57
CA PHE A 1461 0.67 14.64 50.76
C PHE A 1461 2.15 14.38 50.52
N GLY A 1462 2.55 13.12 50.66
CA GLY A 1462 3.84 12.66 50.15
C GLY A 1462 5.04 13.33 50.80
N ASN A 1463 6.12 13.41 50.03
CA ASN A 1463 7.42 13.81 50.55
C ASN A 1463 7.93 15.13 50.00
N ARG A 1464 7.10 15.83 49.24
CA ARG A 1464 7.49 17.10 48.62
C ARG A 1464 7.66 18.25 49.60
N CYS A 1465 7.76 17.94 50.89
CA CYS A 1465 7.93 18.99 51.89
C CYS A 1465 8.50 18.44 53.20
N LEU A 1466 9.76 17.99 53.16
CA LEU A 1466 10.39 17.47 54.36
C LEU A 1466 11.21 18.57 55.01
N LYS A 1467 11.64 18.33 56.25
CA LYS A 1467 12.36 19.35 56.99
C LYS A 1467 13.70 19.66 56.35
N GLU A 1468 14.50 18.62 56.06
CA GLU A 1468 15.78 18.84 55.42
C GLU A 1468 15.61 19.14 53.94
N GLY A 1469 15.18 18.15 53.17
CA GLY A 1469 14.97 18.39 51.77
C GLY A 1469 14.68 17.16 50.95
N TRP A 1470 14.15 17.36 49.75
CA TRP A 1470 13.79 16.25 48.88
C TRP A 1470 13.76 16.77 47.45
N LEU A 1471 14.71 16.33 46.63
CA LEU A 1471 14.68 16.59 45.20
C LEU A 1471 14.60 18.07 44.86
N PRO A 1472 15.71 18.80 44.88
CA PRO A 1472 15.65 20.24 44.61
C PRO A 1472 15.31 20.56 43.18
N GLU A 1473 14.19 20.00 42.73
CA GLU A 1473 13.66 20.22 41.39
C GLU A 1473 12.19 20.65 41.52
N TYR A 1474 11.57 20.25 42.62
CA TYR A 1474 10.20 20.59 42.94
C TYR A 1474 10.20 21.34 44.26
N PRO A 1475 10.18 22.68 44.20
CA PRO A 1475 10.19 23.53 45.39
C PRO A 1475 8.79 23.70 45.97
N CYS A 1476 8.70 24.04 47.25
CA CYS A 1476 7.41 24.23 47.90
C CYS A 1476 6.84 25.63 47.69
N GLY A 1477 6.42 26.23 48.80
CA GLY A 1477 5.82 27.56 48.79
C GLY A 1477 4.80 27.64 49.91
N ASN A 1478 3.86 28.58 49.83
CA ASN A 1478 2.86 28.65 50.88
C ASN A 1478 1.55 28.09 50.36
N SER A 1479 0.52 28.18 51.21
CA SER A 1479 -0.82 27.71 50.90
C SER A 1479 -1.81 28.84 51.00
N THR A 1480 -3.08 28.52 50.80
CA THR A 1480 -4.20 29.46 50.81
C THR A 1480 -5.32 28.91 51.67
N PRO A 1481 -6.18 29.76 52.20
CA PRO A 1481 -7.28 29.26 53.04
C PRO A 1481 -8.34 28.55 52.23
N TRP A 1482 -9.13 27.73 52.92
CA TRP A 1482 -10.26 27.08 52.28
C TRP A 1482 -11.22 28.14 51.74
N LYS A 1483 -11.77 27.88 50.55
CA LYS A 1483 -12.52 28.90 49.84
C LYS A 1483 -13.51 28.23 48.90
N THR A 1484 -14.75 28.12 49.32
CA THR A 1484 -15.77 27.52 48.47
C THR A 1484 -16.09 28.47 47.33
N PRO A 1485 -15.88 28.08 46.07
CA PRO A 1485 -16.08 29.02 44.97
C PRO A 1485 -17.54 29.41 44.81
N SER A 1486 -17.76 30.58 44.21
CA SER A 1486 -19.12 31.02 43.95
C SER A 1486 -19.68 30.37 42.69
N VAL A 1487 -21.00 30.14 42.72
CA VAL A 1487 -21.70 29.49 41.62
C VAL A 1487 -22.76 30.44 41.10
N SER A 1488 -23.09 30.29 39.82
CA SER A 1488 -24.11 31.11 39.21
C SER A 1488 -25.45 30.90 39.90
N PRO A 1489 -26.29 31.93 40.00
CA PRO A 1489 -27.53 31.81 40.75
C PRO A 1489 -28.50 30.74 40.25
N ASN A 1490 -28.53 30.48 38.93
CA ASN A 1490 -29.46 29.49 38.40
C ASN A 1490 -29.26 28.15 39.07
N ILE A 1491 -28.01 27.75 39.29
CA ILE A 1491 -27.75 26.50 40.01
C ILE A 1491 -28.28 26.59 41.43
N THR A 1492 -28.13 27.76 42.06
CA THR A 1492 -28.56 27.91 43.44
C THR A 1492 -30.05 27.69 43.58
N GLN A 1493 -30.84 28.21 42.64
CA GLN A 1493 -32.26 27.90 42.68
C GLN A 1493 -32.54 26.48 42.23
N LEU A 1494 -31.75 25.93 41.32
CA LEU A 1494 -32.02 24.59 40.81
C LEU A 1494 -31.85 23.52 41.87
N PHE A 1495 -30.83 23.63 42.71
CA PHE A 1495 -30.55 22.56 43.69
C PHE A 1495 -31.37 22.66 44.96
N GLN A 1496 -31.96 23.81 45.25
CA GLN A 1496 -32.81 23.92 46.43
C GLN A 1496 -34.29 23.90 46.07
N LYS A 1497 -34.61 24.35 44.86
CA LYS A 1497 -36.01 24.48 44.45
C LYS A 1497 -36.67 23.11 44.36
N GLN A 1498 -36.24 22.32 43.39
CA GLN A 1498 -36.81 21.00 43.18
C GLN A 1498 -36.22 20.02 44.18
N LYS A 1499 -37.06 19.15 44.73
CA LYS A 1499 -36.56 18.18 45.68
C LYS A 1499 -36.01 16.97 44.93
N TRP A 1500 -34.76 16.64 45.22
CA TRP A 1500 -34.05 15.50 44.66
C TRP A 1500 -34.08 14.37 45.68
N THR A 1501 -33.40 13.28 45.39
CA THR A 1501 -33.36 12.14 46.30
C THR A 1501 -31.93 11.68 46.50
N GLN A 1502 -31.79 10.60 47.26
CA GLN A 1502 -30.48 10.03 47.56
C GLN A 1502 -29.90 9.26 46.39
N VAL A 1503 -30.75 8.64 45.58
CA VAL A 1503 -30.32 7.86 44.43
C VAL A 1503 -30.26 8.70 43.15
N ASN A 1504 -30.81 9.90 43.15
CA ASN A 1504 -30.72 10.81 42.00
C ASN A 1504 -30.27 12.18 42.46
N PRO A 1505 -29.01 12.31 42.88
CA PRO A 1505 -28.54 13.59 43.41
C PRO A 1505 -28.57 14.72 42.41
N SER A 1506 -28.34 14.45 41.13
CA SER A 1506 -28.09 15.50 40.16
C SER A 1506 -28.67 15.11 38.81
N PRO A 1507 -28.92 16.09 37.92
CA PRO A 1507 -29.38 15.75 36.57
C PRO A 1507 -28.35 14.92 35.82
N SER A 1508 -28.84 13.97 35.02
CA SER A 1508 -27.98 13.08 34.27
C SER A 1508 -27.50 13.74 32.99
N CYS A 1509 -26.47 13.15 32.41
CA CYS A 1509 -25.82 13.69 31.22
C CYS A 1509 -26.31 12.97 29.98
N ARG A 1510 -26.60 13.74 28.93
CA ARG A 1510 -27.06 13.15 27.67
C ARG A 1510 -25.82 12.70 26.90
N CYS A 1511 -25.89 11.50 26.32
CA CYS A 1511 -24.77 10.94 25.59
C CYS A 1511 -24.63 11.42 24.14
N SER A 1512 -23.88 10.66 23.35
CA SER A 1512 -23.65 10.96 21.95
C SER A 1512 -24.72 10.28 21.10
N THR A 1513 -25.85 10.95 20.95
CA THR A 1513 -26.99 10.44 20.20
C THR A 1513 -26.54 9.96 18.83
N ARG A 1514 -27.43 9.21 18.15
CA ARG A 1514 -27.14 8.69 16.83
C ARG A 1514 -26.81 9.80 15.85
N GLU A 1515 -27.60 10.87 15.85
CA GLU A 1515 -27.43 12.01 14.97
C GLU A 1515 -26.87 13.23 15.69
N LYS A 1516 -26.33 13.03 16.89
CA LYS A 1516 -25.72 14.08 17.69
C LYS A 1516 -24.37 13.57 18.18
N LEU A 1517 -23.56 13.12 17.23
CA LEU A 1517 -22.30 12.48 17.57
C LEU A 1517 -21.39 13.43 18.36
N THR A 1518 -20.91 12.97 19.50
CA THR A 1518 -19.98 13.70 20.34
C THR A 1518 -19.00 12.70 20.94
N MET A 1519 -17.82 13.19 21.31
CA MET A 1519 -16.83 12.31 21.94
C MET A 1519 -17.20 11.99 23.38
N LEU A 1520 -17.66 12.98 24.13
CA LEU A 1520 -18.05 12.79 25.52
C LEU A 1520 -19.35 13.54 25.77
N PRO A 1521 -20.20 13.03 26.66
CA PRO A 1521 -21.54 13.59 26.83
C PRO A 1521 -21.52 15.06 27.22
N GLU A 1522 -22.72 15.67 27.17
CA GLU A 1522 -22.80 17.12 27.30
C GLU A 1522 -22.86 17.58 28.75
N CYS A 1523 -23.60 16.88 29.61
CA CYS A 1523 -23.58 17.18 31.04
C CYS A 1523 -24.03 18.61 31.35
N PRO A 1524 -25.35 18.86 31.39
CA PRO A 1524 -25.84 20.23 31.56
C PRO A 1524 -25.36 20.91 32.82
N GLU A 1525 -25.75 22.18 33.01
CA GLU A 1525 -25.27 22.96 34.14
C GLU A 1525 -25.98 22.59 35.43
N GLY A 1526 -25.99 21.30 35.75
CA GLY A 1526 -26.46 20.81 37.02
C GLY A 1526 -25.62 19.64 37.49
N ALA A 1527 -24.33 19.64 37.13
CA ALA A 1527 -23.46 18.49 37.34
C ALA A 1527 -23.33 18.16 38.81
N GLY A 1528 -22.54 17.15 39.14
CA GLY A 1528 -22.69 16.39 40.37
C GLY A 1528 -23.01 17.10 41.67
N GLY A 1529 -23.06 18.43 41.66
CA GLY A 1529 -23.54 19.18 42.81
C GLY A 1529 -23.03 20.61 42.74
N LEU A 1530 -22.91 21.21 43.92
CA LEU A 1530 -22.24 22.49 44.03
C LEU A 1530 -20.73 22.29 44.13
N PRO A 1531 -19.95 23.29 43.77
CA PRO A 1531 -18.49 23.18 43.91
C PRO A 1531 -18.11 22.94 45.36
N PRO A 1532 -17.24 21.96 45.61
CA PRO A 1532 -16.83 21.66 46.97
C PRO A 1532 -15.71 22.60 47.40
N PRO A 1533 -15.45 22.71 48.70
CA PRO A 1533 -14.39 23.60 49.16
C PRO A 1533 -13.04 23.22 48.58
N GLN A 1534 -12.25 24.23 48.26
CA GLN A 1534 -10.95 24.03 47.64
C GLN A 1534 -9.85 24.59 48.53
N ARG A 1535 -8.63 24.52 48.03
CA ARG A 1535 -7.43 25.02 48.71
C ARG A 1535 -6.26 24.75 47.78
N THR A 1536 -5.18 25.50 47.95
CA THR A 1536 -3.95 25.27 47.20
C THR A 1536 -2.88 24.89 48.20
N GLN A 1537 -2.43 23.64 48.15
CA GLN A 1537 -1.50 23.20 49.16
C GLN A 1537 -0.09 23.66 48.85
N ARG A 1538 0.81 23.50 49.83
CA ARG A 1538 2.19 23.89 49.61
C ARG A 1538 2.86 23.03 48.56
N SER A 1539 2.26 21.91 48.20
CA SER A 1539 2.75 21.06 47.12
C SER A 1539 2.33 21.60 45.76
N THR A 1540 1.72 22.78 45.70
CA THR A 1540 1.27 23.37 44.45
C THR A 1540 0.25 22.48 43.74
N GLU A 1541 -0.70 21.98 44.51
CA GLU A 1541 -1.81 21.18 44.03
C GLU A 1541 -3.08 21.65 44.72
N ILE A 1542 -4.20 21.38 44.08
CA ILE A 1542 -5.51 21.86 44.53
C ILE A 1542 -6.27 20.66 45.06
N LEU A 1543 -6.36 20.50 46.38
CA LEU A 1543 -7.18 19.41 46.87
C LEU A 1543 -8.50 19.95 47.36
N GLN A 1544 -9.57 19.29 46.97
CA GLN A 1544 -10.92 19.70 47.27
C GLN A 1544 -11.58 18.65 48.15
N ASP A 1545 -12.17 19.10 49.24
CA ASP A 1545 -12.64 18.24 50.33
C ASP A 1545 -14.05 17.77 50.04
N LEU A 1546 -14.20 16.46 49.83
CA LEU A 1546 -15.47 15.86 49.43
C LEU A 1546 -16.12 15.08 50.56
N THR A 1547 -16.00 15.57 51.79
CA THR A 1547 -16.61 14.88 52.91
C THR A 1547 -18.13 14.97 52.84
N ASP A 1548 -18.78 13.84 53.12
CA ASP A 1548 -20.24 13.75 53.15
C ASP A 1548 -20.86 14.13 51.81
N ARG A 1549 -20.41 13.45 50.75
CA ARG A 1549 -20.91 13.66 49.41
C ARG A 1549 -20.78 12.37 48.62
N ASN A 1550 -21.54 12.28 47.54
CA ASN A 1550 -21.52 11.14 46.64
C ASN A 1550 -20.34 11.29 45.69
N ILE A 1551 -19.28 10.50 45.90
CA ILE A 1551 -18.08 10.69 45.10
C ILE A 1551 -18.25 10.11 43.70
N SER A 1552 -18.88 8.93 43.59
CA SER A 1552 -19.09 8.32 42.29
C SER A 1552 -19.92 9.19 41.37
N ASP A 1553 -20.83 9.96 41.91
CA ASP A 1553 -21.59 10.91 41.11
C ASP A 1553 -20.74 12.10 40.69
N PHE A 1554 -19.99 12.65 41.64
CA PHE A 1554 -19.17 13.83 41.36
C PHE A 1554 -18.16 13.55 40.26
N LEU A 1555 -17.37 12.49 40.40
CA LEU A 1555 -16.31 12.22 39.43
C LEU A 1555 -16.87 11.94 38.05
N VAL A 1556 -17.89 11.09 37.97
CA VAL A 1556 -18.44 10.71 36.67
C VAL A 1556 -19.04 11.92 35.97
N LYS A 1557 -19.83 12.72 36.69
CA LYS A 1557 -20.49 13.83 36.04
C LYS A 1557 -19.63 15.07 35.91
N THR A 1558 -18.41 15.06 36.42
CA THR A 1558 -17.53 16.20 36.23
C THR A 1558 -16.34 15.92 35.32
N TYR A 1559 -16.06 14.66 34.99
CA TYR A 1559 -14.94 14.40 34.09
C TYR A 1559 -15.05 15.12 32.75
N PRO A 1560 -16.18 15.11 32.03
CA PRO A 1560 -16.22 15.82 30.74
C PRO A 1560 -15.93 17.30 30.83
N ALA A 1561 -16.62 18.04 31.68
CA ALA A 1561 -16.38 19.48 31.76
C ALA A 1561 -14.96 19.80 32.16
N LEU A 1562 -14.26 18.86 32.79
CA LEU A 1562 -12.85 19.05 33.12
C LEU A 1562 -11.96 18.78 31.93
N ILE A 1563 -12.34 17.85 31.05
CA ILE A 1563 -11.50 17.54 29.91
C ILE A 1563 -11.56 18.65 28.86
N ARG A 1564 -12.65 19.43 28.82
CA ARG A 1564 -12.77 20.55 27.89
C ARG A 1564 -11.94 21.75 28.33
N SER A 1565 -11.93 22.03 29.63
CA SER A 1565 -11.19 23.14 30.20
C SER A 1565 -9.70 22.94 30.19
N SER A 1566 -9.20 22.01 29.37
CA SER A 1566 -7.78 21.74 29.30
C SER A 1566 -7.14 22.09 27.97
N LEU A 1567 -7.92 22.31 26.91
CA LEU A 1567 -7.36 22.60 25.61
C LEU A 1567 -7.58 24.03 25.17
N LYS A 1568 -8.16 24.88 26.02
CA LYS A 1568 -8.32 26.28 25.67
C LYS A 1568 -6.96 26.98 25.55
N SER A 1569 -6.06 26.70 26.48
CA SER A 1569 -4.74 27.34 26.51
C SER A 1569 -3.72 26.55 25.71
N LYS A 1570 -3.50 25.29 26.09
CA LYS A 1570 -2.62 24.38 25.36
C LYS A 1570 -3.51 23.44 24.56
N PHE A 1571 -3.35 23.42 23.25
CA PHE A 1571 -4.34 22.77 22.41
C PHE A 1571 -4.36 21.25 22.55
N TRP A 1572 -3.40 20.66 23.25
CA TRP A 1572 -3.46 19.23 23.50
C TRP A 1572 -4.30 18.93 24.73
N VAL A 1573 -5.14 17.91 24.63
CA VAL A 1573 -6.04 17.53 25.71
C VAL A 1573 -5.21 16.94 26.85
N ASN A 1574 -5.67 17.17 28.07
CA ASN A 1574 -4.90 16.84 29.27
C ASN A 1574 -5.80 16.16 30.28
N GLU A 1575 -5.19 15.43 31.20
CA GLU A 1575 -5.89 14.79 32.30
C GLU A 1575 -5.43 15.49 33.57
N GLN A 1576 -6.36 16.09 34.31
CA GLN A 1576 -5.97 16.93 35.43
C GLN A 1576 -6.31 16.34 36.78
N ARG A 1577 -6.69 15.07 36.83
CA ARG A 1577 -6.98 14.44 38.11
C ARG A 1577 -6.48 13.02 38.07
N TYR A 1578 -5.68 12.65 39.08
CA TYR A 1578 -5.06 11.33 39.08
C TYR A 1578 -5.29 10.51 40.33
N GLY A 1579 -5.91 11.05 41.38
CA GLY A 1579 -6.21 10.23 42.53
C GLY A 1579 -6.48 10.96 43.82
N GLY A 1580 -6.76 10.23 44.90
CA GLY A 1580 -7.03 10.86 46.17
C GLY A 1580 -7.42 9.81 47.19
N ILE A 1581 -7.23 10.17 48.46
CA ILE A 1581 -7.41 9.26 49.58
C ILE A 1581 -8.82 9.43 50.14
N SER A 1582 -9.29 8.41 50.84
CA SER A 1582 -10.63 8.44 51.43
C SER A 1582 -10.60 7.71 52.77
N ILE A 1583 -10.32 8.45 53.84
CA ILE A 1583 -10.08 7.83 55.14
C ILE A 1583 -11.37 7.24 55.68
N GLY A 1584 -11.30 5.99 56.12
CA GLY A 1584 -12.45 5.34 56.69
C GLY A 1584 -12.90 4.15 55.90
N GLY A 1585 -13.52 3.19 56.57
CA GLY A 1585 -13.95 1.97 55.92
C GLY A 1585 -13.77 0.81 56.86
N LYS A 1586 -14.85 0.10 57.17
CA LYS A 1586 -14.82 -0.92 58.20
C LYS A 1586 -15.42 -2.20 57.63
N LEU A 1587 -14.78 -3.33 57.91
CA LEU A 1587 -15.51 -4.53 57.58
C LEU A 1587 -15.61 -5.42 58.81
N PRO A 1588 -16.71 -6.15 58.97
CA PRO A 1588 -16.93 -6.90 60.21
C PRO A 1588 -16.01 -8.11 60.29
N VAL A 1589 -15.26 -8.19 61.38
CA VAL A 1589 -14.33 -9.27 61.64
C VAL A 1589 -15.04 -10.36 62.41
N VAL A 1590 -14.64 -11.61 62.20
CA VAL A 1590 -15.27 -12.75 62.85
C VAL A 1590 -15.25 -12.50 64.35
N PRO A 1591 -16.37 -12.66 65.05
CA PRO A 1591 -16.40 -12.33 66.48
C PRO A 1591 -15.66 -13.32 67.34
N ILE A 1592 -15.30 -14.49 66.79
CA ILE A 1592 -14.61 -15.51 67.56
C ILE A 1592 -13.23 -15.00 67.95
N THR A 1593 -12.96 -14.98 69.25
CA THR A 1593 -11.67 -14.54 69.76
C THR A 1593 -10.65 -15.66 69.64
N GLY A 1594 -9.55 -15.56 70.37
CA GLY A 1594 -8.43 -16.45 70.22
C GLY A 1594 -8.50 -17.61 71.19
N GLU A 1595 -7.83 -17.48 72.33
CA GLU A 1595 -7.72 -18.54 73.33
C GLU A 1595 -9.03 -19.30 73.56
N ALA A 1596 -10.17 -18.64 73.36
CA ALA A 1596 -11.44 -19.35 73.53
C ALA A 1596 -11.54 -20.52 72.56
N LEU A 1597 -11.13 -20.33 71.31
CA LEU A 1597 -11.22 -21.39 70.32
C LEU A 1597 -10.38 -22.59 70.73
N VAL A 1598 -9.14 -22.33 71.14
CA VAL A 1598 -8.26 -23.44 71.48
C VAL A 1598 -8.69 -24.10 72.78
N GLY A 1599 -9.27 -23.34 73.72
CA GLY A 1599 -9.80 -23.96 74.92
C GLY A 1599 -10.98 -24.86 74.62
N PHE A 1600 -11.90 -24.39 73.77
CA PHE A 1600 -13.01 -25.23 73.36
C PHE A 1600 -12.53 -26.49 72.67
N LEU A 1601 -11.55 -26.35 71.77
CA LEU A 1601 -11.02 -27.52 71.08
C LEU A 1601 -10.38 -28.48 72.06
N SER A 1602 -9.63 -27.96 73.03
CA SER A 1602 -8.97 -28.83 74.00
C SER A 1602 -9.99 -29.58 74.83
N ASP A 1603 -11.07 -28.92 75.24
CA ASP A 1603 -12.09 -29.61 76.02
C ASP A 1603 -12.82 -30.66 75.19
N LEU A 1604 -13.15 -30.34 73.94
CA LEU A 1604 -13.74 -31.35 73.06
C LEU A 1604 -12.82 -32.56 72.92
N GLY A 1605 -11.53 -32.32 72.72
CA GLY A 1605 -10.61 -33.43 72.60
C GLY A 1605 -10.50 -34.25 73.88
N ARG A 1606 -10.51 -33.57 75.02
CA ARG A 1606 -10.41 -34.29 76.28
C ARG A 1606 -11.64 -35.15 76.52
N ILE A 1607 -12.80 -34.68 76.09
CA ILE A 1607 -14.00 -35.50 76.14
C ILE A 1607 -13.87 -36.69 75.20
N MET A 1608 -13.40 -36.46 73.98
CA MET A 1608 -13.41 -37.49 72.95
C MET A 1608 -12.10 -38.28 72.86
N ASN A 1609 -11.19 -38.14 73.84
CA ASN A 1609 -10.08 -39.06 74.02
C ASN A 1609 -9.12 -39.06 72.83
N VAL A 1610 -8.73 -37.88 72.37
CA VAL A 1610 -7.79 -37.77 71.26
C VAL A 1610 -6.39 -37.40 71.74
N SER A 1611 -6.29 -36.45 72.66
CA SER A 1611 -5.01 -36.04 73.23
C SER A 1611 -4.02 -35.53 72.18
N GLY A 1612 -4.43 -35.49 70.92
CA GLY A 1612 -3.59 -34.94 69.89
C GLY A 1612 -2.30 -35.70 69.73
N GLY A 1613 -1.19 -34.97 69.68
CA GLY A 1613 0.12 -35.54 69.47
C GLY A 1613 1.16 -34.46 69.25
N PRO A 1614 2.39 -34.87 68.90
CA PRO A 1614 3.50 -33.91 68.84
C PRO A 1614 3.31 -32.79 67.81
N ILE A 1615 2.68 -33.07 66.67
CA ILE A 1615 2.51 -32.03 65.67
C ILE A 1615 1.49 -31.00 66.14
N THR A 1616 0.40 -31.46 66.73
CA THR A 1616 -0.67 -30.58 67.16
C THR A 1616 -0.21 -29.55 68.18
N ARG A 1617 0.81 -29.84 69.01
CA ARG A 1617 1.21 -28.83 69.98
C ARG A 1617 1.83 -27.63 69.26
N GLU A 1618 2.57 -27.87 68.18
CA GLU A 1618 3.10 -26.77 67.39
C GLU A 1618 2.01 -26.11 66.56
N ALA A 1619 1.08 -26.89 66.03
CA ALA A 1619 0.01 -26.34 65.21
C ALA A 1619 -0.88 -25.41 66.03
N SER A 1620 -1.26 -25.82 67.23
CA SER A 1620 -2.16 -25.07 68.07
C SER A 1620 -1.43 -24.16 69.05
N LYS A 1621 -0.17 -23.83 68.75
CA LYS A 1621 0.59 -22.86 69.52
C LYS A 1621 0.46 -21.45 68.98
N GLU A 1622 0.07 -21.33 67.71
CA GLU A 1622 0.07 -20.07 66.97
C GLU A 1622 -1.33 -19.57 66.60
N ILE A 1623 -2.39 -20.19 67.12
CA ILE A 1623 -3.75 -19.74 66.78
C ILE A 1623 -4.02 -18.29 67.16
N PRO A 1624 -3.67 -17.81 68.37
CA PRO A 1624 -4.09 -16.44 68.72
C PRO A 1624 -3.56 -15.39 67.77
N ASP A 1625 -2.32 -15.55 67.32
CA ASP A 1625 -1.75 -14.65 66.33
C ASP A 1625 -2.25 -14.93 64.92
N PHE A 1626 -2.58 -16.19 64.63
CA PHE A 1626 -3.10 -16.53 63.33
C PHE A 1626 -4.41 -15.81 63.08
N LEU A 1627 -5.33 -15.88 64.04
CA LEU A 1627 -6.65 -15.27 63.83
C LEU A 1627 -6.61 -13.75 63.78
N LYS A 1628 -5.50 -13.13 64.15
CA LYS A 1628 -5.37 -11.69 64.13
C LYS A 1628 -4.95 -11.16 62.75
N HIS A 1629 -4.56 -12.03 61.83
CA HIS A 1629 -4.00 -11.61 60.56
C HIS A 1629 -4.84 -12.02 59.36
N LEU A 1630 -6.10 -12.36 59.56
CA LEU A 1630 -7.00 -12.60 58.44
C LEU A 1630 -7.89 -11.41 58.13
N GLU A 1631 -8.04 -10.49 59.06
CA GLU A 1631 -8.88 -9.32 58.87
C GLU A 1631 -8.24 -8.15 59.59
N THR A 1632 -8.63 -6.92 59.21
CA THR A 1632 -8.09 -5.74 59.87
C THR A 1632 -9.13 -4.87 60.57
N GLU A 1633 -10.32 -4.71 59.99
CA GLU A 1633 -11.45 -3.98 60.55
C GLU A 1633 -11.37 -2.46 60.44
N ASP A 1634 -10.25 -1.87 60.01
CA ASP A 1634 -10.18 -0.42 59.90
C ASP A 1634 -9.11 -0.04 58.91
N ASN A 1635 -9.50 0.58 57.80
CA ASN A 1635 -8.57 0.77 56.71
C ASN A 1635 -9.07 1.85 55.77
N ILE A 1636 -8.17 2.32 54.91
CA ILE A 1636 -8.40 3.45 54.03
C ILE A 1636 -8.45 2.95 52.61
N LYS A 1637 -8.74 3.81 51.64
CA LYS A 1637 -8.73 3.38 50.25
C LYS A 1637 -8.25 4.52 49.36
N VAL A 1638 -7.55 4.16 48.30
CA VAL A 1638 -6.96 5.15 47.40
C VAL A 1638 -7.67 5.02 46.06
N TRP A 1639 -7.96 6.15 45.43
CA TRP A 1639 -8.54 6.17 44.12
C TRP A 1639 -7.46 6.51 43.12
N PHE A 1640 -7.50 5.89 41.94
CA PHE A 1640 -6.46 6.14 40.96
C PHE A 1640 -7.05 6.21 39.57
N ASN A 1641 -6.35 6.91 38.69
CA ASN A 1641 -6.70 7.07 37.30
C ASN A 1641 -5.69 6.28 36.49
N ASN A 1642 -6.15 5.29 35.73
CA ASN A 1642 -5.21 4.41 35.07
C ASN A 1642 -4.65 4.98 33.79
N LYS A 1643 -5.10 6.15 33.36
CA LYS A 1643 -4.53 6.77 32.18
C LYS A 1643 -3.07 7.10 32.39
N GLY A 1644 -2.72 7.65 33.55
CA GLY A 1644 -1.32 7.81 33.91
C GLY A 1644 -0.77 6.47 34.35
N TRP A 1645 0.29 6.03 33.71
CA TRP A 1645 0.76 4.67 33.93
C TRP A 1645 1.23 4.46 35.36
N HIS A 1646 1.98 5.41 35.90
CA HIS A 1646 2.60 5.26 37.21
C HIS A 1646 1.78 5.90 38.33
N ALA A 1647 0.47 5.99 38.14
CA ALA A 1647 -0.41 6.66 39.10
C ALA A 1647 -0.95 5.73 40.16
N LEU A 1648 -0.76 4.43 40.03
CA LEU A 1648 -1.19 3.49 41.06
C LEU A 1648 -0.21 3.48 42.22
N VAL A 1649 1.06 3.24 41.90
CA VAL A 1649 2.08 3.07 42.91
C VAL A 1649 2.45 4.40 43.57
N SER A 1650 2.30 5.51 42.86
CA SER A 1650 2.58 6.81 43.45
C SER A 1650 1.66 7.09 44.62
N PHE A 1651 0.36 6.90 44.44
CA PHE A 1651 -0.59 7.15 45.51
C PHE A 1651 -0.59 6.04 46.54
N LEU A 1652 -0.27 4.80 46.16
CA LEU A 1652 -0.06 3.78 47.19
C LEU A 1652 1.06 4.18 48.13
N ASN A 1653 2.14 4.74 47.58
CA ASN A 1653 3.21 5.25 48.44
C ASN A 1653 2.73 6.40 49.30
N VAL A 1654 1.92 7.30 48.74
CA VAL A 1654 1.38 8.40 49.54
C VAL A 1654 0.66 7.86 50.77
N ALA A 1655 -0.19 6.84 50.57
CA ALA A 1655 -0.97 6.31 51.67
C ALA A 1655 -0.09 5.61 52.70
N HIS A 1656 0.86 4.80 52.27
CA HIS A 1656 1.72 4.14 53.25
C HIS A 1656 2.55 5.13 54.04
N ASN A 1657 2.94 6.21 53.41
CA ASN A 1657 3.78 7.20 54.07
C ASN A 1657 2.98 7.99 55.10
N ALA A 1658 1.72 8.31 54.78
CA ALA A 1658 0.86 8.96 55.77
C ALA A 1658 0.57 8.05 56.95
N ILE A 1659 0.35 6.75 56.71
CA ILE A 1659 0.12 5.83 57.80
C ILE A 1659 1.34 5.75 58.72
N LEU A 1660 2.54 5.81 58.14
CA LEU A 1660 3.72 5.87 59.00
C LEU A 1660 3.72 7.12 59.86
N ARG A 1661 3.45 8.27 59.26
CA ARG A 1661 3.49 9.50 60.05
C ARG A 1661 2.38 9.57 61.09
N ALA A 1662 1.29 8.83 60.94
CA ALA A 1662 0.16 8.95 61.84
C ALA A 1662 0.26 8.07 63.07
N SER A 1663 1.42 7.44 63.31
CA SER A 1663 1.50 6.49 64.41
C SER A 1663 2.81 6.53 65.19
N LEU A 1664 3.76 7.38 64.85
CA LEU A 1664 4.96 7.46 65.65
C LEU A 1664 4.71 8.34 66.86
N PRO A 1665 5.52 8.21 67.92
CA PRO A 1665 5.19 8.84 69.21
C PRO A 1665 5.09 10.35 69.11
N LYS A 1666 4.59 10.94 70.20
CA LYS A 1666 4.20 12.34 70.23
C LYS A 1666 5.36 13.29 70.45
N ASP A 1667 6.59 12.87 70.19
CA ASP A 1667 7.75 13.74 70.39
C ASP A 1667 8.77 13.56 69.28
N ARG A 1668 8.33 13.14 68.10
CA ARG A 1668 9.25 12.83 67.01
C ARG A 1668 9.05 13.68 65.77
N SER A 1669 8.09 14.61 65.77
CA SER A 1669 7.99 15.58 64.70
C SER A 1669 7.79 14.91 63.35
N PRO A 1670 6.58 14.46 63.04
CA PRO A 1670 6.37 13.63 61.86
C PRO A 1670 6.75 14.28 60.54
N GLU A 1671 7.30 15.48 60.56
CA GLU A 1671 7.66 16.18 59.33
C GLU A 1671 9.02 15.77 58.77
N GLU A 1672 9.72 14.83 59.41
CA GLU A 1672 11.02 14.40 58.90
C GLU A 1672 11.11 12.90 58.73
N TYR A 1673 9.97 12.22 58.57
CA TYR A 1673 9.93 10.78 58.33
C TYR A 1673 9.29 10.54 56.97
N GLY A 1674 9.79 9.55 56.25
CA GLY A 1674 9.23 9.27 54.94
C GLY A 1674 9.82 8.01 54.35
N ILE A 1675 9.19 7.58 53.26
CA ILE A 1675 9.64 6.44 52.47
C ILE A 1675 9.50 6.82 51.00
N THR A 1676 10.45 6.44 50.18
CA THR A 1676 10.34 6.66 48.74
C THR A 1676 10.69 5.38 48.02
N VAL A 1677 10.07 5.18 46.86
CA VAL A 1677 10.36 4.00 46.05
C VAL A 1677 10.90 4.44 44.71
N ILE A 1678 11.54 3.50 44.04
CA ILE A 1678 12.21 3.72 42.78
C ILE A 1678 12.02 2.45 41.95
N SER A 1679 11.72 2.60 40.67
CA SER A 1679 11.68 1.47 39.77
C SER A 1679 12.92 1.45 38.93
N GLN A 1680 13.50 0.30 38.73
CA GLN A 1680 14.64 0.34 37.82
C GLN A 1680 14.84 -1.02 37.19
N PRO A 1681 14.28 -1.26 36.01
CA PRO A 1681 14.26 -2.62 35.48
C PRO A 1681 15.65 -3.24 35.44
N LEU A 1682 15.66 -4.56 35.41
CA LEU A 1682 16.90 -5.32 35.47
C LEU A 1682 17.62 -5.25 34.13
N ASN A 1683 18.93 -5.03 34.17
CA ASN A 1683 19.71 -4.73 32.97
C ASN A 1683 19.83 -5.91 32.03
N LEU A 1684 18.73 -6.37 31.45
CA LEU A 1684 18.76 -7.55 30.58
C LEU A 1684 18.96 -7.20 29.11
N THR A 1685 19.04 -5.92 28.75
CA THR A 1685 19.18 -5.50 27.37
C THR A 1685 18.05 -6.05 26.50
N LYS A 1686 16.85 -5.57 26.77
CA LYS A 1686 15.65 -6.03 26.08
C LYS A 1686 14.70 -4.85 25.90
N GLU A 1687 13.59 -5.12 25.21
CA GLU A 1687 12.46 -4.22 25.14
C GLU A 1687 11.22 -5.04 25.48
N GLN A 1688 10.13 -4.34 25.79
CA GLN A 1688 8.88 -5.06 25.99
C GLN A 1688 8.46 -5.73 24.70
N LEU A 1689 7.84 -6.91 24.84
CA LEU A 1689 7.42 -7.67 23.68
C LEU A 1689 6.41 -6.90 22.84
N SER A 1690 5.47 -6.23 23.51
CA SER A 1690 4.43 -5.50 22.81
C SER A 1690 4.98 -4.40 21.92
N GLU A 1691 6.16 -3.87 22.22
CA GLU A 1691 6.72 -2.80 21.42
C GLU A 1691 7.41 -3.34 20.18
N ILE A 1692 8.31 -4.30 20.35
CA ILE A 1692 9.04 -4.82 19.20
C ILE A 1692 8.11 -5.55 18.25
N THR A 1693 7.06 -6.20 18.76
CA THR A 1693 6.14 -6.88 17.87
C THR A 1693 5.44 -5.91 16.92
N VAL A 1694 4.91 -4.82 17.47
CA VAL A 1694 4.21 -3.87 16.61
C VAL A 1694 5.18 -3.18 15.68
N LEU A 1695 6.40 -2.88 16.14
CA LEU A 1695 7.35 -2.23 15.25
C LEU A 1695 7.70 -3.14 14.08
N THR A 1696 7.93 -4.42 14.37
CA THR A 1696 8.31 -5.35 13.30
C THR A 1696 7.20 -5.56 12.30
N THR A 1697 5.96 -5.75 12.76
CA THR A 1697 4.88 -5.91 11.80
C THR A 1697 4.63 -4.65 10.99
N SER A 1698 4.71 -3.47 11.62
CA SER A 1698 4.53 -2.24 10.87
C SER A 1698 5.60 -2.09 9.80
N VAL A 1699 6.85 -2.41 10.11
CA VAL A 1699 7.89 -2.26 9.10
C VAL A 1699 7.73 -3.30 8.00
N ASP A 1700 7.43 -4.53 8.36
CA ASP A 1700 7.43 -5.60 7.37
C ASP A 1700 6.14 -5.66 6.57
N ALA A 1701 5.14 -4.85 6.89
CA ALA A 1701 4.06 -4.63 5.95
C ALA A 1701 4.47 -3.73 4.80
N VAL A 1702 5.20 -2.65 5.07
CA VAL A 1702 5.54 -1.73 3.99
C VAL A 1702 6.53 -2.35 3.03
N VAL A 1703 7.35 -3.30 3.48
CA VAL A 1703 8.27 -3.96 2.55
C VAL A 1703 7.48 -4.77 1.53
N ALA A 1704 6.44 -5.46 1.97
CA ALA A 1704 5.57 -6.15 1.03
C ALA A 1704 4.87 -5.15 0.10
N ILE A 1705 4.44 -4.02 0.65
CA ILE A 1705 3.81 -3.00 -0.20
C ILE A 1705 4.78 -2.54 -1.29
N CYS A 1706 6.04 -2.30 -0.92
CA CYS A 1706 7.02 -1.84 -1.88
C CYS A 1706 7.36 -2.91 -2.92
N VAL A 1707 7.42 -4.17 -2.51
CA VAL A 1707 7.69 -5.23 -3.50
C VAL A 1707 6.52 -5.37 -4.47
N ILE A 1708 5.29 -5.27 -3.98
CA ILE A 1708 4.15 -5.32 -4.88
C ILE A 1708 4.19 -4.15 -5.85
N PHE A 1709 4.49 -2.95 -5.35
CA PHE A 1709 4.59 -1.78 -6.21
C PHE A 1709 5.65 -1.98 -7.27
N SER A 1710 6.79 -2.53 -6.89
CA SER A 1710 7.88 -2.76 -7.84
C SER A 1710 7.50 -3.78 -8.89
N MET A 1711 7.00 -4.94 -8.48
CA MET A 1711 6.65 -5.99 -9.43
C MET A 1711 5.41 -5.68 -10.21
N SER A 1712 4.72 -4.58 -9.91
CA SER A 1712 3.59 -4.19 -10.74
C SER A 1712 4.00 -3.41 -11.98
N PHE A 1713 5.23 -2.89 -12.02
CA PHE A 1713 5.70 -2.09 -13.14
C PHE A 1713 6.46 -2.89 -14.17
N VAL A 1714 7.18 -3.93 -13.76
CA VAL A 1714 7.94 -4.72 -14.72
C VAL A 1714 7.07 -5.39 -15.78
N PRO A 1715 5.98 -6.08 -15.44
CA PRO A 1715 5.23 -6.79 -16.48
C PRO A 1715 4.71 -5.91 -17.60
N ALA A 1716 4.44 -4.63 -17.34
CA ALA A 1716 3.92 -3.77 -18.39
C ALA A 1716 5.00 -3.32 -19.35
N SER A 1717 6.27 -3.57 -19.03
CA SER A 1717 7.38 -3.14 -19.86
C SER A 1717 7.54 -3.96 -21.12
N PHE A 1718 6.84 -5.06 -21.26
CA PHE A 1718 6.96 -5.90 -22.44
C PHE A 1718 5.99 -5.52 -23.54
N VAL A 1719 5.06 -4.61 -23.27
CA VAL A 1719 4.09 -4.19 -24.27
C VAL A 1719 4.67 -3.12 -25.19
N LEU A 1720 5.76 -2.48 -24.77
CA LEU A 1720 6.31 -1.39 -25.56
C LEU A 1720 6.76 -1.88 -26.93
N TYR A 1721 7.44 -3.00 -26.99
CA TYR A 1721 7.91 -3.52 -28.26
C TYR A 1721 6.78 -4.03 -29.13
N LEU A 1722 5.82 -4.72 -28.54
CA LEU A 1722 4.74 -5.29 -29.34
C LEU A 1722 3.89 -4.21 -29.97
N ILE A 1723 3.57 -3.14 -29.24
CA ILE A 1723 2.77 -2.08 -29.83
C ILE A 1723 3.57 -1.32 -30.86
N GLN A 1724 4.85 -1.13 -30.60
CA GLN A 1724 5.73 -0.42 -31.52
C GLN A 1724 5.85 -1.15 -32.84
N GLU A 1725 5.88 -2.48 -32.80
CA GLU A 1725 5.93 -3.28 -34.02
C GLU A 1725 4.59 -3.44 -34.72
N ARG A 1726 3.48 -3.48 -33.98
CA ARG A 1726 2.19 -3.65 -34.64
C ARG A 1726 1.88 -2.48 -35.55
N VAL A 1727 2.04 -1.25 -35.06
CA VAL A 1727 1.97 -0.09 -35.92
C VAL A 1727 3.33 -0.02 -36.60
N ASN A 1728 3.41 0.69 -37.71
CA ASN A 1728 4.47 0.75 -38.72
C ASN A 1728 4.52 -0.50 -39.57
N LYS A 1729 3.65 -1.47 -39.31
CA LYS A 1729 3.45 -2.63 -40.16
C LYS A 1729 4.70 -3.50 -40.29
N SER A 1730 5.45 -3.63 -39.21
CA SER A 1730 6.61 -4.50 -39.25
C SER A 1730 6.30 -5.90 -38.77
N LYS A 1731 5.20 -6.10 -38.05
CA LYS A 1731 4.76 -7.46 -37.72
C LYS A 1731 4.04 -8.09 -38.88
N HIS A 1732 3.22 -7.31 -39.58
CA HIS A 1732 2.55 -7.81 -40.76
C HIS A 1732 3.55 -8.18 -41.84
N LEU A 1733 4.63 -7.44 -41.95
CA LEU A 1733 5.61 -7.74 -42.96
C LEU A 1733 6.39 -9.00 -42.63
N GLN A 1734 6.37 -9.43 -41.37
CA GLN A 1734 6.96 -10.72 -41.00
C GLN A 1734 5.97 -11.85 -41.12
N PHE A 1735 4.68 -11.59 -40.91
CA PHE A 1735 3.68 -12.60 -41.23
C PHE A 1735 3.65 -12.90 -42.71
N ILE A 1736 3.91 -11.90 -43.55
CA ILE A 1736 3.94 -12.14 -44.99
C ILE A 1736 5.05 -13.13 -45.34
N SER A 1737 6.24 -12.95 -44.76
CA SER A 1737 7.31 -13.90 -44.98
C SER A 1737 7.00 -15.28 -44.43
N GLY A 1738 6.00 -15.39 -43.58
CA GLY A 1738 5.57 -16.68 -43.08
C GLY A 1738 6.16 -16.98 -41.72
N VAL A 1739 5.46 -16.59 -40.66
CA VAL A 1739 5.89 -16.86 -39.29
C VAL A 1739 4.79 -17.47 -38.45
N SER A 1740 3.58 -17.67 -38.99
CA SER A 1740 2.67 -18.60 -38.33
C SER A 1740 2.38 -18.22 -36.89
N PRO A 1741 1.43 -17.33 -36.65
CA PRO A 1741 1.37 -16.55 -35.41
C PRO A 1741 1.80 -17.25 -34.13
N THR A 1742 1.58 -18.56 -34.07
CA THR A 1742 1.94 -19.34 -32.88
C THR A 1742 3.43 -19.24 -32.56
N THR A 1743 4.29 -19.39 -33.56
CA THR A 1743 5.72 -19.34 -33.26
C THR A 1743 6.13 -17.94 -32.83
N TYR A 1744 5.54 -16.92 -33.44
CA TYR A 1744 5.84 -15.54 -33.06
C TYR A 1744 5.52 -15.30 -31.59
N TRP A 1745 4.31 -15.67 -31.18
CA TRP A 1745 3.90 -15.45 -29.80
C TRP A 1745 4.69 -16.30 -28.83
N VAL A 1746 4.98 -17.56 -29.19
CA VAL A 1746 5.75 -18.41 -28.29
C VAL A 1746 7.15 -17.84 -28.09
N THR A 1747 7.79 -17.39 -29.16
CA THR A 1747 9.13 -16.85 -29.02
C THR A 1747 9.14 -15.57 -28.20
N ASN A 1748 8.14 -14.71 -28.39
CA ASN A 1748 8.09 -13.50 -27.57
C ASN A 1748 7.91 -13.84 -26.11
N PHE A 1749 7.06 -14.82 -25.80
CA PHE A 1749 6.89 -15.25 -24.42
C PHE A 1749 8.18 -15.78 -23.83
N LEU A 1750 8.92 -16.55 -24.63
CA LEU A 1750 10.17 -17.12 -24.17
C LEU A 1750 11.21 -16.05 -23.88
N TRP A 1751 11.23 -14.97 -24.66
CA TRP A 1751 12.15 -13.87 -24.38
C TRP A 1751 11.71 -13.07 -23.17
N ASP A 1752 10.40 -12.84 -23.03
CA ASP A 1752 9.91 -12.08 -21.89
C ASP A 1752 10.22 -12.79 -20.57
N ILE A 1753 10.15 -14.11 -20.54
CA ILE A 1753 10.41 -14.83 -19.30
C ILE A 1753 11.86 -14.67 -18.86
N MET A 1754 12.80 -14.88 -19.77
CA MET A 1754 14.19 -14.71 -19.37
C MET A 1754 14.53 -13.25 -19.10
N ASN A 1755 13.73 -12.32 -19.63
CA ASN A 1755 13.95 -10.92 -19.29
C ASN A 1755 13.47 -10.61 -17.87
N TYR A 1756 12.31 -11.16 -17.50
CA TYR A 1756 11.75 -10.97 -16.16
C TYR A 1756 12.62 -11.60 -15.08
N SER A 1757 13.14 -12.79 -15.34
CA SER A 1757 13.81 -13.52 -14.28
C SER A 1757 14.99 -12.76 -13.72
N VAL A 1758 15.55 -11.82 -14.48
CA VAL A 1758 16.68 -11.04 -13.98
C VAL A 1758 16.23 -10.11 -12.85
N SER A 1759 15.11 -9.42 -13.03
CA SER A 1759 14.58 -8.61 -11.95
C SER A 1759 14.20 -9.48 -10.75
N ALA A 1760 13.56 -10.62 -11.00
CA ALA A 1760 13.20 -11.49 -9.88
C ALA A 1760 14.44 -11.93 -9.09
N GLY A 1761 15.47 -12.38 -9.79
CA GLY A 1761 16.70 -12.77 -9.14
C GLY A 1761 17.39 -11.64 -8.40
N LEU A 1762 17.32 -10.43 -8.93
CA LEU A 1762 17.93 -9.29 -8.26
C LEU A 1762 17.20 -8.99 -6.95
N VAL A 1763 15.88 -9.06 -6.96
CA VAL A 1763 15.11 -8.86 -5.72
C VAL A 1763 15.47 -9.92 -4.68
N VAL A 1764 15.55 -11.18 -5.11
CA VAL A 1764 15.92 -12.25 -4.19
C VAL A 1764 17.31 -12.03 -3.63
N GLY A 1765 18.25 -11.63 -4.49
CA GLY A 1765 19.60 -11.36 -4.01
C GLY A 1765 19.64 -10.28 -2.96
N ILE A 1766 18.79 -9.26 -3.11
CA ILE A 1766 18.73 -8.22 -2.09
C ILE A 1766 18.21 -8.79 -0.77
N PHE A 1767 17.14 -9.57 -0.82
CA PHE A 1767 16.60 -10.16 0.41
C PHE A 1767 17.65 -11.02 1.11
N ILE A 1768 18.44 -11.75 0.33
CA ILE A 1768 19.54 -12.52 0.92
C ILE A 1768 20.52 -11.56 1.58
N GLY A 1769 20.89 -10.49 0.89
CA GLY A 1769 21.93 -9.61 1.39
C GLY A 1769 21.57 -8.94 2.70
N PHE A 1770 20.29 -8.65 2.90
CA PHE A 1770 19.90 -8.03 4.16
C PHE A 1770 19.62 -9.04 5.26
N GLN A 1771 19.66 -10.33 4.95
CA GLN A 1771 19.39 -11.40 5.90
C GLN A 1771 18.04 -11.25 6.58
N LYS A 1772 17.05 -10.84 5.80
CA LYS A 1772 15.70 -10.73 6.33
C LYS A 1772 15.12 -12.11 6.53
N LYS A 1773 14.77 -12.45 7.76
CA LYS A 1773 14.09 -13.70 8.03
C LYS A 1773 12.68 -13.65 7.45
N ALA A 1774 12.03 -14.81 7.46
CA ALA A 1774 10.73 -15.03 6.87
C ALA A 1774 10.80 -15.00 5.35
N TYR A 1775 11.96 -14.69 4.82
CA TYR A 1775 12.17 -14.66 3.38
C TYR A 1775 13.44 -15.38 2.97
N THR A 1776 14.53 -15.22 3.72
CA THR A 1776 15.77 -15.90 3.41
C THR A 1776 16.13 -16.75 4.63
N SER A 1777 15.47 -17.88 4.77
CA SER A 1777 15.76 -18.86 5.79
C SER A 1777 15.71 -20.22 5.11
N PRO A 1778 16.46 -21.20 5.62
CA PRO A 1778 16.56 -22.48 4.91
C PRO A 1778 15.23 -23.18 4.70
N GLU A 1779 14.13 -22.67 5.24
CA GLU A 1779 12.82 -23.26 5.04
C GLU A 1779 11.88 -22.41 4.21
N ASN A 1780 12.21 -21.14 3.97
CA ASN A 1780 11.35 -20.19 3.29
C ASN A 1780 11.85 -19.80 1.91
N LEU A 1781 13.15 -19.86 1.70
CA LEU A 1781 13.73 -19.35 0.45
C LEU A 1781 13.17 -20.03 -0.78
N PRO A 1782 13.00 -21.36 -0.83
CA PRO A 1782 12.29 -21.95 -1.96
C PRO A 1782 10.89 -21.40 -2.14
N ALA A 1783 10.17 -21.12 -1.06
CA ALA A 1783 8.83 -20.56 -1.19
C ALA A 1783 8.86 -19.19 -1.83
N LEU A 1784 9.80 -18.34 -1.41
CA LEU A 1784 9.91 -17.02 -2.02
C LEU A 1784 10.28 -17.09 -3.50
N VAL A 1785 11.26 -17.93 -3.83
CA VAL A 1785 11.68 -18.05 -5.22
C VAL A 1785 10.53 -18.54 -6.09
N ALA A 1786 9.80 -19.53 -5.61
CA ALA A 1786 8.67 -20.05 -6.37
C ALA A 1786 7.49 -19.10 -6.40
N LEU A 1787 7.36 -18.19 -5.44
CA LEU A 1787 6.38 -17.13 -5.59
C LEU A 1787 6.72 -16.23 -6.77
N LEU A 1788 7.95 -15.70 -6.79
CA LEU A 1788 8.27 -14.72 -7.82
C LEU A 1788 8.30 -15.34 -9.21
N LEU A 1789 9.05 -16.43 -9.37
CA LEU A 1789 9.29 -16.98 -10.68
C LEU A 1789 8.03 -17.52 -11.31
N LEU A 1790 6.98 -17.73 -10.54
CA LEU A 1790 5.75 -18.25 -11.10
C LEU A 1790 4.68 -17.18 -11.20
N TYR A 1791 4.79 -16.12 -10.39
CA TYR A 1791 3.98 -14.93 -10.63
C TYR A 1791 4.26 -14.36 -12.00
N GLY A 1792 5.52 -14.29 -12.38
CA GLY A 1792 5.83 -13.76 -13.71
C GLY A 1792 5.25 -14.59 -14.83
N TRP A 1793 5.44 -15.91 -14.76
CA TRP A 1793 4.81 -16.82 -15.71
C TRP A 1793 3.32 -16.58 -15.81
N ALA A 1794 2.65 -16.37 -14.67
CA ALA A 1794 1.21 -16.20 -14.70
C ALA A 1794 0.80 -14.87 -15.31
N VAL A 1795 1.57 -13.82 -15.07
CA VAL A 1795 1.06 -12.47 -15.33
C VAL A 1795 1.49 -11.93 -16.68
N ILE A 1796 2.62 -12.38 -17.21
CA ILE A 1796 3.09 -11.87 -18.49
C ILE A 1796 2.06 -12.07 -19.60
N PRO A 1797 1.53 -13.27 -19.83
CA PRO A 1797 0.57 -13.40 -20.93
C PRO A 1797 -0.80 -12.87 -20.59
N MET A 1798 -0.83 -11.78 -19.85
CA MET A 1798 -2.06 -11.06 -19.55
C MET A 1798 -2.02 -9.65 -20.05
N MET A 1799 -0.83 -9.11 -20.28
CA MET A 1799 -0.66 -7.86 -20.98
C MET A 1799 -0.89 -8.01 -22.47
N TYR A 1800 -0.62 -9.19 -23.03
CA TYR A 1800 -0.61 -9.36 -24.47
C TYR A 1800 -1.91 -8.99 -25.17
N PRO A 1801 -3.09 -9.36 -24.68
CA PRO A 1801 -4.31 -8.92 -25.36
C PRO A 1801 -4.46 -7.41 -25.39
N ALA A 1802 -3.73 -6.68 -24.55
CA ALA A 1802 -3.82 -5.22 -24.54
C ALA A 1802 -2.94 -4.57 -25.59
N SER A 1803 -1.98 -5.28 -26.15
CA SER A 1803 -1.19 -4.71 -27.23
C SER A 1803 -1.99 -4.61 -28.51
N PHE A 1804 -3.26 -5.00 -28.48
CA PHE A 1804 -4.12 -5.00 -29.65
C PHE A 1804 -5.07 -3.83 -29.69
N LEU A 1805 -5.03 -2.93 -28.72
CA LEU A 1805 -5.96 -1.83 -28.70
C LEU A 1805 -5.36 -0.49 -28.33
N PHE A 1806 -4.04 -0.41 -28.13
CA PHE A 1806 -3.35 0.84 -27.93
C PHE A 1806 -2.44 1.10 -29.12
N ASP A 1807 -2.38 2.35 -29.56
CA ASP A 1807 -1.49 2.73 -30.65
C ASP A 1807 -0.20 3.39 -30.20
N VAL A 1808 -0.18 3.99 -29.02
CA VAL A 1808 1.01 4.66 -28.50
C VAL A 1808 1.59 3.77 -27.41
N PRO A 1809 2.84 3.32 -27.53
CA PRO A 1809 3.39 2.44 -26.50
C PRO A 1809 3.39 3.04 -25.10
N SER A 1810 3.64 4.34 -25.00
CA SER A 1810 3.75 4.98 -23.70
C SER A 1810 2.43 4.97 -22.97
N THR A 1811 1.34 5.25 -23.69
CA THR A 1811 0.02 5.23 -23.07
C THR A 1811 -0.31 3.87 -22.51
N ALA A 1812 0.01 2.81 -23.26
CA ALA A 1812 -0.24 1.48 -22.75
C ALA A 1812 0.60 1.19 -21.53
N TYR A 1813 1.87 1.57 -21.54
CA TYR A 1813 2.70 1.37 -20.36
C TYR A 1813 2.04 1.98 -19.14
N VAL A 1814 1.66 3.25 -19.23
CA VAL A 1814 1.13 3.93 -18.06
C VAL A 1814 -0.19 3.32 -17.62
N ALA A 1815 -1.13 3.14 -18.55
CA ALA A 1815 -2.44 2.66 -18.18
C ALA A 1815 -2.42 1.22 -17.70
N LEU A 1816 -1.41 0.43 -18.07
CA LEU A 1816 -1.36 -0.92 -17.54
C LEU A 1816 -0.66 -0.98 -16.19
N SER A 1817 0.39 -0.18 -15.98
CA SER A 1817 1.01 -0.13 -14.67
C SER A 1817 0.00 0.29 -13.62
N CYS A 1818 -0.80 1.32 -13.92
CA CYS A 1818 -1.76 1.79 -12.94
C CYS A 1818 -2.82 0.74 -12.64
N ALA A 1819 -3.32 0.04 -13.65
CA ALA A 1819 -4.32 -0.99 -13.40
C ALA A 1819 -3.75 -2.13 -12.57
N ASN A 1820 -2.53 -2.55 -12.86
CA ASN A 1820 -1.91 -3.59 -12.06
C ASN A 1820 -1.77 -3.16 -10.61
N LEU A 1821 -1.32 -1.93 -10.38
CA LEU A 1821 -1.15 -1.45 -9.01
C LEU A 1821 -2.49 -1.37 -8.28
N PHE A 1822 -3.53 -0.87 -8.95
CA PHE A 1822 -4.84 -0.78 -8.35
C PHE A 1822 -5.34 -2.15 -7.91
N ILE A 1823 -5.25 -3.15 -8.78
CA ILE A 1823 -5.71 -4.49 -8.40
C ILE A 1823 -4.85 -5.05 -7.28
N GLY A 1824 -3.53 -4.94 -7.40
CA GLY A 1824 -2.64 -5.53 -6.43
C GLY A 1824 -2.64 -4.89 -5.07
N ILE A 1825 -3.14 -3.67 -4.94
CA ILE A 1825 -3.35 -3.05 -3.64
C ILE A 1825 -4.74 -3.34 -3.10
N ASN A 1826 -5.78 -3.21 -3.92
CA ASN A 1826 -7.13 -3.32 -3.42
C ASN A 1826 -7.66 -4.74 -3.42
N SER A 1827 -6.82 -5.73 -3.72
CA SER A 1827 -7.18 -7.11 -3.46
C SER A 1827 -6.51 -7.69 -2.23
N SER A 1828 -5.31 -7.26 -1.89
CA SER A 1828 -4.55 -7.82 -0.79
C SER A 1828 -4.68 -7.01 0.49
N ALA A 1829 -5.55 -6.01 0.50
CA ALA A 1829 -5.86 -5.29 1.73
C ALA A 1829 -7.26 -5.56 2.23
N ILE A 1830 -8.23 -5.77 1.34
CA ILE A 1830 -9.58 -6.04 1.77
C ILE A 1830 -9.67 -7.33 2.55
N THR A 1831 -8.97 -8.39 2.15
CA THR A 1831 -9.07 -9.65 2.88
C THR A 1831 -8.23 -9.67 4.16
N PHE A 1832 -7.31 -8.73 4.34
CA PHE A 1832 -6.59 -8.60 5.59
C PHE A 1832 -7.28 -7.65 6.55
N ILE A 1833 -8.17 -6.80 6.05
CA ILE A 1833 -9.00 -5.98 6.93
C ILE A 1833 -10.26 -6.73 7.34
N LEU A 1834 -10.91 -7.40 6.40
CA LEU A 1834 -12.14 -8.10 6.74
C LEU A 1834 -11.89 -9.25 7.69
N GLU A 1835 -10.73 -9.89 7.62
CA GLU A 1835 -10.41 -10.95 8.57
C GLU A 1835 -10.06 -10.40 9.95
N LEU A 1836 -9.63 -9.14 10.02
CA LEU A 1836 -9.37 -8.53 11.31
C LEU A 1836 -10.65 -8.41 12.13
N PHE A 1837 -11.79 -8.23 11.46
CA PHE A 1837 -13.07 -8.01 12.14
C PHE A 1837 -13.75 -9.36 12.29
N GLU A 1838 -13.41 -10.06 13.38
CA GLU A 1838 -14.06 -11.30 13.74
C GLU A 1838 -15.31 -11.08 14.57
N ASN A 1839 -15.58 -9.85 15.01
CA ASN A 1839 -16.83 -9.57 15.69
C ASN A 1839 -18.02 -9.74 14.76
N ASN A 1840 -18.04 -8.99 13.66
CA ASN A 1840 -19.16 -9.04 12.73
C ASN A 1840 -19.24 -10.40 12.04
N ARG A 1841 -20.47 -10.86 11.84
CA ARG A 1841 -20.76 -12.16 11.26
C ARG A 1841 -20.98 -12.11 9.76
N THR A 1842 -21.61 -11.04 9.26
CA THR A 1842 -21.77 -10.91 7.81
C THR A 1842 -20.44 -10.73 7.09
N LEU A 1843 -19.42 -10.25 7.80
CA LEU A 1843 -18.12 -10.05 7.18
C LEU A 1843 -17.45 -11.37 6.86
N LEU A 1844 -17.70 -12.41 7.65
CA LEU A 1844 -17.07 -13.70 7.39
C LEU A 1844 -17.56 -14.32 6.10
N ARG A 1845 -18.84 -14.17 5.78
CA ARG A 1845 -19.34 -14.63 4.48
C ARG A 1845 -18.55 -14.00 3.35
N PHE A 1846 -18.42 -12.68 3.37
CA PHE A 1846 -17.70 -11.99 2.32
C PHE A 1846 -16.25 -12.42 2.27
N ASN A 1847 -15.59 -12.53 3.43
CA ASN A 1847 -14.19 -12.89 3.44
C ASN A 1847 -13.98 -14.29 2.84
N ALA A 1848 -14.82 -15.24 3.23
CA ALA A 1848 -14.68 -16.59 2.72
C ALA A 1848 -14.93 -16.66 1.22
N VAL A 1849 -15.96 -15.97 0.73
CA VAL A 1849 -16.27 -16.06 -0.70
C VAL A 1849 -15.25 -15.30 -1.53
N LEU A 1850 -14.75 -14.17 -1.03
CA LEU A 1850 -13.75 -13.41 -1.76
C LEU A 1850 -12.42 -14.14 -1.82
N ARG A 1851 -12.00 -14.77 -0.73
CA ARG A 1851 -10.72 -15.47 -0.76
C ARG A 1851 -10.70 -16.61 -1.76
N LYS A 1852 -11.81 -16.89 -2.43
CA LYS A 1852 -11.86 -17.84 -3.53
C LYS A 1852 -12.18 -17.20 -4.87
N LEU A 1853 -13.09 -16.23 -4.92
CA LEU A 1853 -13.36 -15.55 -6.17
C LEU A 1853 -12.14 -14.78 -6.66
N LEU A 1854 -11.43 -14.10 -5.77
CA LEU A 1854 -10.31 -13.25 -6.16
C LEU A 1854 -9.06 -14.04 -6.46
N ILE A 1855 -9.17 -15.32 -6.79
CA ILE A 1855 -8.00 -16.13 -7.08
C ILE A 1855 -7.63 -16.05 -8.56
N VAL A 1856 -8.49 -15.50 -9.41
CA VAL A 1856 -8.22 -15.45 -10.84
C VAL A 1856 -7.18 -14.42 -11.21
N PHE A 1857 -6.81 -13.52 -10.30
CA PHE A 1857 -5.82 -12.51 -10.56
C PHE A 1857 -4.50 -12.92 -9.95
N PRO A 1858 -3.39 -12.97 -10.69
CA PRO A 1858 -2.11 -13.27 -10.07
C PRO A 1858 -1.71 -12.25 -9.02
N HIS A 1859 -2.30 -11.06 -9.06
CA HIS A 1859 -1.94 -10.00 -8.14
C HIS A 1859 -2.35 -10.37 -6.72
N PHE A 1860 -3.57 -10.89 -6.57
CA PHE A 1860 -4.00 -11.40 -5.28
C PHE A 1860 -3.11 -12.54 -4.82
N CYS A 1861 -2.78 -13.46 -5.73
CA CYS A 1861 -1.98 -14.61 -5.37
C CYS A 1861 -0.57 -14.23 -4.94
N LEU A 1862 -0.08 -13.06 -5.32
CA LEU A 1862 1.21 -12.62 -4.80
C LEU A 1862 1.07 -11.78 -3.53
N GLY A 1863 0.02 -10.96 -3.48
CA GLY A 1863 -0.17 -10.10 -2.33
C GLY A 1863 -0.48 -10.88 -1.07
N ARG A 1864 -1.27 -11.96 -1.18
CA ARG A 1864 -1.48 -12.82 -0.04
C ARG A 1864 -0.16 -13.40 0.46
N GLY A 1865 0.61 -14.00 -0.43
CA GLY A 1865 1.78 -14.74 -0.02
C GLY A 1865 2.86 -13.88 0.60
N LEU A 1866 3.10 -12.69 0.04
CA LEU A 1866 4.16 -11.86 0.60
C LEU A 1866 3.87 -11.41 2.02
N ILE A 1867 2.60 -11.22 2.37
CA ILE A 1867 2.30 -10.85 3.74
C ILE A 1867 2.13 -12.07 4.64
N ASP A 1868 1.69 -13.20 4.09
CA ASP A 1868 1.59 -14.40 4.91
C ASP A 1868 2.94 -14.86 5.39
N LEU A 1869 3.94 -14.87 4.50
CA LEU A 1869 5.25 -15.33 4.94
C LEU A 1869 5.84 -14.39 5.98
N ALA A 1870 5.33 -13.17 6.08
CA ALA A 1870 5.82 -12.22 7.08
C ALA A 1870 5.05 -12.31 8.37
N LEU A 1871 3.75 -12.59 8.30
CA LEU A 1871 2.97 -12.76 9.52
C LEU A 1871 3.35 -14.06 10.22
N SER A 1872 3.53 -15.14 9.46
CA SER A 1872 3.79 -16.45 10.05
C SER A 1872 5.23 -16.64 10.44
N GLN A 1873 5.93 -15.57 10.78
CA GLN A 1873 7.25 -15.68 11.38
C GLN A 1873 7.33 -14.83 12.64
N ALA A 1874 6.50 -13.79 12.69
CA ALA A 1874 6.35 -13.07 13.95
C ALA A 1874 5.78 -13.96 15.04
N VAL A 1875 4.80 -14.80 14.69
CA VAL A 1875 4.18 -15.68 15.68
C VAL A 1875 5.13 -16.75 16.18
N THR A 1876 6.23 -17.02 15.49
CA THR A 1876 7.24 -17.94 15.99
C THR A 1876 8.38 -17.22 16.69
N ASP A 1877 8.73 -16.03 16.23
CA ASP A 1877 9.76 -15.25 16.92
C ASP A 1877 9.24 -14.70 18.24
N VAL A 1878 7.92 -14.67 18.44
CA VAL A 1878 7.39 -14.39 19.77
C VAL A 1878 7.41 -15.64 20.65
N TYR A 1879 7.23 -16.82 20.05
CA TYR A 1879 7.37 -18.06 20.79
C TYR A 1879 8.78 -18.20 21.31
N ALA A 1880 9.76 -17.79 20.51
CA ALA A 1880 11.15 -17.84 20.95
C ALA A 1880 11.38 -17.05 22.24
N ARG A 1881 10.54 -16.04 22.49
CA ARG A 1881 10.63 -15.32 23.75
C ARG A 1881 10.32 -16.21 24.95
N PHE A 1882 9.30 -17.06 24.83
CA PHE A 1882 8.99 -17.99 25.91
C PHE A 1882 8.46 -19.28 25.34
N GLY A 1883 9.07 -20.39 25.76
CA GLY A 1883 8.61 -21.68 25.33
C GLY A 1883 9.40 -22.28 24.19
N GLU A 1884 8.72 -23.05 23.35
CA GLU A 1884 9.40 -23.80 22.29
C GLU A 1884 9.47 -22.97 21.02
N GLU A 1885 9.93 -23.58 19.93
CA GLU A 1885 10.10 -22.88 18.66
C GLU A 1885 9.60 -23.72 17.49
N HIS A 1886 8.40 -23.43 17.00
CA HIS A 1886 7.85 -24.21 15.91
C HIS A 1886 8.33 -23.68 14.57
N SER A 1887 8.63 -24.61 13.66
CA SER A 1887 9.07 -24.29 12.31
C SER A 1887 7.87 -23.90 11.45
N ALA A 1888 8.14 -23.58 10.19
CA ALA A 1888 7.11 -23.08 9.29
C ALA A 1888 6.62 -24.13 8.29
N ASN A 1889 7.50 -24.61 7.42
CA ASN A 1889 7.09 -25.40 6.25
C ASN A 1889 5.99 -24.68 5.49
N PRO A 1890 6.33 -23.65 4.70
CA PRO A 1890 5.32 -22.77 4.12
C PRO A 1890 4.71 -23.26 2.82
N PHE A 1891 4.55 -24.58 2.69
CA PHE A 1891 4.09 -25.18 1.44
C PHE A 1891 2.72 -25.82 1.56
N HIS A 1892 2.07 -25.68 2.72
CA HIS A 1892 0.81 -26.36 2.96
C HIS A 1892 -0.27 -25.78 2.05
N TRP A 1893 -1.26 -26.62 1.72
CA TRP A 1893 -2.37 -26.14 0.90
C TRP A 1893 -3.27 -25.29 1.77
N ASP A 1894 -2.69 -24.43 2.57
CA ASP A 1894 -3.43 -23.31 3.13
C ASP A 1894 -2.61 -22.03 3.20
N LEU A 1895 -1.29 -22.09 3.22
CA LEU A 1895 -0.48 -20.89 3.29
C LEU A 1895 -0.27 -20.30 1.89
N ILE A 1896 0.47 -21.01 1.03
CA ILE A 1896 0.74 -20.49 -0.31
C ILE A 1896 0.58 -21.59 -1.36
N GLY A 1897 0.39 -22.82 -0.91
CA GLY A 1897 0.34 -23.92 -1.85
C GLY A 1897 -0.83 -23.82 -2.82
N LYS A 1898 -1.95 -23.27 -2.38
CA LYS A 1898 -3.08 -23.09 -3.28
C LYS A 1898 -2.81 -22.01 -4.31
N ASN A 1899 -2.18 -20.91 -3.89
CA ASN A 1899 -1.84 -19.84 -4.81
C ASN A 1899 -0.87 -20.31 -5.87
N LEU A 1900 0.16 -21.06 -5.47
CA LEU A 1900 1.08 -21.59 -6.46
C LEU A 1900 0.43 -22.57 -7.42
N PHE A 1901 -0.72 -23.14 -7.06
CA PHE A 1901 -1.41 -23.97 -8.03
C PHE A 1901 -2.26 -23.13 -8.97
N ALA A 1902 -2.87 -22.07 -8.46
CA ALA A 1902 -3.67 -21.22 -9.34
C ALA A 1902 -2.82 -20.50 -10.37
N MET A 1903 -1.58 -20.13 -10.01
CA MET A 1903 -0.71 -19.47 -10.97
C MET A 1903 -0.53 -20.30 -12.23
N VAL A 1904 -0.24 -21.59 -12.08
CA VAL A 1904 0.11 -22.43 -13.22
C VAL A 1904 -1.07 -22.59 -14.15
N VAL A 1905 -2.27 -22.74 -13.59
CA VAL A 1905 -3.46 -22.84 -14.43
C VAL A 1905 -3.69 -21.54 -15.18
N GLU A 1906 -3.52 -20.40 -14.51
CA GLU A 1906 -3.75 -19.12 -15.18
C GLU A 1906 -2.72 -18.88 -16.28
N GLY A 1907 -1.47 -19.22 -16.02
CA GLY A 1907 -0.39 -18.90 -16.93
C GLY A 1907 -0.54 -19.57 -18.27
N VAL A 1908 -1.33 -20.65 -18.29
CA VAL A 1908 -1.62 -21.34 -19.54
C VAL A 1908 -3.03 -21.11 -20.04
N VAL A 1909 -3.97 -20.62 -19.22
CA VAL A 1909 -5.25 -20.22 -19.77
C VAL A 1909 -5.19 -18.86 -20.46
N TYR A 1910 -4.31 -17.96 -20.03
CA TYR A 1910 -4.25 -16.64 -20.66
C TYR A 1910 -3.53 -16.67 -22.01
N PHE A 1911 -2.55 -17.55 -22.14
CA PHE A 1911 -1.85 -17.70 -23.41
C PHE A 1911 -2.79 -18.19 -24.49
N LEU A 1912 -3.66 -19.13 -24.16
CA LEU A 1912 -4.65 -19.57 -25.14
C LEU A 1912 -5.58 -18.44 -25.50
N LEU A 1913 -5.89 -17.56 -24.56
CA LEU A 1913 -6.71 -16.40 -24.88
C LEU A 1913 -6.01 -15.45 -25.84
N THR A 1914 -4.71 -15.25 -25.69
CA THR A 1914 -4.05 -14.35 -26.64
C THR A 1914 -3.93 -15.00 -28.02
N LEU A 1915 -3.73 -16.33 -28.07
CA LEU A 1915 -3.73 -17.00 -29.37
C LEU A 1915 -5.10 -17.03 -30.00
N LEU A 1916 -6.15 -16.91 -29.20
CA LEU A 1916 -7.51 -16.82 -29.72
C LEU A 1916 -7.90 -15.41 -30.13
N VAL A 1917 -7.36 -14.39 -29.46
CA VAL A 1917 -7.64 -13.01 -29.85
C VAL A 1917 -6.82 -12.60 -31.07
N GLN A 1918 -5.68 -13.24 -31.30
CA GLN A 1918 -4.94 -12.99 -32.52
C GLN A 1918 -5.75 -13.37 -33.76
N ARG A 1919 -6.62 -14.38 -33.65
CA ARG A 1919 -7.36 -14.88 -34.80
C ARG A 1919 -8.54 -14.02 -35.21
N HIS A 1920 -9.10 -13.22 -34.31
CA HIS A 1920 -10.14 -12.30 -34.73
C HIS A 1920 -9.57 -11.19 -35.61
N PHE A 1921 -8.26 -10.96 -35.53
CA PHE A 1921 -7.59 -9.91 -36.29
C PHE A 1921 -6.86 -10.44 -37.51
N PHE A 1922 -6.52 -11.72 -37.54
CA PHE A 1922 -5.79 -12.28 -38.66
C PHE A 1922 -6.55 -13.43 -39.30
N LYS A 1955 -6.28 -20.59 -65.21
CA LYS A 1955 -5.67 -20.12 -66.45
C LYS A 1955 -4.17 -20.10 -66.31
N THR A 1956 -3.49 -19.50 -67.29
CA THR A 1956 -2.05 -19.29 -67.21
C THR A 1956 -1.77 -17.85 -66.75
N ASP A 1957 -2.27 -17.52 -65.57
CA ASP A 1957 -2.01 -16.20 -65.01
C ASP A 1957 -2.11 -16.29 -63.49
N ILE A 1958 -1.62 -15.24 -62.84
CA ILE A 1958 -1.67 -15.13 -61.39
C ILE A 1958 -2.32 -13.81 -61.05
N LEU A 1959 -2.94 -13.77 -59.87
CA LEU A 1959 -3.69 -12.60 -59.42
C LEU A 1959 -4.82 -12.29 -60.41
N ARG A 1960 -5.89 -13.06 -60.31
CA ARG A 1960 -7.14 -12.75 -60.98
C ARG A 1960 -8.07 -12.07 -59.98
N LEU A 1961 -8.46 -10.84 -60.27
CA LEU A 1961 -9.35 -10.07 -59.42
C LEU A 1961 -10.75 -10.07 -60.00
N HIS A 1962 -11.75 -10.29 -59.15
CA HIS A 1962 -13.11 -10.20 -59.64
C HIS A 1962 -13.78 -9.10 -58.83
N GLU A 1963 -15.08 -8.87 -59.00
CA GLU A 1963 -15.67 -7.62 -58.53
C GLU A 1963 -15.57 -7.44 -57.02
N LEU A 1964 -14.57 -6.68 -56.55
CA LEU A 1964 -14.35 -6.52 -55.12
C LEU A 1964 -14.45 -5.06 -54.74
N THR A 1965 -14.84 -4.81 -53.49
CA THR A 1965 -15.21 -3.49 -53.02
C THR A 1965 -14.68 -3.28 -51.62
N LYS A 1966 -14.50 -2.02 -51.25
CA LYS A 1966 -14.15 -1.67 -49.88
C LYS A 1966 -14.82 -0.35 -49.54
N ILE A 1967 -15.76 -0.39 -48.60
CA ILE A 1967 -16.39 0.81 -48.06
C ILE A 1967 -15.87 1.00 -46.65
N TYR A 1968 -15.21 2.13 -46.41
CA TYR A 1968 -14.70 2.39 -45.09
C TYR A 1968 -15.86 2.73 -44.16
N PRO A 1969 -15.78 2.31 -42.89
CA PRO A 1969 -16.96 2.38 -42.01
C PRO A 1969 -17.63 3.73 -41.91
N GLY A 1970 -16.87 4.82 -41.91
CA GLY A 1970 -17.44 6.11 -41.61
C GLY A 1970 -18.03 6.89 -42.77
N THR A 1971 -17.95 6.37 -43.98
CA THR A 1971 -18.33 7.13 -45.17
C THR A 1971 -19.53 6.47 -45.87
N SER A 1972 -19.83 6.97 -47.05
CA SER A 1972 -20.97 6.50 -47.82
C SER A 1972 -20.62 5.99 -49.22
N SER A 1973 -19.60 6.53 -49.85
CA SER A 1973 -19.13 6.10 -51.16
C SER A 1973 -17.97 5.13 -51.02
N PRO A 1974 -17.76 4.22 -51.96
CA PRO A 1974 -16.76 3.17 -51.77
C PRO A 1974 -15.37 3.66 -52.12
N ALA A 1975 -14.39 3.31 -51.28
CA ALA A 1975 -13.01 3.67 -51.57
C ALA A 1975 -12.50 2.97 -52.80
N VAL A 1976 -12.83 1.69 -52.95
CA VAL A 1976 -12.47 0.89 -54.12
C VAL A 1976 -13.74 0.25 -54.64
N ASP A 1977 -14.26 0.76 -55.75
CA ASP A 1977 -15.46 0.21 -56.33
C ASP A 1977 -15.15 -1.14 -56.96
N ARG A 1978 -16.09 -1.68 -57.72
CA ARG A 1978 -15.94 -3.03 -58.25
C ARG A 1978 -14.94 -3.03 -59.40
N LEU A 1979 -13.81 -3.71 -59.22
CA LEU A 1979 -12.77 -3.73 -60.24
C LEU A 1979 -12.27 -5.15 -60.43
N CYS A 1980 -11.80 -5.44 -61.65
CA CYS A 1980 -11.47 -6.81 -62.04
C CYS A 1980 -10.41 -6.82 -63.14
N VAL A 1981 -9.31 -7.56 -62.92
CA VAL A 1981 -8.20 -7.69 -63.86
C VAL A 1981 -7.60 -9.09 -63.77
N GLY A 1982 -6.55 -9.31 -64.55
CA GLY A 1982 -5.74 -10.50 -64.50
C GLY A 1982 -4.34 -10.24 -65.02
N VAL A 1983 -3.32 -10.76 -64.35
CA VAL A 1983 -1.92 -10.48 -64.68
C VAL A 1983 -1.23 -11.78 -65.04
N ARG A 1984 -0.60 -11.81 -66.20
CA ARG A 1984 0.03 -13.03 -66.69
C ARG A 1984 1.47 -13.14 -66.23
N PRO A 1985 2.02 -14.34 -66.20
CA PRO A 1985 3.39 -14.50 -65.71
C PRO A 1985 4.43 -14.02 -66.70
N GLY A 1986 4.81 -12.75 -66.61
CA GLY A 1986 5.83 -12.23 -67.49
C GLY A 1986 5.59 -10.80 -67.90
N GLU A 1987 4.51 -10.21 -67.43
CA GLU A 1987 4.20 -8.82 -67.75
C GLU A 1987 4.42 -7.96 -66.52
N CYS A 1988 4.15 -6.67 -66.67
CA CYS A 1988 4.27 -5.69 -65.59
C CYS A 1988 3.05 -4.79 -65.66
N PHE A 1989 2.27 -4.74 -64.59
CA PHE A 1989 1.07 -3.92 -64.58
C PHE A 1989 1.39 -2.50 -64.13
N GLY A 1990 0.50 -1.58 -64.46
CA GLY A 1990 0.83 -0.18 -64.34
C GLY A 1990 0.18 0.55 -63.18
N LEU A 1991 -1.12 0.38 -63.01
CA LEU A 1991 -1.84 0.95 -61.87
C LEU A 1991 -1.51 2.42 -61.61
N LEU A 1992 -1.72 3.28 -62.58
CA LEU A 1992 -1.58 4.72 -62.37
C LEU A 1992 -2.82 5.21 -61.66
N GLY A 1993 -2.95 6.52 -61.49
CA GLY A 1993 -4.14 7.04 -60.88
C GLY A 1993 -3.90 8.38 -60.24
N VAL A 1994 -4.98 9.14 -60.11
CA VAL A 1994 -4.94 10.46 -59.52
C VAL A 1994 -4.70 10.30 -58.03
N ASN A 1995 -4.47 11.39 -57.32
CA ASN A 1995 -4.05 11.36 -55.93
C ASN A 1995 -5.27 11.19 -55.04
N GLY A 1996 -5.41 10.03 -54.42
CA GLY A 1996 -6.55 9.74 -53.59
C GLY A 1996 -7.56 8.86 -54.29
N ALA A 1997 -7.07 7.85 -55.00
CA ALA A 1997 -7.89 7.06 -55.90
C ALA A 1997 -8.16 5.65 -55.43
N GLY A 1998 -7.34 5.09 -54.55
CA GLY A 1998 -7.60 3.76 -54.08
C GLY A 1998 -6.52 2.77 -54.44
N LYS A 1999 -5.27 3.22 -54.49
CA LYS A 1999 -4.21 2.33 -54.92
C LYS A 1999 -3.59 1.58 -53.76
N THR A 2000 -3.43 2.23 -52.61
CA THR A 2000 -2.89 1.49 -51.47
C THR A 2000 -3.97 0.67 -50.78
N THR A 2001 -5.23 1.06 -50.90
CA THR A 2001 -6.31 0.24 -50.38
C THR A 2001 -6.37 -1.10 -51.06
N THR A 2002 -6.15 -1.12 -52.37
CA THR A 2002 -6.13 -2.39 -53.09
C THR A 2002 -5.02 -3.29 -52.59
N PHE A 2003 -3.82 -2.73 -52.40
CA PHE A 2003 -2.71 -3.55 -51.94
C PHE A 2003 -2.94 -4.04 -50.52
N LYS A 2004 -3.55 -3.21 -49.70
CA LYS A 2004 -3.90 -3.63 -48.34
C LYS A 2004 -4.87 -4.80 -48.36
N MET A 2005 -5.89 -4.74 -49.22
CA MET A 2005 -6.80 -5.88 -49.28
C MET A 2005 -6.12 -7.12 -49.83
N LEU A 2006 -5.26 -6.98 -50.84
CA LEU A 2006 -4.62 -8.15 -51.41
C LEU A 2006 -3.71 -8.83 -50.39
N THR A 2007 -2.91 -8.06 -49.68
CA THR A 2007 -1.97 -8.69 -48.77
C THR A 2007 -2.60 -9.17 -47.48
N GLY A 2008 -3.84 -8.79 -47.20
CA GLY A 2008 -4.49 -9.23 -46.01
C GLY A 2008 -4.35 -8.31 -44.82
N ASP A 2009 -4.25 -7.00 -45.05
CA ASP A 2009 -4.19 -6.06 -43.94
C ASP A 2009 -5.58 -5.64 -43.49
N THR A 2010 -6.37 -5.08 -44.40
CA THR A 2010 -7.76 -4.74 -44.10
C THR A 2010 -8.69 -5.80 -44.66
N THR A 2011 -9.98 -5.61 -44.40
CA THR A 2011 -10.98 -6.63 -44.68
C THR A 2011 -11.74 -6.29 -45.94
N VAL A 2012 -11.76 -7.23 -46.87
CA VAL A 2012 -12.44 -7.06 -48.14
C VAL A 2012 -13.94 -7.04 -47.90
N THR A 2013 -14.66 -6.32 -48.75
CA THR A 2013 -16.11 -6.19 -48.66
C THR A 2013 -16.72 -6.61 -49.98
N SER A 2014 -17.30 -7.82 -50.02
CA SER A 2014 -18.06 -8.28 -51.19
C SER A 2014 -17.16 -8.36 -52.43
N GLY A 2015 -16.29 -9.36 -52.45
CA GLY A 2015 -15.53 -9.58 -53.65
C GLY A 2015 -14.77 -10.89 -53.58
N ASP A 2016 -13.77 -11.01 -54.46
CA ASP A 2016 -12.90 -12.17 -54.43
C ASP A 2016 -11.59 -11.80 -55.11
N ALA A 2017 -10.57 -12.61 -54.87
CA ALA A 2017 -9.27 -12.40 -55.50
C ALA A 2017 -8.43 -13.66 -55.30
N THR A 2018 -7.75 -14.08 -56.35
CA THR A 2018 -7.06 -15.36 -56.38
C THR A 2018 -5.63 -15.16 -56.83
N VAL A 2019 -4.67 -15.68 -56.08
CA VAL A 2019 -3.26 -15.43 -56.41
C VAL A 2019 -2.70 -16.53 -57.27
N ALA A 2020 -2.72 -17.76 -56.79
CA ALA A 2020 -2.27 -18.92 -57.55
C ALA A 2020 -3.22 -20.08 -57.37
N GLY A 2021 -4.52 -19.81 -57.54
CA GLY A 2021 -5.55 -20.76 -57.22
C GLY A 2021 -6.09 -20.64 -55.82
N LYS A 2022 -5.40 -19.93 -54.94
CA LYS A 2022 -5.75 -19.85 -53.53
C LYS A 2022 -6.41 -18.51 -53.26
N SER A 2023 -7.66 -18.55 -52.80
CA SER A 2023 -8.43 -17.33 -52.60
C SER A 2023 -7.96 -16.60 -51.36
N ILE A 2024 -8.07 -15.27 -51.39
CA ILE A 2024 -7.62 -14.45 -50.27
C ILE A 2024 -8.66 -14.34 -49.17
N LEU A 2025 -9.92 -14.63 -49.44
CA LEU A 2025 -10.93 -14.50 -48.40
C LEU A 2025 -10.85 -15.63 -47.38
N THR A 2026 -10.47 -16.84 -47.81
CA THR A 2026 -10.53 -18.00 -46.95
C THR A 2026 -9.16 -18.40 -46.42
N ASN A 2027 -8.24 -18.80 -47.28
CA ASN A 2027 -6.91 -19.22 -46.85
C ASN A 2027 -5.87 -18.23 -47.36
N ILE A 2028 -5.28 -17.47 -46.45
CA ILE A 2028 -4.35 -16.42 -46.81
C ILE A 2028 -2.91 -16.75 -46.42
N SER A 2029 -2.71 -17.60 -45.41
CA SER A 2029 -1.37 -18.06 -45.12
C SER A 2029 -0.77 -18.84 -46.27
N GLU A 2030 -1.60 -19.29 -47.21
CA GLU A 2030 -1.10 -20.00 -48.37
C GLU A 2030 -0.68 -19.05 -49.49
N VAL A 2031 -1.39 -17.94 -49.69
CA VAL A 2031 -0.96 -16.97 -50.69
C VAL A 2031 0.25 -16.18 -50.22
N HIS A 2032 0.41 -15.98 -48.92
CA HIS A 2032 1.48 -15.13 -48.42
C HIS A 2032 2.86 -15.61 -48.82
N GLN A 2033 3.04 -16.87 -49.16
CA GLN A 2033 4.34 -17.37 -49.54
C GLN A 2033 4.52 -17.43 -51.05
N ASN A 2034 3.59 -16.85 -51.80
CA ASN A 2034 3.72 -16.70 -53.23
C ASN A 2034 3.79 -15.23 -53.64
N MET A 2035 4.31 -14.37 -52.77
CA MET A 2035 4.33 -12.94 -53.08
C MET A 2035 5.23 -12.19 -52.10
N GLY A 2036 5.81 -11.09 -52.59
CA GLY A 2036 6.50 -10.13 -51.76
C GLY A 2036 5.74 -8.82 -51.74
N TYR A 2037 6.07 -7.97 -50.77
CA TYR A 2037 5.35 -6.72 -50.59
C TYR A 2037 6.33 -5.61 -50.22
N CYS A 2038 6.10 -4.43 -50.77
CA CYS A 2038 6.87 -3.23 -50.43
C CYS A 2038 5.92 -2.12 -50.05
N PRO A 2039 5.84 -1.74 -48.78
CA PRO A 2039 4.79 -0.81 -48.36
C PRO A 2039 5.06 0.61 -48.83
N GLN A 2040 4.02 1.43 -48.79
CA GLN A 2040 4.22 2.82 -49.18
C GLN A 2040 5.08 3.55 -48.18
N PHE A 2041 4.95 3.21 -46.90
CA PHE A 2041 5.73 3.82 -45.85
C PHE A 2041 6.65 2.80 -45.21
N ASP A 2042 7.83 3.27 -44.84
CA ASP A 2042 8.93 2.41 -44.42
C ASP A 2042 8.52 1.59 -43.21
N ALA A 2043 8.59 0.27 -43.34
CA ALA A 2043 8.25 -0.64 -42.27
C ALA A 2043 9.53 -1.35 -41.85
N ILE A 2044 10.35 -0.69 -41.05
CA ILE A 2044 11.66 -1.22 -40.71
C ILE A 2044 11.93 -0.98 -39.23
N ASP A 2045 12.87 -1.76 -38.70
CA ASP A 2045 13.33 -1.61 -37.33
C ASP A 2045 14.47 -0.61 -37.31
N GLU A 2046 14.27 0.51 -36.65
CA GLU A 2046 15.18 1.64 -36.73
C GLU A 2046 16.41 1.46 -35.87
N LEU A 2047 16.67 0.25 -35.41
CA LEU A 2047 17.77 0.04 -34.49
C LEU A 2047 18.61 -1.18 -34.84
N LEU A 2048 18.44 -1.80 -36.00
CA LEU A 2048 19.30 -2.95 -36.25
C LEU A 2048 20.52 -2.58 -37.08
N THR A 2049 20.35 -2.50 -38.40
CA THR A 2049 21.31 -2.09 -39.44
C THR A 2049 20.67 -2.39 -40.78
N GLY A 2050 21.34 -2.05 -41.87
CA GLY A 2050 20.83 -2.44 -43.16
C GLY A 2050 21.05 -3.91 -43.46
N ARG A 2051 22.16 -4.47 -42.98
CA ARG A 2051 22.52 -5.84 -43.32
C ARG A 2051 21.78 -6.85 -42.46
N GLU A 2052 21.55 -6.52 -41.20
CA GLU A 2052 20.84 -7.41 -40.32
C GLU A 2052 19.39 -7.59 -40.73
N HIS A 2053 18.80 -6.60 -41.41
CA HIS A 2053 17.48 -6.79 -41.98
C HIS A 2053 17.48 -7.88 -43.04
N LEU A 2054 18.49 -7.87 -43.91
CA LEU A 2054 18.56 -8.88 -44.95
C LEU A 2054 18.77 -10.26 -44.36
N TYR A 2055 19.62 -10.36 -43.34
CA TYR A 2055 19.79 -11.66 -42.69
C TYR A 2055 18.50 -12.14 -42.04
N LEU A 2056 17.79 -11.25 -41.35
CA LEU A 2056 16.52 -11.62 -40.74
C LEU A 2056 15.53 -12.12 -41.78
N TYR A 2057 15.42 -11.44 -42.90
CA TYR A 2057 14.41 -11.79 -43.87
C TYR A 2057 14.82 -12.91 -44.81
N ALA A 2058 16.10 -13.25 -44.86
CA ALA A 2058 16.47 -14.51 -45.47
C ALA A 2058 16.14 -15.67 -44.54
N ARG A 2059 16.44 -15.53 -43.25
CA ARG A 2059 16.13 -16.61 -42.32
C ARG A 2059 14.63 -16.85 -42.21
N LEU A 2060 13.81 -15.81 -42.29
CA LEU A 2060 12.37 -15.99 -42.21
C LEU A 2060 11.78 -16.68 -43.42
N ARG A 2061 12.63 -17.22 -44.28
CA ARG A 2061 12.25 -17.90 -45.50
C ARG A 2061 13.13 -19.14 -45.55
N GLY A 2062 13.36 -19.68 -46.73
CA GLY A 2062 14.21 -20.84 -46.75
C GLY A 2062 15.65 -20.39 -46.72
N VAL A 2063 16.35 -20.52 -47.84
CA VAL A 2063 17.74 -20.08 -48.01
C VAL A 2063 18.58 -20.57 -46.84
N PRO A 2064 19.00 -21.83 -46.89
CA PRO A 2064 19.69 -22.45 -45.75
C PRO A 2064 20.89 -21.70 -45.23
N ALA A 2065 21.34 -22.08 -44.04
CA ALA A 2065 22.27 -21.27 -43.28
C ALA A 2065 23.58 -21.01 -43.99
N GLU A 2066 23.97 -21.85 -44.94
CA GLU A 2066 25.23 -21.69 -45.64
C GLU A 2066 25.10 -21.02 -46.99
N GLU A 2067 24.02 -20.27 -47.21
CA GLU A 2067 23.85 -19.52 -48.45
C GLU A 2067 23.46 -18.07 -48.24
N ILE A 2068 23.02 -17.69 -47.03
CA ILE A 2068 22.47 -16.35 -46.79
C ILE A 2068 23.48 -15.27 -47.14
N GLU A 2069 24.77 -15.55 -46.98
CA GLU A 2069 25.76 -14.50 -47.13
C GLU A 2069 25.80 -13.95 -48.55
N LYS A 2070 25.75 -14.82 -49.55
CA LYS A 2070 25.82 -14.33 -50.92
C LYS A 2070 24.51 -13.70 -51.38
N VAL A 2071 23.37 -14.17 -50.87
CA VAL A 2071 22.11 -13.51 -51.17
C VAL A 2071 22.11 -12.09 -50.62
N ALA A 2072 22.57 -11.92 -49.37
CA ALA A 2072 22.64 -10.59 -48.80
C ALA A 2072 23.59 -9.70 -49.57
N ASN A 2073 24.75 -10.23 -49.96
CA ASN A 2073 25.71 -9.41 -50.69
C ASN A 2073 25.17 -9.00 -52.05
N TRP A 2074 24.46 -9.90 -52.74
CA TRP A 2074 23.88 -9.53 -54.02
C TRP A 2074 22.84 -8.44 -53.86
N SER A 2075 21.96 -8.56 -52.86
CA SER A 2075 20.95 -7.53 -52.67
C SER A 2075 21.57 -6.19 -52.30
N ILE A 2076 22.64 -6.21 -51.50
CA ILE A 2076 23.29 -4.96 -51.13
C ILE A 2076 23.93 -4.32 -52.34
N LYS A 2077 24.65 -5.10 -53.14
CA LYS A 2077 25.38 -4.53 -54.26
C LYS A 2077 24.46 -4.02 -55.36
N SER A 2078 23.39 -4.75 -55.65
CA SER A 2078 22.58 -4.42 -56.81
C SER A 2078 21.79 -3.14 -56.61
N LEU A 2079 21.29 -2.88 -55.41
CA LEU A 2079 20.46 -1.71 -55.18
C LEU A 2079 21.26 -0.48 -54.79
N GLY A 2080 22.56 -0.61 -54.55
CA GLY A 2080 23.39 0.54 -54.27
C GLY A 2080 23.42 0.98 -52.82
N LEU A 2081 23.68 0.04 -51.91
CA LEU A 2081 23.71 0.29 -50.47
C LEU A 2081 25.06 -0.06 -49.87
N THR A 2082 26.14 0.09 -50.63
CA THR A 2082 27.42 -0.39 -50.13
C THR A 2082 28.04 0.53 -49.08
N VAL A 2083 27.93 1.85 -49.27
CA VAL A 2083 28.66 2.82 -48.46
C VAL A 2083 28.27 2.73 -47.00
N TYR A 2084 27.08 2.25 -46.73
CA TYR A 2084 26.39 2.33 -45.45
C TYR A 2084 25.49 1.14 -45.25
N ALA A 2085 25.98 -0.05 -45.60
CA ALA A 2085 25.21 -1.26 -45.44
C ALA A 2085 25.00 -1.61 -43.99
N ASP A 2086 25.83 -1.08 -43.10
CA ASP A 2086 25.71 -1.34 -41.66
C ASP A 2086 25.84 -0.05 -40.87
N CYS A 2087 24.75 0.72 -40.81
CA CYS A 2087 24.74 1.97 -40.09
C CYS A 2087 23.38 2.28 -39.48
N LEU A 2088 22.75 1.32 -38.80
CA LEU A 2088 21.57 1.67 -37.99
C LEU A 2088 20.45 2.27 -38.84
N ALA A 2089 19.71 1.39 -39.51
CA ALA A 2089 18.71 1.80 -40.48
C ALA A 2089 17.85 2.98 -40.04
N GLY A 2090 17.81 3.32 -38.77
CA GLY A 2090 17.11 4.53 -38.38
C GLY A 2090 17.83 5.81 -38.72
N THR A 2091 19.10 5.73 -39.10
CA THR A 2091 19.87 6.88 -39.52
C THR A 2091 20.04 6.94 -41.03
N TYR A 2092 19.25 6.21 -41.79
CA TYR A 2092 19.33 6.35 -43.22
C TYR A 2092 18.71 7.68 -43.62
N SER A 2093 18.86 8.02 -44.89
CA SER A 2093 18.56 9.37 -45.32
C SER A 2093 17.09 9.55 -45.66
N GLY A 2094 16.45 8.55 -46.22
CA GLY A 2094 15.06 8.74 -46.59
C GLY A 2094 14.84 8.40 -48.04
N GLY A 2095 15.93 8.34 -48.78
CA GLY A 2095 15.92 7.73 -50.09
C GLY A 2095 16.62 6.39 -50.00
N ASN A 2096 17.40 6.18 -48.94
CA ASN A 2096 18.00 4.89 -48.69
C ASN A 2096 17.04 3.94 -48.00
N LYS A 2097 16.05 4.47 -47.30
CA LYS A 2097 15.05 3.60 -46.70
C LYS A 2097 14.21 2.92 -47.78
N ARG A 2098 13.94 3.61 -48.88
CA ARG A 2098 13.26 2.98 -50.00
C ARG A 2098 14.08 1.86 -50.60
N LYS A 2099 15.39 2.07 -50.75
CA LYS A 2099 16.24 1.00 -51.26
C LYS A 2099 16.22 -0.21 -50.36
N LEU A 2100 16.28 0.01 -49.04
CA LEU A 2100 16.22 -1.13 -48.13
C LEU A 2100 14.89 -1.86 -48.23
N SER A 2101 13.79 -1.11 -48.33
CA SER A 2101 12.48 -1.75 -48.44
C SER A 2101 12.38 -2.60 -49.69
N THR A 2102 12.78 -2.06 -50.84
CA THR A 2102 12.70 -2.87 -52.05
C THR A 2102 13.71 -4.00 -52.07
N ALA A 2103 14.80 -3.89 -51.31
CA ALA A 2103 15.75 -4.99 -51.23
C ALA A 2103 15.15 -6.15 -50.44
N ILE A 2104 14.41 -5.86 -49.38
CA ILE A 2104 13.78 -6.93 -48.61
C ILE A 2104 12.39 -7.27 -49.10
N ALA A 2105 11.95 -6.67 -50.20
CA ALA A 2105 10.76 -7.16 -50.88
C ALA A 2105 11.08 -8.17 -51.98
N LEU A 2106 12.34 -8.58 -52.13
CA LEU A 2106 12.75 -9.48 -53.20
C LEU A 2106 13.55 -10.67 -52.70
N ILE A 2107 13.77 -10.78 -51.39
CA ILE A 2107 14.42 -11.97 -50.85
C ILE A 2107 13.56 -13.18 -51.14
N GLY A 2108 14.20 -14.32 -51.38
CA GLY A 2108 13.45 -15.43 -51.95
C GLY A 2108 13.39 -15.23 -53.44
N CYS A 2109 12.34 -15.75 -54.06
CA CYS A 2109 12.01 -15.44 -55.45
C CYS A 2109 10.52 -15.65 -55.67
N PRO A 2110 9.69 -14.77 -55.12
CA PRO A 2110 8.26 -14.97 -55.18
C PRO A 2110 7.73 -14.72 -56.58
N PRO A 2111 6.81 -15.55 -57.07
CA PRO A 2111 6.30 -15.35 -58.43
C PRO A 2111 5.53 -14.06 -58.64
N LEU A 2112 5.00 -13.43 -57.61
CA LEU A 2112 4.29 -12.17 -57.75
C LEU A 2112 4.91 -11.15 -56.82
N VAL A 2113 5.20 -9.96 -57.33
CA VAL A 2113 5.86 -8.93 -56.54
C VAL A 2113 5.00 -7.68 -56.57
N LEU A 2114 4.64 -7.17 -55.41
CA LEU A 2114 3.80 -5.98 -55.29
C LEU A 2114 4.66 -4.85 -54.73
N LEU A 2115 4.86 -3.81 -55.54
CA LEU A 2115 5.63 -2.65 -55.15
C LEU A 2115 4.70 -1.44 -55.10
N ASP A 2116 4.86 -0.61 -54.08
CA ASP A 2116 4.02 0.57 -53.89
C ASP A 2116 4.93 1.78 -53.72
N GLN A 2117 4.90 2.69 -54.70
CA GLN A 2117 5.78 3.86 -54.72
C GLN A 2117 7.21 3.45 -54.39
N PRO A 2118 7.81 2.54 -55.16
CA PRO A 2118 9.17 2.11 -54.83
C PRO A 2118 10.20 3.20 -55.01
N THR A 2119 9.89 4.26 -55.74
CA THR A 2119 10.82 5.34 -56.06
C THR A 2119 10.14 6.67 -55.82
N THR A 2120 10.24 7.21 -54.62
CA THR A 2120 9.81 8.58 -54.39
C THR A 2120 10.93 9.50 -53.96
N GLY A 2121 11.84 9.03 -53.12
CA GLY A 2121 12.95 9.86 -52.74
C GLY A 2121 14.25 9.45 -53.38
N MET A 2122 14.21 8.67 -54.44
CA MET A 2122 15.44 8.26 -55.09
C MET A 2122 15.83 9.21 -56.21
N ASP A 2123 17.11 9.53 -56.26
CA ASP A 2123 17.65 10.41 -57.29
C ASP A 2123 17.78 9.64 -58.60
N PRO A 2124 17.99 10.34 -59.72
CA PRO A 2124 18.01 9.65 -61.02
C PRO A 2124 19.07 8.57 -61.13
N GLN A 2125 20.14 8.62 -60.35
CA GLN A 2125 21.13 7.55 -60.44
C GLN A 2125 20.61 6.24 -59.87
N ALA A 2126 19.77 6.29 -58.83
CA ALA A 2126 19.28 5.07 -58.19
C ALA A 2126 18.04 4.52 -58.84
N ARG A 2127 17.22 5.39 -59.44
CA ARG A 2127 16.05 4.92 -60.16
C ARG A 2127 16.44 3.98 -61.29
N ARG A 2128 17.55 4.25 -61.97
CA ARG A 2128 17.99 3.38 -63.05
C ARG A 2128 18.37 2.01 -62.52
N MET A 2129 19.05 1.96 -61.38
CA MET A 2129 19.41 0.66 -60.83
C MET A 2129 18.18 -0.16 -60.50
N LEU A 2130 17.17 0.49 -59.91
CA LEU A 2130 15.92 -0.23 -59.66
C LEU A 2130 15.29 -0.73 -60.96
N TRP A 2131 15.28 0.10 -62.01
CA TRP A 2131 14.68 -0.32 -63.26
C TRP A 2131 15.39 -1.54 -63.83
N ASN A 2132 16.72 -1.56 -63.75
CA ASN A 2132 17.46 -2.71 -64.24
C ASN A 2132 17.10 -3.96 -63.45
N VAL A 2133 16.93 -3.85 -62.15
CA VAL A 2133 16.55 -5.02 -61.37
C VAL A 2133 15.18 -5.53 -61.79
N ILE A 2134 14.23 -4.62 -61.99
CA ILE A 2134 12.89 -5.06 -62.36
C ILE A 2134 12.89 -5.73 -63.72
N VAL A 2135 13.65 -5.19 -64.68
CA VAL A 2135 13.72 -5.85 -65.97
C VAL A 2135 14.32 -7.24 -65.84
N SER A 2136 15.37 -7.36 -65.04
CA SER A 2136 16.00 -8.67 -64.86
C SER A 2136 15.07 -9.68 -64.23
N ILE A 2137 14.12 -9.26 -63.39
CA ILE A 2137 13.20 -10.23 -62.83
C ILE A 2137 12.00 -10.50 -63.74
N ILE A 2138 11.59 -9.51 -64.55
CA ILE A 2138 10.51 -9.75 -65.49
C ILE A 2138 10.94 -10.76 -66.54
N ARG A 2139 12.20 -10.72 -66.94
CA ARG A 2139 12.66 -11.64 -67.97
C ARG A 2139 12.60 -13.10 -67.53
N GLU A 2140 12.51 -13.38 -66.23
CA GLU A 2140 12.47 -14.77 -65.78
C GLU A 2140 11.11 -15.38 -66.02
N GLY A 2141 10.04 -14.62 -65.82
CA GLY A 2141 8.70 -15.16 -65.90
C GLY A 2141 7.88 -14.80 -64.69
N ARG A 2142 8.35 -13.85 -63.90
CA ARG A 2142 7.66 -13.38 -62.71
C ARG A 2142 6.86 -12.13 -63.01
N ALA A 2143 5.75 -11.96 -62.32
CA ALA A 2143 4.90 -10.79 -62.52
C ALA A 2143 5.23 -9.71 -61.50
N VAL A 2144 5.07 -8.45 -61.94
CA VAL A 2144 5.29 -7.29 -61.08
C VAL A 2144 4.08 -6.38 -61.24
N VAL A 2145 3.67 -5.74 -60.14
CA VAL A 2145 2.64 -4.70 -60.18
C VAL A 2145 3.23 -3.46 -59.55
N LEU A 2146 3.27 -2.36 -60.29
CA LEU A 2146 3.81 -1.10 -59.81
C LEU A 2146 2.70 -0.09 -59.56
N THR A 2147 2.97 0.82 -58.65
CA THR A 2147 2.11 1.97 -58.38
C THR A 2147 3.05 3.15 -58.24
N SER A 2148 3.11 3.99 -59.26
CA SER A 2148 4.04 5.10 -59.23
C SER A 2148 3.34 6.38 -59.66
N HIS A 2149 4.02 7.49 -59.43
CA HIS A 2149 3.56 8.81 -59.80
C HIS A 2149 4.50 9.51 -60.76
N SER A 2150 5.65 8.91 -61.06
CA SER A 2150 6.58 9.44 -62.04
C SER A 2150 6.36 8.72 -63.35
N MET A 2151 5.93 9.43 -64.38
CA MET A 2151 5.63 8.83 -65.66
C MET A 2151 6.84 8.58 -66.53
N GLU A 2152 8.02 9.06 -66.10
CA GLU A 2152 9.24 8.75 -66.83
C GLU A 2152 9.56 7.26 -66.78
N GLU A 2153 9.00 6.54 -65.81
CA GLU A 2153 9.28 5.13 -65.66
C GLU A 2153 8.15 4.22 -66.09
N CYS A 2154 6.90 4.66 -65.94
CA CYS A 2154 5.81 3.80 -66.39
C CYS A 2154 5.81 3.64 -67.90
N GLU A 2155 6.60 4.44 -68.62
CA GLU A 2155 6.79 4.26 -70.04
C GLU A 2155 8.16 3.70 -70.37
N ALA A 2156 8.97 3.39 -69.37
CA ALA A 2156 10.29 2.82 -69.59
C ALA A 2156 10.32 1.33 -69.32
N LEU A 2157 9.37 0.79 -68.57
CA LEU A 2157 9.43 -0.61 -68.20
C LEU A 2157 8.07 -1.24 -67.97
N CYS A 2158 7.00 -0.65 -68.46
CA CYS A 2158 5.66 -1.15 -68.20
C CYS A 2158 5.00 -1.55 -69.51
N THR A 2159 4.15 -2.57 -69.46
CA THR A 2159 3.52 -3.10 -70.65
C THR A 2159 2.02 -2.84 -70.73
N ARG A 2160 1.33 -2.83 -69.59
CA ARG A 2160 -0.10 -2.53 -69.54
C ARG A 2160 -0.35 -1.50 -68.46
N LEU A 2161 -1.34 -0.66 -68.67
CA LEU A 2161 -1.63 0.44 -67.76
C LEU A 2161 -3.09 0.40 -67.35
N ALA A 2162 -3.44 1.18 -66.35
CA ALA A 2162 -4.83 1.31 -65.94
C ALA A 2162 -4.97 2.60 -65.14
N ILE A 2163 -5.44 3.66 -65.80
CA ILE A 2163 -5.74 4.89 -65.08
C ILE A 2163 -6.94 4.63 -64.18
N MET A 2164 -6.84 5.05 -62.93
CA MET A 2164 -7.78 4.68 -61.88
C MET A 2164 -8.35 5.93 -61.23
N VAL A 2165 -9.54 6.35 -61.66
CA VAL A 2165 -10.28 7.41 -60.98
C VAL A 2165 -11.08 6.79 -59.85
N LYS A 2166 -11.72 7.63 -59.04
CA LYS A 2166 -12.11 7.37 -57.66
C LYS A 2166 -12.40 5.91 -57.35
N GLY A 2167 -13.18 5.25 -58.19
CA GLY A 2167 -13.49 3.87 -57.92
C GLY A 2167 -12.71 2.90 -58.77
N ALA A 2168 -13.31 2.46 -59.87
CA ALA A 2168 -12.72 1.45 -60.73
C ALA A 2168 -11.88 2.14 -61.81
N PHE A 2169 -11.47 1.35 -62.79
CA PHE A 2169 -10.60 1.80 -63.86
C PHE A 2169 -11.34 2.65 -64.86
N ARG A 2170 -10.59 3.46 -65.60
CA ARG A 2170 -11.13 4.24 -66.69
C ARG A 2170 -10.66 3.75 -68.05
N CYS A 2171 -9.39 3.36 -68.17
CA CYS A 2171 -8.86 2.95 -69.45
C CYS A 2171 -7.69 2.00 -69.22
N MET A 2172 -7.92 0.71 -69.44
CA MET A 2172 -6.83 -0.27 -69.44
C MET A 2172 -6.15 -0.23 -70.80
N GLY A 2173 -5.24 -1.17 -71.02
CA GLY A 2173 -4.60 -1.33 -72.32
C GLY A 2173 -3.20 -0.77 -72.33
N THR A 2174 -2.48 -1.10 -73.40
CA THR A 2174 -1.06 -0.84 -73.48
C THR A 2174 -0.80 0.66 -73.59
N ILE A 2175 0.48 1.02 -73.64
CA ILE A 2175 0.86 2.42 -73.68
C ILE A 2175 0.42 3.06 -74.98
N GLN A 2176 0.63 2.38 -76.11
CA GLN A 2176 0.30 2.97 -77.41
C GLN A 2176 -1.19 3.10 -77.62
N HIS A 2177 -2.00 2.31 -76.94
CA HIS A 2177 -3.46 2.40 -77.03
C HIS A 2177 -3.99 3.69 -76.43
N LEU A 2178 -3.24 4.33 -75.55
CA LEU A 2178 -3.65 5.58 -74.94
C LEU A 2178 -3.22 6.80 -75.73
N LYS A 2179 -1.93 6.92 -76.02
CA LYS A 2179 -1.41 8.04 -76.78
C LYS A 2179 -2.10 8.22 -78.12
N SER A 2180 -2.34 7.14 -78.84
CA SER A 2180 -2.93 7.24 -80.17
C SER A 2180 -4.32 7.84 -80.10
N LYS A 2181 -5.13 7.39 -79.16
CA LYS A 2181 -6.50 7.91 -79.10
C LYS A 2181 -6.59 9.26 -78.39
N PHE A 2182 -5.58 9.66 -77.62
CA PHE A 2182 -5.72 10.84 -76.79
C PHE A 2182 -4.50 11.76 -76.99
N GLY A 2183 -4.58 12.64 -77.98
CA GLY A 2183 -3.54 13.63 -78.18
C GLY A 2183 -2.78 13.50 -79.47
N ASP A 2184 -2.91 14.49 -80.36
CA ASP A 2184 -2.26 14.43 -81.67
C ASP A 2184 -0.75 14.37 -81.54
N GLY A 2185 -0.14 15.45 -81.01
CA GLY A 2185 1.28 15.39 -80.71
C GLY A 2185 1.97 16.72 -80.95
N TYR A 2186 3.30 16.66 -80.88
CA TYR A 2186 4.20 17.79 -81.12
C TYR A 2186 3.93 18.95 -80.14
N ILE A 2187 4.20 18.67 -78.88
CA ILE A 2187 3.98 19.64 -77.80
C ILE A 2187 5.26 20.48 -77.69
N VAL A 2188 5.33 21.54 -78.49
CA VAL A 2188 6.54 22.33 -78.57
C VAL A 2188 6.64 23.26 -77.37
N THR A 2189 7.76 23.19 -76.65
CA THR A 2189 7.97 24.02 -75.48
C THR A 2189 9.09 25.00 -75.74
N MET A 2190 8.83 26.28 -75.53
CA MET A 2190 9.82 27.34 -75.69
C MET A 2190 10.13 27.94 -74.33
N LYS A 2191 11.09 28.86 -74.28
CA LYS A 2191 11.48 29.45 -73.00
C LYS A 2191 11.12 30.92 -72.93
N ILE A 2192 11.73 31.73 -73.79
CA ILE A 2192 11.64 33.19 -73.69
C ILE A 2192 12.12 33.64 -72.31
N ASN A 2204 3.03 37.56 -76.03
CA ASN A 2204 2.70 38.50 -77.09
C ASN A 2204 3.61 38.30 -78.30
N PRO A 2205 4.88 38.68 -78.17
CA PRO A 2205 5.80 38.51 -79.30
C PRO A 2205 6.02 37.07 -79.70
N VAL A 2206 5.72 36.11 -78.83
CA VAL A 2206 5.80 34.69 -79.16
C VAL A 2206 4.38 34.13 -79.24
N GLU A 2207 3.44 34.79 -78.57
CA GLU A 2207 2.05 34.37 -78.66
C GLU A 2207 1.52 34.51 -80.08
N GLN A 2208 1.87 35.60 -80.75
CA GLN A 2208 1.50 35.82 -82.15
C GLN A 2208 2.44 35.11 -83.12
N PHE A 2209 3.52 34.51 -82.62
CA PHE A 2209 4.41 33.74 -83.47
C PHE A 2209 3.76 32.48 -84.01
N PHE A 2210 2.71 31.98 -83.35
CA PHE A 2210 1.87 30.91 -83.87
C PHE A 2210 0.55 31.45 -84.40
N GLN A 2211 0.62 32.39 -85.33
CA GLN A 2211 -0.59 32.94 -85.94
C GLN A 2211 -0.86 32.36 -87.32
N GLY A 2212 0.14 32.26 -88.18
CA GLY A 2212 -0.05 31.67 -89.49
C GLY A 2212 0.73 30.39 -89.65
N ASN A 2213 1.87 30.31 -88.97
CA ASN A 2213 2.72 29.13 -89.08
C ASN A 2213 2.03 27.90 -88.53
N PHE A 2214 1.38 28.04 -87.39
CA PHE A 2214 0.72 26.93 -86.70
C PHE A 2214 -0.65 27.37 -86.23
N PRO A 2215 -1.70 27.18 -87.03
CA PRO A 2215 -3.02 27.67 -86.61
C PRO A 2215 -3.71 26.77 -85.60
N GLY A 2216 -3.60 25.46 -85.78
CA GLY A 2216 -4.34 24.50 -84.98
C GLY A 2216 -4.06 24.50 -83.49
N SER A 2217 -3.02 25.21 -83.07
CA SER A 2217 -2.52 25.16 -81.70
C SER A 2217 -3.59 25.29 -80.62
N VAL A 2218 -3.34 24.64 -79.49
CA VAL A 2218 -4.10 24.87 -78.26
C VAL A 2218 -3.11 25.07 -77.12
N GLN A 2219 -3.19 26.22 -76.46
CA GLN A 2219 -2.24 26.55 -75.39
C GLN A 2219 -2.41 25.63 -74.19
N ARG A 2220 -1.30 25.21 -73.59
CA ARG A 2220 -1.31 24.38 -72.40
C ARG A 2220 -1.19 25.23 -71.14
N GLU A 2221 -0.12 26.01 -71.07
CA GLU A 2221 0.17 26.81 -69.88
C GLU A 2221 0.78 28.13 -70.30
N ARG A 2222 0.68 29.12 -69.41
CA ARG A 2222 1.41 30.36 -69.56
C ARG A 2222 2.04 30.76 -68.23
N HIS A 2223 3.24 30.26 -67.97
CA HIS A 2223 3.97 30.55 -66.75
C HIS A 2223 4.90 31.75 -66.94
N TYR A 2224 5.91 31.82 -66.10
CA TYR A 2224 6.98 32.82 -66.11
C TYR A 2224 7.86 32.59 -67.33
N ASN A 2225 9.13 32.98 -67.27
CA ASN A 2225 10.04 32.92 -68.41
C ASN A 2225 10.12 31.53 -69.03
N MET A 2226 9.20 30.63 -68.65
CA MET A 2226 9.00 29.35 -69.32
C MET A 2226 7.51 29.22 -69.62
N LEU A 2227 7.16 28.74 -70.82
CA LEU A 2227 5.76 28.40 -71.09
C LEU A 2227 5.68 27.35 -72.20
N GLN A 2228 4.67 26.49 -72.11
CA GLN A 2228 4.50 25.37 -73.02
C GLN A 2228 3.57 25.77 -74.16
N PHE A 2229 3.43 24.88 -75.14
CA PHE A 2229 2.63 25.16 -76.32
C PHE A 2229 2.38 23.86 -77.05
N GLN A 2230 1.13 23.59 -77.44
CA GLN A 2230 0.79 22.43 -78.23
C GLN A 2230 0.51 22.88 -79.66
N VAL A 2231 1.21 22.29 -80.62
CA VAL A 2231 1.04 22.65 -82.01
C VAL A 2231 0.51 21.44 -82.76
N SER A 2232 -0.21 21.70 -83.85
CA SER A 2232 -0.85 20.62 -84.58
C SER A 2232 0.19 19.82 -85.36
N SER A 2233 -0.25 18.66 -85.86
CA SER A 2233 0.63 17.73 -86.56
C SER A 2233 0.93 18.26 -87.96
N SER A 2234 1.99 19.06 -88.03
CA SER A 2234 2.48 19.58 -89.30
C SER A 2234 3.79 18.96 -89.73
N SER A 2235 4.57 18.39 -88.80
CA SER A 2235 5.88 17.82 -89.08
C SER A 2235 6.82 18.86 -89.69
N LEU A 2236 6.51 20.14 -89.50
CA LEU A 2236 7.32 21.23 -89.98
C LEU A 2236 7.89 22.07 -88.83
N ALA A 2237 7.89 21.53 -87.61
CA ALA A 2237 8.47 22.27 -86.49
C ALA A 2237 9.96 22.50 -86.69
N ARG A 2238 10.70 21.45 -87.06
CA ARG A 2238 12.10 21.63 -87.43
C ARG A 2238 12.26 22.43 -88.71
N ILE A 2239 11.23 22.49 -89.55
CA ILE A 2239 11.29 23.37 -90.72
C ILE A 2239 11.26 24.83 -90.30
N PHE A 2240 10.37 25.17 -89.36
CA PHE A 2240 10.17 26.56 -88.96
C PHE A 2240 11.08 26.96 -87.79
N GLN A 2241 11.92 26.02 -87.34
CA GLN A 2241 12.89 26.32 -86.29
C GLN A 2241 13.85 27.43 -86.64
N LEU A 2242 14.03 27.74 -87.93
CA LEU A 2242 14.88 28.84 -88.36
C LEU A 2242 14.13 30.17 -88.39
N LEU A 2243 13.02 30.26 -87.66
CA LEU A 2243 12.27 31.50 -87.51
C LEU A 2243 12.27 31.95 -86.05
N LEU A 2244 13.06 31.28 -85.22
CA LEU A 2244 13.16 31.62 -83.81
C LEU A 2244 14.05 32.84 -83.62
N SER A 2245 13.64 33.72 -82.70
CA SER A 2245 14.36 34.97 -82.42
C SER A 2245 14.61 35.76 -83.69
N GLU A 2253 16.21 31.03 -74.92
CA GLU A 2253 15.30 30.11 -75.60
C GLU A 2253 15.74 28.68 -75.35
N GLU A 2254 14.78 27.75 -75.36
CA GLU A 2254 15.09 26.34 -75.14
C GLU A 2254 14.35 25.50 -76.16
N TYR A 2255 15.10 24.97 -77.13
CA TYR A 2255 14.59 24.10 -78.17
C TYR A 2255 13.91 22.89 -77.54
N SER A 2256 12.73 22.52 -78.05
CA SER A 2256 12.11 21.26 -77.63
C SER A 2256 10.87 20.89 -78.44
N VAL A 2257 10.80 19.64 -78.89
CA VAL A 2257 9.58 19.08 -79.47
C VAL A 2257 9.62 17.56 -79.32
N THR A 2258 8.45 16.98 -79.09
CA THR A 2258 8.34 15.53 -78.96
C THR A 2258 6.97 15.10 -79.45
N GLN A 2259 6.84 13.81 -79.74
CA GLN A 2259 5.58 13.27 -80.22
C GLN A 2259 4.52 13.48 -79.15
N THR A 2260 4.66 12.79 -78.02
CA THR A 2260 3.82 13.02 -76.85
C THR A 2260 4.40 12.27 -75.67
N THR A 2261 4.58 12.96 -74.55
CA THR A 2261 5.00 12.27 -73.34
C THR A 2261 3.78 11.77 -72.57
N LEU A 2262 3.95 10.66 -71.84
CA LEU A 2262 2.87 10.14 -71.04
C LEU A 2262 2.49 11.10 -69.93
N ASP A 2263 3.44 11.95 -69.52
CA ASP A 2263 3.13 12.92 -68.48
C ASP A 2263 2.04 13.88 -68.92
N GLN A 2264 2.15 14.40 -70.14
CA GLN A 2264 1.11 15.29 -70.65
C GLN A 2264 -0.17 14.56 -71.01
N VAL A 2265 -0.07 13.29 -71.40
CA VAL A 2265 -1.27 12.50 -71.61
C VAL A 2265 -2.07 12.35 -70.33
N PHE A 2266 -1.42 12.06 -69.21
CA PHE A 2266 -2.09 11.85 -67.94
C PHE A 2266 -2.65 13.12 -67.34
N VAL A 2267 -2.03 14.28 -67.59
CA VAL A 2267 -2.58 15.54 -67.11
C VAL A 2267 -3.96 15.82 -67.69
N ASN A 2268 -4.08 15.82 -69.01
CA ASN A 2268 -5.33 16.12 -69.66
C ASN A 2268 -6.24 14.90 -69.78
N PHE A 2269 -5.76 13.72 -69.41
CA PHE A 2269 -6.70 12.62 -69.20
C PHE A 2269 -7.53 12.85 -67.96
N ALA A 2270 -6.92 13.41 -66.90
CA ALA A 2270 -7.61 13.66 -65.65
C ALA A 2270 -8.19 15.07 -65.58
N LYS A 2271 -7.81 15.95 -66.51
CA LYS A 2271 -8.39 17.29 -66.54
C LYS A 2271 -9.86 17.27 -66.91
N GLN A 2272 -10.26 16.35 -67.79
CA GLN A 2272 -11.56 16.42 -68.42
C GLN A 2272 -12.71 15.95 -67.55
N GLN A 2273 -12.49 14.96 -66.69
CA GLN A 2273 -13.58 14.40 -65.88
C GLN A 2273 -14.33 15.45 -65.07
C1 NAG B . 9.92 -15.37 56.62
C2 NAG B . 11.37 -15.66 57.05
C3 NAG B . 11.79 -17.10 56.69
C4 NAG B . 10.75 -18.13 57.08
C5 NAG B . 9.42 -17.71 56.49
C6 NAG B . 8.29 -18.64 56.87
C7 NAG B . 13.17 -14.00 57.11
C8 NAG B . 14.01 -13.06 56.31
N2 NAG B . 12.26 -14.70 56.43
O3 NAG B . 13.01 -17.39 57.35
O4 NAG B . 11.08 -19.41 56.53
O5 NAG B . 9.08 -16.43 57.01
O6 NAG B . 8.56 -19.29 58.10
O7 NAG B . 13.29 -14.10 58.32
C1 NAG B . 11.57 -20.35 57.49
C2 NAG B . 11.36 -21.78 56.96
C3 NAG B . 12.02 -22.79 57.90
C4 NAG B . 13.48 -22.44 58.16
C5 NAG B . 13.57 -21.01 58.66
C6 NAG B . 15.00 -20.54 58.84
C7 NAG B . 9.44 -22.84 55.84
C8 NAG B . 7.98 -23.06 55.86
N2 NAG B . 9.95 -22.08 56.83
O3 NAG B . 11.93 -24.08 57.30
O4 NAG B . 14.03 -23.28 59.17
O5 NAG B . 12.97 -20.13 57.70
O6 NAG B . 15.88 -21.31 58.05
O7 NAG B . 10.16 -23.32 54.97
C1 BMA B . 14.70 -24.42 58.63
C2 BMA B . 16.15 -24.41 59.13
C3 BMA B . 16.85 -25.73 58.71
C4 BMA B . 16.01 -26.99 59.05
C5 BMA B . 14.58 -26.83 58.52
C6 BMA B . 13.66 -27.97 58.96
O2 BMA B . 16.18 -24.34 60.54
O3 BMA B . 18.21 -25.84 59.20
O4 BMA B . 16.60 -28.13 58.45
O5 BMA B . 14.03 -25.61 59.03
O6 BMA B . 14.43 -29.15 59.04
C1 BMA B . 18.33 -26.47 60.49
C2 BMA B . 19.81 -26.84 60.69
C3 BMA B . 20.10 -27.22 62.15
C4 BMA B . 19.50 -26.22 63.12
C5 BMA B . 18.01 -26.11 62.84
C6 BMA B . 17.28 -25.18 63.78
O2 BMA B . 20.63 -25.73 60.40
O3 BMA B . 21.49 -27.35 62.41
O4 BMA B . 19.72 -26.65 64.45
O5 BMA B . 17.85 -25.60 61.51
O6 BMA B . 16.11 -25.84 64.24
C1 BMA B . 13.55 -30.28 59.11
C2 BMA B . 13.85 -31.18 57.89
C3 BMA B . 15.00 -32.13 58.24
C4 BMA B . 14.69 -33.00 59.46
C5 BMA B . 13.54 -32.41 60.28
C6 BMA B . 13.49 -32.95 61.69
O2 BMA B . 14.26 -30.40 56.79
O3 BMA B . 16.22 -31.43 58.45
O4 BMA B . 14.36 -34.29 59.03
O5 BMA B . 13.74 -30.98 60.33
O6 BMA B . 12.47 -32.27 62.41
C1 NAG C . -24.59 8.18 44.23
C2 NAG C . -25.40 7.14 44.97
C3 NAG C . -25.64 5.94 44.08
C4 NAG C . -26.29 6.37 42.78
C5 NAG C . -25.48 7.47 42.13
C6 NAG C . -26.14 8.07 40.92
C7 NAG C . -25.39 6.15 47.21
C8 NAG C . -24.56 5.83 48.41
N2 NAG C . -24.75 6.76 46.21
O3 NAG C . -26.44 4.98 44.76
O4 NAG C . -26.34 5.30 41.85
O5 NAG C . -25.27 8.56 43.05
O6 NAG C . -25.47 9.24 40.47
O7 NAG C . -26.58 5.86 47.13
C1 NAG C . -27.57 4.55 41.84
C2 NAG C . -27.69 3.89 40.48
C3 NAG C . -28.93 3.03 40.42
C4 NAG C . -28.88 2.00 41.54
C5 NAG C . -28.66 2.69 42.88
C6 NAG C . -28.38 1.69 43.99
C7 NAG C . -28.38 5.80 38.97
C8 NAG C . -29.59 6.07 39.82
N2 NAG C . -27.58 4.79 39.34
O3 NAG C . -29.02 2.39 39.16
O4 NAG C . -30.12 1.31 41.58
O5 NAG C . -27.53 3.57 42.85
O6 NAG C . -27.18 2.05 44.68
O7 NAG C . -28.15 6.46 37.98
C1 BMA C . -29.89 0.00 41.04
C2 BMA C . -30.76 -0.99 41.84
C3 BMA C . -30.64 -2.38 41.23
C4 BMA C . -30.83 -2.36 39.72
C5 BMA C . -29.95 -1.28 39.09
C6 BMA C . -30.16 -1.14 37.62
O2 BMA C . -32.12 -0.60 41.76
O3 BMA C . -31.63 -3.20 41.77
O4 BMA C . -30.46 -3.61 39.21
O5 BMA C . -30.27 -0.04 39.70
O6 BMA C . -31.26 -1.94 37.26
C1 BMA C . -31.07 -4.41 42.31
C2 BMA C . -31.34 -4.34 43.83
C3 BMA C . -31.14 -5.69 44.46
C4 BMA C . -31.91 -6.76 43.71
C5 BMA C . -31.44 -6.80 42.26
C6 BMA C . -32.22 -7.81 41.44
O2 BMA C . -32.70 -4.01 44.08
O3 BMA C . -31.54 -5.66 45.81
O4 BMA C . -31.70 -8.02 44.31
O5 BMA C . -31.66 -5.52 41.66
O6 BMA C . -31.79 -7.73 40.09
C1 BMA C . -31.88 -1.30 36.14
C2 BMA C . -32.91 -2.29 35.53
C3 BMA C . -33.74 -1.59 34.47
C4 BMA C . -34.28 -0.23 35.01
C5 BMA C . -33.11 0.62 35.48
C6 BMA C . -33.54 1.97 36.01
O2 BMA C . -33.82 -2.76 36.50
O3 BMA C . -34.81 -2.41 34.03
O4 BMA C . -34.98 0.46 33.99
O5 BMA C . -32.47 -0.08 36.54
O6 BMA C . -32.46 2.88 35.85
C1 NAG D . -24.73 -6.87 51.87
C2 NAG D . -24.78 -5.85 53.01
C3 NAG D . -25.96 -4.90 52.82
C4 NAG D . -25.97 -4.31 51.42
C5 NAG D . -25.91 -5.43 50.40
C6 NAG D . -25.85 -4.91 48.97
C7 NAG D . -23.85 -6.53 55.19
C8 NAG D . -22.60 -5.82 54.78
N2 NAG D . -24.85 -6.52 54.30
O3 NAG D . -25.84 -3.85 53.78
O4 NAG D . -27.17 -3.57 51.22
O5 NAG D . -24.73 -6.21 50.62
O6 NAG D . -26.13 -3.53 48.92
O7 NAG D . -23.94 -7.10 56.26
C1 NAG E . -10.79 -52.45 70.12
C2 NAG E . -11.75 -53.59 70.47
C3 NAG E . -10.97 -54.89 70.60
C4 NAG E . -10.18 -55.14 69.32
C5 NAG E . -9.33 -53.92 68.95
C6 NAG E . -8.63 -54.05 67.62
C7 NAG E . -12.00 -53.06 72.88
C8 NAG E . -12.99 -52.80 73.97
N2 NAG E . -12.52 -53.32 71.67
O3 NAG E . -11.87 -55.96 70.85
O4 NAG E . -9.32 -56.27 69.51
O5 NAG E . -10.15 -52.74 68.88
O6 NAG E . -7.22 -54.11 67.77
O7 NAG E . -10.79 -53.04 73.09
C1 NAG F . -14.35 -45.77 52.91
C2 NAG F . -14.87 -47.21 52.75
C3 NAG F . -13.75 -48.21 53.07
C4 NAG F . -12.50 -47.89 52.27
C5 NAG F . -12.09 -46.43 52.47
C6 NAG F . -10.90 -46.02 51.64
C7 NAG F . -16.79 -48.53 53.53
C8 NAG F . -17.93 -48.60 54.49
N2 NAG F . -16.02 -47.43 53.62
O3 NAG F . -14.19 -49.52 52.75
O4 NAG F . -11.44 -48.74 52.66
O5 NAG F . -13.18 -45.58 52.09
O6 NAG F . -10.13 -45.04 52.30
O7 NAG F . -16.57 -49.41 52.71
C1 NAG G . 4.63 33.27 51.90
C2 NAG G . 5.75 33.18 52.91
C3 NAG G . 6.32 34.57 53.16
C4 NAG G . 6.70 35.25 51.85
C5 NAG G . 5.57 35.14 50.82
C6 NAG G . 5.97 35.59 49.44
C7 NAG G . 6.13 31.95 55.00
C8 NAG G . 5.50 31.39 56.24
N2 NAG G . 5.30 32.58 54.16
O3 NAG G . 7.46 34.48 54.01
O4 NAG G . 6.98 36.62 52.09
O5 NAG G . 5.13 33.79 50.69
O6 NAG G . 5.49 34.70 48.45
O7 NAG G . 7.32 31.81 54.75
C1 NAG H . -30.43 30.51 34.32
C2 NAG H . -31.48 31.04 33.33
C3 NAG H . -30.92 32.20 32.49
C4 NAG H . -30.22 33.24 33.36
C5 NAG H . -29.22 32.55 34.28
C6 NAG H . -28.51 33.49 35.22
C7 NAG H . -31.50 29.20 31.59
C8 NAG H . -30.02 29.35 31.36
N2 NAG H . -32.09 30.00 32.50
O3 NAG H . -32.00 32.83 31.78
O4 NAG H . -29.54 34.16 32.53
O5 NAG H . -29.90 31.59 35.09
O6 NAG H . -27.27 32.94 35.65
O7 NAG H . -32.15 28.36 30.98
C1 NAG I . -8.69 -43.68 75.11
C2 NAG I . -7.33 -44.02 74.46
C3 NAG I . -6.67 -45.18 75.21
C4 NAG I . -6.59 -44.88 76.70
C5 NAG I . -7.98 -44.54 77.24
C6 NAG I . -7.97 -44.13 78.69
C7 NAG I . -6.46 -44.58 72.23
C8 NAG I . -6.81 -44.89 70.81
N2 NAG I . -7.48 -44.34 73.05
O3 NAG I . -5.36 -45.41 74.70
O4 NAG I . -6.09 -46.02 77.39
O5 NAG I . -8.50 -43.43 76.50
O6 NAG I . -8.84 -43.03 78.92
O7 NAG I . -5.29 -44.55 72.61
C1 NAG J . 22.49 -0.93 34.52
C2 NAG J . 23.78 -0.73 35.33
C3 NAG J . 24.06 0.76 35.53
C4 NAG J . 24.02 1.50 34.21
C5 NAG J . 22.71 1.21 33.49
C6 NAG J . 22.65 1.84 32.12
C7 NAG J . 23.72 -2.73 36.76
C8 NAG J . 23.64 -3.23 38.16
N2 NAG J . 23.70 -1.40 36.61
O3 NAG J . 25.34 0.91 36.13
O4 NAG J . 24.14 2.90 34.44
O5 NAG J . 22.56 -0.20 33.31
O6 NAG J . 23.34 3.08 32.09
O7 NAG J . 23.79 -3.49 35.81
PG ATP K . 17.40 12.65 -49.25
O1G ATP K . 17.64 13.68 -50.30
O2G ATP K . 17.20 11.27 -49.78
O3G ATP K . 16.44 13.06 -48.18
PB ATP K . 19.39 13.92 -47.80
O1B ATP K . 19.99 14.75 -48.87
O2B ATP K . 18.33 14.44 -46.88
O3B ATP K . 18.83 12.61 -48.52
PA ATP K . 20.57 13.60 -45.30
O1A ATP K . 19.33 12.99 -44.75
O2A ATP K . 20.96 14.99 -44.93
O3A ATP K . 20.58 13.41 -46.88
O5' ATP K . 21.79 12.67 -44.91
C5' ATP K . 23.00 13.23 -44.49
C4' ATP K . 23.94 12.12 -44.08
O4' ATP K . 23.92 12.02 -42.67
C3' ATP K . 23.52 10.77 -44.59
O3' ATP K . 24.72 10.08 -44.90
C2' ATP K . 22.94 10.04 -43.41
O2' ATP K . 23.33 8.68 -43.46
C1' ATP K . 23.60 10.71 -42.25
N9 ATP K . 22.66 10.87 -41.13
C8 ATP K . 21.45 11.45 -41.21
N7 ATP K . 20.85 11.46 -40.01
C5 ATP K . 21.69 10.88 -39.14
C6 ATP K . 21.67 10.57 -37.72
N6 ATP K . 20.60 10.88 -36.97
N1 ATP K . 22.73 9.95 -37.19
C2 ATP K . 23.79 9.63 -37.94
N3 ATP K . 23.89 9.90 -39.25
C4 ATP K . 22.88 10.50 -39.88
PG ATP L . -1.71 8.09 -52.86
O1G ATP L . -1.26 9.48 -52.60
O2G ATP L . -0.93 7.04 -52.13
O3G ATP L . -2.00 7.78 -54.30
PB ATP L . -3.91 6.58 -52.47
O1B ATP L . -4.33 6.47 -53.89
O2B ATP L . -3.08 5.50 -51.86
O3B ATP L . -3.18 7.99 -52.29
PA ATP L . -5.69 5.59 -50.58
O1A ATP L . -4.77 5.48 -49.42
O2A ATP L . -6.03 4.42 -51.42
O3A ATP L . -5.21 6.75 -51.57
O5' ATP L . -7.08 6.20 -50.09
C5' ATP L . -8.29 5.84 -50.74
C4' ATP L . -9.37 6.77 -50.22
O4' ATP L . -9.78 6.30 -48.94
C3' ATP L . -8.87 8.16 -50.01
O3' ATP L . -9.85 9.06 -50.51
C2' ATP L . -8.76 8.37 -48.53
O2' ATP L . -9.23 9.68 -48.20
C1' ATP L . -9.67 7.32 -47.96
N9 ATP L . -9.12 6.69 -46.76
C8 ATP L . -7.91 6.14 -46.63
N7 ATP L . -7.73 5.64 -45.39
C5 ATP L . -8.86 5.87 -44.71
C6 ATP L . -9.36 5.61 -43.35
N6 ATP L . -8.61 4.98 -42.43
N1 ATP L . -10.60 6.03 -43.05
C2 ATP L . -11.38 6.65 -43.94
N3 ATP L . -10.99 6.92 -45.20
C4 ATP L . -9.77 6.57 -45.62
MG MG M . 16.09 14.59 -47.07
MG MG N . -1.06 5.42 -51.23
#